data_4KBP
#
_entry.id   4KBP
#
_cell.length_a   132.700
_cell.length_b   347.300
_cell.length_c   128.700
_cell.angle_alpha   90.00
_cell.angle_beta   90.00
_cell.angle_gamma   90.00
#
_symmetry.space_group_name_H-M   'C 2 2 21'
#
loop_
_entity.id
_entity.type
_entity.pdbx_description
1 polymer 'PURPLE ACID PHOSPHATASE'
2 non-polymer 2-acetamido-2-deoxy-beta-D-glucopyranose
3 non-polymer 'FE (III) ION'
4 non-polymer 'ZINC ION'
5 non-polymer 'PHOSPHATE ION'
6 water water
#
_entity_poly.entity_id   1
_entity_poly.type   'polypeptide(L)'
_entity_poly.pdbx_seq_one_letter_code
;FVRKTNKNRDMPLDSDVFRVPPGYNAPQQVHITQGDLVGRAMIISWVTMDEPGSSAVRYWSEKNGRKRIAKGKMSTYRFF
NYSSGFIHHTTIRKLKYNTKYYYEVGLRNTTRRFSFITPPQTGLDVPYTFGLIGDLGQSFDSNTTLSHYELSPKKGQTVL
FVGDLSYADRYPNHDNVRWDTWGRFTERSVAYQPWIWTAGNHEIEFAPEINETEPFKPFSYRYHVPYEASQSTSPFWYSI
KRASAHIIVLSSYSAYGRGTPQYTWLKKELRKVKRSETPWLIVLMHSPLYNSYNHHFMEGEAMRTKFEAWFVKYKVDVVF
AGHVHAYERSERVSNIAYKITDGLCTPVKDQSAPVYITIGDAGNYGVIDSNMIQPQPEYSAFREASFGHGMFDIKNRTHA
HFSWNRNQDGVAVEADSVWFFNRHWYPVDDST
;
_entity_poly.pdbx_strand_id   A,B,C,D
#
# COMPACT_ATOMS: atom_id res chain seq x y z
N ARG A 9 -8.90 -4.80 15.14
CA ARG A 9 -8.92 -5.57 16.44
C ARG A 9 -8.71 -4.72 17.69
N ASP A 10 -8.77 -3.40 17.54
CA ASP A 10 -8.61 -2.49 18.68
C ASP A 10 -9.90 -2.58 19.56
N MET A 11 -9.74 -2.67 20.87
CA MET A 11 -10.88 -2.76 21.75
C MET A 11 -11.70 -1.50 21.55
N PRO A 12 -13.00 -1.65 21.51
CA PRO A 12 -13.93 -0.54 21.31
C PRO A 12 -13.94 0.41 22.49
N LEU A 13 -14.35 1.64 22.22
CA LEU A 13 -14.36 2.67 23.25
C LEU A 13 -15.05 2.31 24.52
N ASP A 14 -16.08 1.47 24.42
CA ASP A 14 -16.84 1.05 25.60
C ASP A 14 -16.20 -0.01 26.47
N SER A 15 -15.20 -0.69 25.92
CA SER A 15 -14.54 -1.73 26.64
C SER A 15 -14.35 -1.37 28.06
N ASP A 16 -14.76 -2.28 28.91
CA ASP A 16 -14.64 -2.14 30.35
C ASP A 16 -13.30 -1.62 30.74
N VAL A 17 -12.33 -1.95 29.92
CA VAL A 17 -10.99 -1.56 30.20
C VAL A 17 -10.78 -0.03 30.13
N PHE A 18 -11.57 0.64 29.30
CA PHE A 18 -11.49 2.09 29.12
C PHE A 18 -12.40 2.93 30.04
N ARG A 19 -13.18 2.28 30.92
CA ARG A 19 -14.08 3.02 31.83
C ARG A 19 -13.40 4.08 32.65
N VAL A 20 -14.07 5.20 32.80
CA VAL A 20 -13.48 6.30 33.55
C VAL A 20 -13.90 6.29 34.95
N PRO A 21 -12.94 6.38 35.85
CA PRO A 21 -13.17 6.37 37.29
C PRO A 21 -14.23 7.38 37.61
N PRO A 22 -15.20 6.97 38.43
CA PRO A 22 -16.32 7.78 38.87
C PRO A 22 -15.89 8.80 39.89
N GLY A 23 -16.60 9.93 39.89
CA GLY A 23 -16.29 11.02 40.81
C GLY A 23 -16.05 12.30 40.01
N TYR A 24 -16.32 13.46 40.61
CA TYR A 24 -16.12 14.70 39.89
C TYR A 24 -14.64 14.98 39.85
N ASN A 25 -14.14 15.16 38.62
CA ASN A 25 -12.74 15.46 38.40
C ASN A 25 -11.92 14.44 39.11
N ALA A 26 -12.15 13.19 38.74
CA ALA A 26 -11.46 12.04 39.30
C ALA A 26 -10.23 11.77 38.48
N PRO A 27 -9.08 11.62 39.14
CA PRO A 27 -7.78 11.36 38.52
C PRO A 27 -7.87 10.15 37.65
N GLN A 28 -7.56 10.29 36.38
CA GLN A 28 -7.60 9.15 35.53
C GLN A 28 -6.26 9.07 34.84
N GLN A 29 -6.01 7.95 34.21
CA GLN A 29 -4.76 7.75 33.48
C GLN A 29 -3.58 7.86 34.39
N VAL A 30 -3.67 7.32 35.60
CA VAL A 30 -2.54 7.42 36.53
C VAL A 30 -1.39 6.54 36.08
N HIS A 31 -0.17 7.06 36.19
CA HIS A 31 1.03 6.28 35.79
C HIS A 31 2.26 6.81 36.46
N ILE A 32 3.19 5.92 36.84
CA ILE A 32 4.43 6.32 37.51
C ILE A 32 5.71 5.88 36.78
N THR A 33 6.87 6.38 37.21
CA THR A 33 8.20 6.03 36.65
C THR A 33 9.28 6.49 37.61
N GLN A 34 10.48 6.03 37.35
CA GLN A 34 11.55 6.39 38.21
C GLN A 34 11.80 7.85 38.00
N GLY A 35 11.96 8.56 39.10
CA GLY A 35 12.19 9.98 39.02
C GLY A 35 13.60 10.47 39.27
N ASP A 36 14.51 9.55 39.52
CA ASP A 36 15.89 9.95 39.74
C ASP A 36 16.80 8.92 39.13
N LEU A 37 18.10 9.10 39.34
CA LEU A 37 19.02 8.13 38.76
C LEU A 37 19.10 6.77 39.44
N VAL A 38 18.85 6.72 40.75
CA VAL A 38 19.06 5.48 41.50
C VAL A 38 17.93 4.74 42.21
N GLY A 39 16.72 5.25 42.12
CA GLY A 39 15.64 4.53 42.76
C GLY A 39 14.86 5.23 43.86
N ARG A 40 15.32 6.35 44.36
CA ARG A 40 14.55 6.98 45.39
C ARG A 40 13.71 8.20 45.06
N ALA A 41 13.06 8.18 43.90
CA ALA A 41 12.20 9.28 43.52
C ALA A 41 11.28 8.68 42.54
N MET A 42 10.04 9.15 42.51
CA MET A 42 9.03 8.65 41.56
C MET A 42 8.36 9.80 40.86
N ILE A 43 7.97 9.61 39.61
CA ILE A 43 7.28 10.69 38.95
C ILE A 43 5.85 10.20 38.85
N ILE A 44 4.93 10.92 39.49
CA ILE A 44 3.55 10.55 39.49
C ILE A 44 2.90 11.42 38.45
N SER A 45 2.08 10.83 37.58
CA SER A 45 1.42 11.60 36.52
C SER A 45 -0.01 11.18 36.39
N TRP A 46 -0.90 12.13 36.14
CA TRP A 46 -2.28 11.77 35.92
C TRP A 46 -2.98 12.85 35.18
N VAL A 47 -4.23 12.60 34.88
CA VAL A 47 -5.04 13.55 34.17
C VAL A 47 -6.40 13.73 34.82
N THR A 48 -6.83 14.99 34.90
CA THR A 48 -8.14 15.38 35.47
C THR A 48 -8.82 16.01 34.26
N MET A 49 -10.09 15.70 34.08
CA MET A 49 -10.82 16.22 32.93
C MET A 49 -11.89 17.30 33.14
N ASP A 50 -12.40 17.42 34.36
CA ASP A 50 -13.45 18.38 34.64
C ASP A 50 -12.90 19.77 34.86
N GLU A 51 -11.85 19.87 35.64
CA GLU A 51 -11.26 21.15 35.86
C GLU A 51 -9.88 20.84 36.31
N PRO A 52 -8.98 21.81 36.17
CA PRO A 52 -7.57 21.72 36.52
C PRO A 52 -7.23 20.85 37.71
N GLY A 53 -7.72 21.19 38.90
CA GLY A 53 -7.47 20.38 40.08
C GLY A 53 -6.13 20.69 40.74
N SER A 54 -5.74 19.93 41.77
CA SER A 54 -4.47 20.13 42.48
C SER A 54 -3.42 19.19 41.92
N SER A 55 -2.17 19.63 41.89
CA SER A 55 -1.10 18.77 41.41
C SER A 55 -0.33 18.28 42.61
N ALA A 56 -0.96 18.29 43.77
CA ALA A 56 -0.30 17.81 44.97
C ALA A 56 -0.51 16.32 45.04
N VAL A 57 0.42 15.65 45.68
CA VAL A 57 0.32 14.21 45.86
C VAL A 57 0.56 13.95 47.34
N ARG A 58 -0.31 13.16 47.93
CA ARG A 58 -0.11 12.86 49.31
C ARG A 58 0.46 11.48 49.37
N TYR A 59 1.48 11.31 50.18
CA TYR A 59 2.07 9.99 50.29
C TYR A 59 2.67 9.74 51.68
N TRP A 60 2.81 8.48 52.02
CA TRP A 60 3.38 8.08 53.27
C TRP A 60 3.78 6.62 53.14
N SER A 61 4.71 6.18 53.98
CA SER A 61 5.13 4.80 53.90
C SER A 61 4.33 3.94 54.82
N GLU A 62 4.23 2.66 54.50
CA GLU A 62 3.46 1.75 55.32
C GLU A 62 3.87 1.76 56.80
N LYS A 63 5.17 1.84 57.04
CA LYS A 63 5.73 1.86 58.38
C LYS A 63 5.54 3.18 59.14
N ASN A 64 6.28 4.21 58.72
CA ASN A 64 6.22 5.56 59.30
C ASN A 64 5.09 6.30 58.57
N GLY A 65 3.87 6.11 59.05
CA GLY A 65 2.71 6.74 58.45
C GLY A 65 2.64 8.27 58.35
N ARG A 66 3.77 8.98 58.50
CA ARG A 66 3.77 10.44 58.41
C ARG A 66 3.35 10.79 57.01
N LYS A 67 2.17 11.37 56.85
CA LYS A 67 1.67 11.72 55.52
C LYS A 67 2.33 12.99 55.07
N ARG A 68 2.98 12.95 53.90
CA ARG A 68 3.66 14.12 53.33
C ARG A 68 3.01 14.50 52.00
N ILE A 69 3.26 15.73 51.57
CA ILE A 69 2.69 16.23 50.34
C ILE A 69 3.73 16.77 49.38
N ALA A 70 3.61 16.37 48.11
CA ALA A 70 4.54 16.84 47.09
C ALA A 70 3.73 17.67 46.15
N LYS A 71 4.32 18.73 45.64
CA LYS A 71 3.60 19.58 44.72
C LYS A 71 4.19 19.52 43.33
N GLY A 72 3.38 19.17 42.34
CA GLY A 72 3.88 19.08 40.97
C GLY A 72 3.44 20.21 40.07
N LYS A 73 3.30 19.97 38.76
CA LYS A 73 2.88 20.99 37.78
C LYS A 73 1.80 20.49 36.84
N MET A 74 1.10 21.41 36.20
CA MET A 74 0.02 21.03 35.31
C MET A 74 0.25 21.55 33.90
N SER A 75 -0.21 20.82 32.90
CA SER A 75 -0.04 21.25 31.53
C SER A 75 -1.18 20.77 30.68
N THR A 76 -1.31 21.35 29.49
CA THR A 76 -2.35 20.99 28.54
C THR A 76 -1.76 21.19 27.17
N TYR A 77 -2.28 20.51 26.17
CA TYR A 77 -1.78 20.67 24.82
C TYR A 77 -2.96 20.47 23.92
N ARG A 78 -2.86 20.98 22.69
CA ARG A 78 -3.94 20.81 21.69
C ARG A 78 -3.28 20.10 20.53
N PHE A 79 -3.96 19.11 19.98
CA PHE A 79 -3.37 18.43 18.88
C PHE A 79 -3.96 18.96 17.62
N PHE A 80 -5.13 18.57 17.17
CA PHE A 80 -5.49 19.24 15.92
C PHE A 80 -6.78 19.90 16.31
N ASN A 81 -7.91 19.18 16.23
CA ASN A 81 -9.13 19.75 16.71
C ASN A 81 -9.32 19.16 18.11
N TYR A 82 -8.25 18.53 18.66
CA TYR A 82 -8.23 17.90 20.01
C TYR A 82 -7.70 18.86 21.07
N SER A 83 -8.11 18.69 22.33
CA SER A 83 -7.68 19.52 23.50
C SER A 83 -7.51 18.64 24.75
N SER A 84 -6.30 18.53 25.26
CA SER A 84 -6.07 17.68 26.38
C SER A 84 -6.85 18.10 27.60
N GLY A 85 -6.92 17.21 28.57
CA GLY A 85 -7.54 17.57 29.81
C GLY A 85 -6.36 18.18 30.56
N PHE A 86 -6.33 18.14 31.87
CA PHE A 86 -5.23 18.75 32.58
C PHE A 86 -4.24 17.72 33.05
N ILE A 87 -3.07 17.75 32.42
CA ILE A 87 -2.05 16.79 32.72
C ILE A 87 -1.24 17.19 33.90
N HIS A 88 -1.02 16.27 34.82
CA HIS A 88 -0.25 16.60 36.03
C HIS A 88 0.96 15.72 36.17
N HIS A 89 2.07 16.31 36.62
CA HIS A 89 3.34 15.60 36.81
C HIS A 89 3.99 16.09 38.11
N THR A 90 4.09 15.20 39.08
CA THR A 90 4.65 15.54 40.37
C THR A 90 5.71 14.53 40.71
N THR A 91 6.82 15.02 41.22
CA THR A 91 7.92 14.16 41.53
C THR A 91 8.08 14.02 43.02
N ILE A 92 8.09 12.82 43.50
CA ILE A 92 8.27 12.61 44.90
C ILE A 92 9.72 12.26 45.13
N ARG A 93 10.40 12.94 46.03
CA ARG A 93 11.82 12.66 46.24
C ARG A 93 12.21 12.11 47.59
N LYS A 94 13.46 11.69 47.65
CA LYS A 94 14.04 11.15 48.87
C LYS A 94 13.24 10.03 49.54
N LEU A 95 12.86 9.01 48.78
CA LEU A 95 12.13 7.88 49.35
C LEU A 95 13.14 6.93 50.01
N LYS A 96 12.66 6.04 50.87
CA LYS A 96 13.54 5.08 51.51
C LYS A 96 13.52 3.93 50.52
N TYR A 97 14.60 3.17 50.48
CA TYR A 97 14.65 2.07 49.52
C TYR A 97 13.82 0.93 50.08
N ASN A 98 13.32 0.08 49.19
CA ASN A 98 12.60 -1.11 49.58
C ASN A 98 11.51 -0.82 50.56
N THR A 99 10.58 0.04 50.20
CA THR A 99 9.53 0.39 51.13
C THR A 99 8.25 0.53 50.35
N LYS A 100 7.13 0.12 50.93
CA LYS A 100 5.87 0.26 50.24
C LYS A 100 5.40 1.62 50.63
N TYR A 101 4.88 2.35 49.67
CA TYR A 101 4.39 3.69 49.89
C TYR A 101 3.02 3.75 49.36
N TYR A 102 2.26 4.66 49.93
CA TYR A 102 0.91 4.87 49.48
C TYR A 102 0.89 6.28 48.98
N TYR A 103 0.15 6.50 47.90
CA TYR A 103 0.03 7.84 47.39
C TYR A 103 -1.39 8.07 46.99
N GLU A 104 -1.84 9.30 47.21
CA GLU A 104 -3.18 9.68 46.87
C GLU A 104 -3.08 10.86 45.93
N VAL A 105 -4.00 10.88 45.00
CA VAL A 105 -3.95 11.89 43.98
C VAL A 105 -5.39 12.36 43.80
N GLY A 106 -5.60 13.64 43.49
CA GLY A 106 -6.96 14.16 43.34
C GLY A 106 -7.49 14.68 44.68
N LEU A 107 -6.63 15.38 45.40
CA LEU A 107 -6.97 15.86 46.72
C LEU A 107 -8.12 16.82 46.82
N ARG A 108 -8.33 17.65 45.81
CA ARG A 108 -9.42 18.62 45.89
C ARG A 108 -10.80 18.02 45.81
N ASN A 109 -11.08 17.18 44.85
CA ASN A 109 -12.40 16.62 44.79
C ASN A 109 -12.45 15.12 45.01
N THR A 110 -12.24 14.34 43.95
CA THR A 110 -12.29 12.89 44.08
C THR A 110 -10.89 12.31 44.26
N THR A 111 -10.58 11.81 45.45
CA THR A 111 -9.28 11.25 45.73
C THR A 111 -9.14 9.77 45.38
N ARG A 112 -7.96 9.36 44.85
CA ARG A 112 -7.69 7.95 44.53
C ARG A 112 -6.36 7.62 45.13
N ARG A 113 -6.29 6.41 45.68
CA ARG A 113 -5.10 5.95 46.36
C ARG A 113 -4.41 4.77 45.64
N PHE A 114 -3.07 4.75 45.74
CA PHE A 114 -2.29 3.72 45.10
C PHE A 114 -1.09 3.44 45.97
N SER A 115 -0.27 2.51 45.54
CA SER A 115 0.93 2.18 46.28
C SER A 115 1.94 1.66 45.33
N PHE A 116 3.18 1.84 45.70
CA PHE A 116 4.27 1.35 44.89
C PHE A 116 5.35 1.00 45.92
N ILE A 117 6.35 0.22 45.52
CA ILE A 117 7.44 -0.13 46.40
C ILE A 117 8.79 0.31 45.85
N THR A 118 9.56 1.05 46.64
CA THR A 118 10.82 1.52 46.15
C THR A 118 11.68 0.30 45.99
N PRO A 119 12.67 0.37 45.12
CA PRO A 119 13.53 -0.79 44.92
C PRO A 119 14.67 -0.79 45.92
N PRO A 120 15.44 -1.86 45.93
CA PRO A 120 16.58 -2.00 46.83
C PRO A 120 17.61 -1.01 46.42
N GLN A 121 18.53 -0.74 47.32
CA GLN A 121 19.60 0.16 46.99
C GLN A 121 20.38 -0.55 45.91
N THR A 122 20.96 0.17 44.96
CA THR A 122 21.71 -0.49 43.89
C THR A 122 22.83 -1.33 44.44
N GLY A 123 23.02 -2.52 43.88
CA GLY A 123 24.07 -3.39 44.38
C GLY A 123 24.46 -4.50 43.42
N LEU A 124 25.61 -5.10 43.69
CA LEU A 124 26.19 -6.13 42.88
C LEU A 124 25.36 -7.40 42.76
N ASP A 125 24.83 -7.87 43.89
CA ASP A 125 24.05 -9.09 43.86
C ASP A 125 22.54 -8.89 44.14
N VAL A 126 22.04 -7.68 43.98
CA VAL A 126 20.62 -7.39 44.21
C VAL A 126 19.82 -7.92 43.04
N PRO A 127 18.95 -8.86 43.32
CA PRO A 127 18.11 -9.45 42.27
C PRO A 127 16.93 -8.53 42.02
N TYR A 128 16.30 -8.66 40.86
CA TYR A 128 15.18 -7.81 40.54
C TYR A 128 14.63 -8.40 39.29
N THR A 129 13.34 -8.26 39.08
CA THR A 129 12.77 -8.84 37.89
C THR A 129 12.06 -7.82 37.01
N PHE A 130 12.49 -7.70 35.75
CA PHE A 130 11.94 -6.75 34.84
C PHE A 130 11.00 -7.42 33.89
N GLY A 131 9.94 -6.72 33.53
CA GLY A 131 9.03 -7.28 32.57
C GLY A 131 9.45 -6.63 31.26
N LEU A 132 9.18 -7.27 30.14
CA LEU A 132 9.52 -6.71 28.86
C LEU A 132 8.32 -6.69 28.01
N ILE A 133 7.89 -5.49 27.67
CA ILE A 133 6.71 -5.31 26.83
C ILE A 133 7.09 -4.28 25.78
N GLY A 134 6.67 -4.53 24.56
CA GLY A 134 7.03 -3.60 23.54
C GLY A 134 5.91 -3.61 22.54
N ASP A 135 5.63 -2.48 21.96
CA ASP A 135 4.59 -2.46 20.98
C ASP A 135 3.17 -2.85 21.41
N LEU A 136 2.74 -2.43 22.60
CA LEU A 136 1.46 -2.81 23.20
C LEU A 136 0.18 -2.44 22.46
N GLY A 137 -0.08 -1.16 22.27
CA GLY A 137 -1.30 -0.77 21.58
C GLY A 137 -2.54 -1.05 22.40
N GLN A 138 -3.68 -1.12 21.73
CA GLN A 138 -4.90 -1.38 22.45
C GLN A 138 -5.93 -2.31 21.77
N SER A 139 -5.44 -3.43 21.22
CA SER A 139 -6.31 -4.44 20.61
C SER A 139 -6.57 -5.41 21.77
N PHE A 140 -7.46 -6.36 21.55
CA PHE A 140 -7.74 -7.31 22.60
C PHE A 140 -6.50 -8.03 22.96
N ASP A 141 -5.71 -8.27 21.94
CA ASP A 141 -4.46 -8.95 22.13
C ASP A 141 -3.62 -8.26 23.18
N SER A 142 -3.63 -6.95 23.12
CA SER A 142 -2.85 -6.21 24.06
C SER A 142 -3.37 -6.51 25.45
N ASN A 143 -4.69 -6.57 25.59
CA ASN A 143 -5.32 -6.78 26.90
C ASN A 143 -4.83 -8.05 27.46
N THR A 144 -4.74 -9.04 26.61
CA THR A 144 -4.28 -10.35 27.02
C THR A 144 -2.84 -10.33 27.50
N THR A 145 -1.95 -9.75 26.71
CA THR A 145 -0.55 -9.67 27.09
C THR A 145 -0.42 -9.01 28.43
N LEU A 146 -1.06 -7.87 28.58
CA LEU A 146 -0.99 -7.23 29.86
C LEU A 146 -1.46 -8.17 31.00
N SER A 147 -2.47 -9.01 30.77
CA SER A 147 -2.94 -9.92 31.84
C SER A 147 -1.87 -10.96 32.12
N HIS A 148 -1.42 -11.67 31.10
CA HIS A 148 -0.38 -12.61 31.31
C HIS A 148 0.74 -12.03 32.11
N TYR A 149 1.07 -10.78 31.85
CA TYR A 149 2.15 -10.20 32.58
C TYR A 149 1.76 -10.09 34.03
N GLU A 150 0.55 -9.62 34.24
CA GLU A 150 0.06 -9.44 35.59
C GLU A 150 0.03 -10.75 36.36
N LEU A 151 -0.18 -11.85 35.65
CA LEU A 151 -0.25 -13.14 36.31
C LEU A 151 1.04 -13.89 36.40
N SER A 152 2.07 -13.45 35.70
CA SER A 152 3.35 -14.13 35.75
C SER A 152 3.62 -14.44 37.18
N PRO A 153 3.80 -15.73 37.46
CA PRO A 153 4.10 -16.30 38.77
C PRO A 153 5.38 -15.67 39.37
N LYS A 154 6.32 -15.36 38.50
CA LYS A 154 7.54 -14.69 38.88
C LYS A 154 6.94 -13.33 38.55
N LYS A 155 6.61 -12.57 39.58
CA LYS A 155 6.00 -11.28 39.32
C LYS A 155 7.01 -10.22 38.93
N GLY A 156 6.69 -9.48 37.88
CA GLY A 156 7.56 -8.43 37.40
C GLY A 156 7.53 -7.26 38.36
N GLN A 157 8.61 -6.48 38.41
CA GLN A 157 8.68 -5.37 39.34
C GLN A 157 8.85 -4.01 38.73
N THR A 158 8.98 -3.97 37.40
CA THR A 158 9.17 -2.74 36.61
C THR A 158 9.11 -3.21 35.16
N VAL A 159 8.37 -2.52 34.30
CA VAL A 159 8.30 -2.94 32.91
C VAL A 159 9.26 -2.11 32.10
N LEU A 160 10.03 -2.73 31.21
CA LEU A 160 10.92 -1.95 30.38
C LEU A 160 10.10 -1.93 29.07
N PHE A 161 9.61 -0.74 28.70
CA PHE A 161 8.77 -0.58 27.55
C PHE A 161 9.59 -0.14 26.39
N VAL A 162 9.48 -0.89 25.33
CA VAL A 162 10.30 -0.68 24.18
C VAL A 162 9.72 0.16 23.04
N GLY A 163 8.71 0.93 23.30
CA GLY A 163 8.24 1.77 22.21
C GLY A 163 6.94 1.38 21.60
N ASP A 164 6.34 2.36 20.90
CA ASP A 164 5.02 2.25 20.28
C ASP A 164 4.02 2.01 21.37
N LEU A 165 3.54 3.09 21.98
CA LEU A 165 2.63 2.93 23.07
C LEU A 165 1.18 2.67 22.69
N SER A 166 0.52 3.63 22.03
CA SER A 166 -0.89 3.45 21.78
C SER A 166 -1.43 3.37 20.41
N TYR A 167 -0.62 3.70 19.42
CA TYR A 167 -1.12 3.63 18.04
C TYR A 167 -2.26 4.57 17.73
N ALA A 168 -2.35 5.68 18.46
CA ALA A 168 -3.42 6.64 18.22
C ALA A 168 -3.22 7.25 16.84
N ASP A 169 -1.99 7.29 16.39
CA ASP A 169 -1.74 7.87 15.10
C ASP A 169 -2.33 7.09 13.91
N ARG A 170 -2.91 5.92 14.18
CA ARG A 170 -3.50 5.13 13.11
C ARG A 170 -4.90 5.65 12.87
N TYR A 171 -5.40 6.32 13.89
CA TYR A 171 -6.72 6.89 13.82
C TYR A 171 -6.62 8.18 13.04
N PRO A 172 -7.74 8.61 12.50
CA PRO A 172 -7.71 9.87 11.74
C PRO A 172 -7.35 11.07 12.64
N ASN A 173 -6.54 11.98 12.09
CA ASN A 173 -6.10 13.16 12.84
C ASN A 173 -5.50 12.71 14.18
N HIS A 174 -4.92 11.50 14.14
CA HIS A 174 -4.31 10.87 15.30
C HIS A 174 -5.19 10.92 16.52
N ASP A 175 -6.49 10.93 16.29
CA ASP A 175 -7.48 11.04 17.35
C ASP A 175 -6.91 10.84 18.70
N ASN A 176 -6.42 11.92 19.33
CA ASN A 176 -5.81 11.78 20.67
C ASN A 176 -6.67 11.16 21.77
N VAL A 177 -7.93 10.84 21.48
CA VAL A 177 -8.72 10.20 22.51
C VAL A 177 -8.12 8.85 22.75
N ARG A 178 -7.61 8.24 21.68
CA ARG A 178 -7.00 6.95 21.77
C ARG A 178 -5.75 6.97 22.66
N TRP A 179 -5.25 8.15 23.02
CA TRP A 179 -4.14 8.23 23.94
C TRP A 179 -4.75 8.21 25.33
N ASP A 180 -5.95 8.79 25.46
CA ASP A 180 -6.67 8.84 26.74
C ASP A 180 -7.14 7.44 27.09
N THR A 181 -7.70 6.71 26.13
CA THR A 181 -8.13 5.37 26.42
C THR A 181 -6.94 4.48 26.78
N TRP A 182 -5.86 4.55 26.03
CA TRP A 182 -4.68 3.74 26.32
C TRP A 182 -4.18 3.98 27.74
N GLY A 183 -4.22 5.23 28.13
CA GLY A 183 -3.72 5.55 29.44
C GLY A 183 -4.57 5.04 30.58
N ARG A 184 -5.87 4.89 30.30
CA ARG A 184 -6.82 4.39 31.27
C ARG A 184 -6.65 2.85 31.27
N PHE A 185 -6.47 2.28 30.10
CA PHE A 185 -6.27 0.86 29.92
C PHE A 185 -5.08 0.34 30.71
N THR A 186 -3.93 0.94 30.53
CA THR A 186 -2.71 0.54 31.23
C THR A 186 -2.59 0.93 32.73
N GLU A 187 -3.45 1.81 33.20
CA GLU A 187 -3.38 2.29 34.59
C GLU A 187 -3.24 1.17 35.60
N ARG A 188 -3.96 0.06 35.38
CA ARG A 188 -3.92 -1.07 36.31
C ARG A 188 -2.53 -1.60 36.54
N SER A 189 -1.59 -1.33 35.65
CA SER A 189 -0.25 -1.79 35.88
C SER A 189 0.62 -0.64 36.31
N VAL A 190 0.69 0.38 35.45
CA VAL A 190 1.55 1.55 35.70
C VAL A 190 1.26 2.41 36.88
N ALA A 191 0.07 2.33 37.43
CA ALA A 191 -0.22 3.15 38.58
C ALA A 191 0.48 2.54 39.78
N TYR A 192 0.93 1.28 39.65
CA TYR A 192 1.57 0.58 40.77
C TYR A 192 3.03 0.22 40.63
N GLN A 193 3.49 0.05 39.39
CA GLN A 193 4.90 -0.25 39.19
C GLN A 193 5.34 0.58 38.04
N PRO A 194 6.55 1.13 38.14
CA PRO A 194 7.05 1.97 37.08
C PRO A 194 7.19 1.27 35.79
N TRP A 195 7.03 2.02 34.72
CA TRP A 195 7.31 1.50 33.37
C TRP A 195 8.42 2.45 32.85
N ILE A 196 9.48 1.91 32.27
CA ILE A 196 10.52 2.77 31.74
C ILE A 196 10.16 2.97 30.27
N TRP A 197 10.06 4.24 29.85
CA TRP A 197 9.65 4.57 28.51
C TRP A 197 10.71 4.74 27.47
N THR A 198 10.36 4.27 26.28
CA THR A 198 11.22 4.35 25.13
C THR A 198 10.32 4.84 24.02
N ALA A 199 10.82 5.79 23.26
CA ALA A 199 10.05 6.38 22.17
C ALA A 199 10.15 5.59 20.85
N GLY A 200 8.99 5.29 20.29
CA GLY A 200 8.98 4.53 19.04
C GLY A 200 8.45 5.37 17.93
N ASN A 201 8.40 4.85 16.74
CA ASN A 201 7.90 5.63 15.61
C ASN A 201 6.44 6.05 15.74
N HIS A 202 5.62 5.24 16.39
CA HIS A 202 4.24 5.65 16.49
C HIS A 202 4.10 6.84 17.40
N GLU A 203 5.18 7.20 18.08
CA GLU A 203 5.19 8.36 18.94
C GLU A 203 5.61 9.64 18.28
N ILE A 204 6.34 9.54 17.15
CA ILE A 204 6.81 10.72 16.44
C ILE A 204 5.67 11.61 16.02
N GLU A 205 4.65 11.03 15.41
CA GLU A 205 3.48 11.84 15.03
C GLU A 205 3.75 13.14 14.28
N PHE A 206 4.49 13.01 13.21
CA PHE A 206 4.77 14.14 12.40
C PHE A 206 3.64 14.19 11.41
N ALA A 207 2.73 15.12 11.59
CA ALA A 207 1.57 15.29 10.72
C ALA A 207 1.41 16.66 10.08
N PRO A 208 2.26 16.98 9.11
CA PRO A 208 2.22 18.26 8.41
C PRO A 208 0.82 18.62 7.88
N GLU A 209 0.11 17.63 7.36
CA GLU A 209 -1.23 17.82 6.80
C GLU A 209 -2.18 18.48 7.75
N ILE A 210 -2.10 18.15 9.01
CA ILE A 210 -2.99 18.76 9.96
C ILE A 210 -2.22 19.76 10.75
N ASN A 211 -1.12 20.19 10.18
CA ASN A 211 -0.28 21.18 10.81
C ASN A 211 0.34 20.90 12.15
N GLU A 212 0.50 19.64 12.48
CA GLU A 212 1.15 19.24 13.72
C GLU A 212 2.51 18.75 13.27
N THR A 213 3.55 19.54 13.48
CA THR A 213 4.86 19.14 13.02
C THR A 213 5.98 19.09 14.06
N GLU A 214 5.62 19.04 15.34
CA GLU A 214 6.60 18.97 16.40
C GLU A 214 6.59 17.49 16.82
N PRO A 215 7.65 16.76 16.48
CA PRO A 215 7.77 15.34 16.80
C PRO A 215 7.58 15.04 18.26
N PHE A 216 6.97 13.88 18.51
CA PHE A 216 6.77 13.43 19.87
C PHE A 216 5.93 14.31 20.76
N LYS A 217 5.07 15.14 20.19
CA LYS A 217 4.32 16.02 21.02
C LYS A 217 3.39 15.39 22.04
N PRO A 218 2.38 14.65 21.59
CA PRO A 218 1.50 14.08 22.61
C PRO A 218 2.22 13.18 23.57
N PHE A 219 3.17 12.41 23.04
CA PHE A 219 3.91 11.49 23.89
C PHE A 219 4.63 12.23 24.98
N SER A 220 5.34 13.27 24.57
CA SER A 220 6.10 14.04 25.52
C SER A 220 5.27 14.80 26.53
N TYR A 221 4.04 15.21 26.20
CA TYR A 221 3.23 15.88 27.22
C TYR A 221 2.76 14.90 28.28
N ARG A 222 2.36 13.72 27.83
CA ARG A 222 1.84 12.70 28.70
C ARG A 222 2.82 11.82 29.49
N TYR A 223 3.97 11.52 28.90
CA TYR A 223 4.90 10.66 29.57
C TYR A 223 6.20 11.39 29.81
N HIS A 224 6.57 11.54 31.08
CA HIS A 224 7.80 12.25 31.44
C HIS A 224 8.83 11.29 31.94
N VAL A 225 10.11 11.64 31.88
CA VAL A 225 11.20 10.76 32.30
C VAL A 225 12.26 11.61 32.97
N PRO A 226 13.08 11.00 33.84
CA PRO A 226 14.13 11.68 34.57
C PRO A 226 15.34 11.90 33.78
N TYR A 227 15.17 12.42 32.58
CA TYR A 227 16.33 12.56 31.75
C TYR A 227 17.41 13.46 32.28
N GLU A 228 17.06 14.43 33.08
CA GLU A 228 18.12 15.28 33.54
C GLU A 228 18.92 14.58 34.61
N ALA A 229 18.43 13.48 35.14
CA ALA A 229 19.21 12.79 36.17
C ALA A 229 20.51 12.27 35.60
N SER A 230 20.47 11.67 34.37
CA SER A 230 21.70 11.23 33.59
C SER A 230 21.98 12.64 33.17
N GLN A 231 23.02 12.98 32.48
CA GLN A 231 23.00 14.43 32.23
C GLN A 231 22.50 14.73 30.82
N SER A 232 21.42 14.07 30.43
CA SER A 232 20.81 14.20 29.09
C SER A 232 20.12 15.52 28.92
N THR A 233 19.98 15.94 27.67
CA THR A 233 19.34 17.20 27.42
C THR A 233 18.07 16.95 26.70
N SER A 234 17.65 15.70 26.68
CA SER A 234 16.41 15.42 26.02
C SER A 234 15.77 14.21 26.63
N PRO A 235 14.43 14.20 26.67
CA PRO A 235 13.75 13.05 27.26
C PRO A 235 13.74 11.84 26.41
N PHE A 236 14.38 11.93 25.24
CA PHE A 236 14.38 10.79 24.33
C PHE A 236 15.48 9.79 24.48
N TRP A 237 16.44 10.10 25.33
CA TRP A 237 17.53 9.22 25.66
C TRP A 237 17.97 9.64 27.03
N TYR A 238 18.25 8.64 27.84
CA TYR A 238 18.63 8.85 29.22
C TYR A 238 18.97 7.49 29.79
N SER A 239 19.16 7.44 31.09
CA SER A 239 19.47 6.19 31.73
C SER A 239 19.07 6.28 33.20
N ILE A 240 18.94 5.12 33.82
CA ILE A 240 18.56 5.01 35.21
C ILE A 240 19.23 3.77 35.70
N LYS A 241 19.50 3.74 37.00
CA LYS A 241 20.12 2.58 37.61
C LYS A 241 19.01 2.07 38.51
N ARG A 242 18.84 0.77 38.59
CA ARG A 242 17.81 0.22 39.45
C ARG A 242 18.22 -1.16 39.86
N ALA A 243 18.28 -1.40 41.16
CA ALA A 243 18.71 -2.69 41.66
C ALA A 243 20.14 -2.93 41.16
N SER A 244 20.35 -4.05 40.48
CA SER A 244 21.67 -4.36 39.98
C SER A 244 21.87 -4.02 38.50
N ALA A 245 20.91 -3.34 37.87
CA ALA A 245 21.02 -3.03 36.47
C ALA A 245 21.27 -1.59 36.21
N HIS A 246 21.92 -1.31 35.07
CA HIS A 246 22.19 0.06 34.57
C HIS A 246 21.52 0.00 33.21
N ILE A 247 20.43 0.72 33.07
CA ILE A 247 19.65 0.69 31.85
C ILE A 247 19.89 1.95 31.09
N ILE A 248 20.11 1.83 29.79
CA ILE A 248 20.36 2.99 28.93
C ILE A 248 19.27 2.97 27.87
N VAL A 249 18.54 4.08 27.68
CA VAL A 249 17.46 4.14 26.71
C VAL A 249 17.89 5.00 25.57
N LEU A 250 17.60 4.60 24.33
CA LEU A 250 18.00 5.35 23.15
C LEU A 250 16.82 5.69 22.28
N SER A 251 17.03 6.56 21.30
CA SER A 251 15.95 7.04 20.46
C SER A 251 16.27 6.79 19.00
N SER A 252 15.69 5.73 18.44
CA SER A 252 15.93 5.36 17.05
C SER A 252 15.55 6.46 16.08
N TYR A 253 14.60 7.28 16.48
CA TYR A 253 14.09 8.33 15.61
C TYR A 253 14.53 9.76 15.91
N SER A 254 15.42 9.89 16.87
CA SER A 254 16.05 11.13 17.19
C SER A 254 17.34 11.04 16.34
N ALA A 255 18.32 11.93 16.52
CA ALA A 255 19.58 11.88 15.74
C ALA A 255 20.77 11.28 16.50
N TYR A 256 21.61 10.51 15.78
CA TYR A 256 22.79 9.88 16.36
C TYR A 256 24.08 10.14 15.61
N GLY A 257 24.04 11.12 14.68
CA GLY A 257 25.23 11.46 13.91
C GLY A 257 26.37 11.79 14.85
N ARG A 258 27.58 11.83 14.35
CA ARG A 258 28.70 12.10 15.23
C ARG A 258 28.68 13.57 15.63
N GLY A 259 28.77 13.82 16.93
CA GLY A 259 28.75 15.17 17.40
C GLY A 259 27.36 15.63 17.87
N THR A 260 26.29 14.97 17.41
CA THR A 260 24.94 15.31 17.85
C THR A 260 24.80 15.07 19.34
N PRO A 261 23.76 15.65 19.96
CA PRO A 261 23.60 15.44 21.42
C PRO A 261 23.45 13.99 21.85
N GLN A 262 22.64 13.20 21.14
CA GLN A 262 22.47 11.81 21.57
C GLN A 262 23.79 11.07 21.48
N TYR A 263 24.47 11.21 20.35
CA TYR A 263 25.76 10.56 20.15
C TYR A 263 26.70 10.97 21.29
N THR A 264 26.89 12.25 21.49
CA THR A 264 27.75 12.75 22.56
C THR A 264 27.36 12.21 23.95
N TRP A 265 26.07 12.26 24.27
CA TRP A 265 25.60 11.74 25.55
C TRP A 265 25.98 10.28 25.78
N LEU A 266 25.56 9.41 24.88
CA LEU A 266 25.84 7.96 24.96
C LEU A 266 27.31 7.65 25.16
N LYS A 267 28.15 8.38 24.45
CA LYS A 267 29.57 8.12 24.56
C LYS A 267 30.01 8.31 25.99
N LYS A 268 29.72 9.45 26.61
CA LYS A 268 30.11 9.69 27.99
C LYS A 268 29.41 8.75 28.95
N GLU A 269 28.15 8.46 28.66
CA GLU A 269 27.41 7.59 29.54
C GLU A 269 28.04 6.23 29.61
N LEU A 270 28.42 5.65 28.49
CA LEU A 270 28.99 4.35 28.55
C LEU A 270 30.19 4.37 29.47
N ARG A 271 30.89 5.50 29.54
CA ARG A 271 32.05 5.59 30.42
C ARG A 271 31.65 5.70 31.90
N LYS A 272 30.45 6.17 32.19
CA LYS A 272 30.06 6.31 33.58
C LYS A 272 29.55 5.02 34.22
N VAL A 273 29.40 3.97 33.42
CA VAL A 273 28.89 2.70 33.93
C VAL A 273 29.91 2.01 34.79
N LYS A 274 29.53 1.58 35.98
CA LYS A 274 30.46 0.89 36.87
C LYS A 274 29.88 -0.43 37.13
N ARG A 275 30.50 -1.48 36.62
CA ARG A 275 29.96 -2.84 36.79
C ARG A 275 30.16 -3.46 38.16
N SER A 276 31.06 -2.88 38.93
CA SER A 276 31.32 -3.33 40.29
C SER A 276 30.10 -2.87 41.08
N GLU A 277 29.38 -1.90 40.53
CA GLU A 277 28.22 -1.33 41.16
C GLU A 277 26.96 -1.90 40.55
N THR A 278 26.77 -1.83 39.25
CA THR A 278 25.58 -2.42 38.68
C THR A 278 26.13 -3.34 37.66
N PRO A 279 26.20 -4.61 37.98
CA PRO A 279 26.72 -5.64 37.09
C PRO A 279 26.03 -5.79 35.73
N TRP A 280 24.71 -5.65 35.72
CA TRP A 280 23.95 -5.81 34.50
C TRP A 280 23.75 -4.57 33.68
N LEU A 281 24.20 -4.62 32.43
CA LEU A 281 24.10 -3.47 31.56
C LEU A 281 23.13 -3.78 30.46
N ILE A 282 22.00 -3.07 30.46
CA ILE A 282 20.89 -3.24 29.50
C ILE A 282 20.67 -2.00 28.66
N VAL A 283 20.36 -2.21 27.39
CA VAL A 283 20.09 -1.10 26.50
C VAL A 283 18.76 -1.29 25.81
N LEU A 284 18.00 -0.21 25.70
CA LEU A 284 16.69 -0.24 25.08
C LEU A 284 16.65 0.67 23.90
N MET A 285 15.92 0.27 22.88
CA MET A 285 15.76 1.05 21.65
C MET A 285 14.56 0.44 20.92
N HIS A 286 13.93 1.19 20.03
CA HIS A 286 12.76 0.67 19.37
C HIS A 286 13.12 -0.20 18.23
N SER A 287 13.84 0.35 17.25
CA SER A 287 14.28 -0.36 16.02
C SER A 287 15.46 -1.24 16.32
N PRO A 288 15.29 -2.56 16.15
CA PRO A 288 16.23 -3.64 16.38
C PRO A 288 17.45 -3.64 15.40
N LEU A 289 18.67 -3.79 15.95
CA LEU A 289 19.92 -3.80 15.16
C LEU A 289 20.11 -5.08 14.35
N TYR A 290 19.66 -6.17 14.97
CA TYR A 290 19.70 -7.52 14.43
C TYR A 290 18.24 -7.99 14.35
N ASN A 291 17.76 -8.33 13.14
CA ASN A 291 16.38 -8.79 12.92
C ASN A 291 16.24 -9.56 11.58
N SER A 292 15.78 -10.82 11.63
CA SER A 292 15.65 -11.60 10.43
C SER A 292 14.25 -11.75 9.90
N TYR A 293 13.32 -10.85 10.28
CA TYR A 293 11.97 -10.91 9.72
C TYR A 293 11.97 -10.00 8.53
N ASN A 294 11.01 -10.14 7.65
CA ASN A 294 11.00 -9.31 6.45
C ASN A 294 10.59 -7.91 6.74
N HIS A 295 9.61 -7.76 7.63
CA HIS A 295 9.06 -6.45 8.03
C HIS A 295 10.11 -5.65 8.76
N HIS A 296 10.48 -4.49 8.24
CA HIS A 296 11.52 -3.64 8.87
C HIS A 296 12.87 -4.27 8.82
N PHE A 297 13.11 -5.08 7.81
CA PHE A 297 14.36 -5.77 7.68
C PHE A 297 15.40 -4.75 7.33
N MET A 298 16.46 -4.66 8.14
CA MET A 298 17.61 -3.75 7.95
C MET A 298 17.46 -2.24 8.23
N GLU A 299 16.43 -1.86 8.96
CA GLU A 299 16.24 -0.48 9.29
C GLU A 299 17.24 -0.15 10.40
N GLY A 300 17.63 -1.13 11.22
CA GLY A 300 18.55 -0.85 12.29
C GLY A 300 19.97 -0.67 11.81
N GLU A 301 20.20 -0.88 10.53
CA GLU A 301 21.55 -0.72 10.04
C GLU A 301 22.25 0.63 10.44
N ALA A 302 21.64 1.75 10.08
CA ALA A 302 22.24 3.04 10.38
C ALA A 302 22.73 3.11 11.83
N MET A 303 21.81 2.90 12.77
CA MET A 303 22.19 2.96 14.18
C MET A 303 23.22 1.94 14.50
N ARG A 304 23.13 0.79 13.84
CA ARG A 304 24.08 -0.29 14.10
C ARG A 304 25.45 0.12 13.76
N THR A 305 25.59 0.76 12.59
CA THR A 305 26.89 1.18 12.12
C THR A 305 27.46 2.25 13.03
N LYS A 306 26.64 2.77 13.93
CA LYS A 306 27.11 3.80 14.81
C LYS A 306 27.31 3.36 16.25
N PHE A 307 26.47 2.49 16.79
CA PHE A 307 26.68 2.09 18.16
C PHE A 307 27.18 0.67 18.44
N GLU A 308 27.13 -0.24 17.46
CA GLU A 308 27.54 -1.60 17.71
C GLU A 308 28.87 -1.77 18.42
N ALA A 309 29.91 -1.23 17.83
CA ALA A 309 31.21 -1.38 18.47
C ALA A 309 31.25 -0.95 19.92
N TRP A 310 30.57 0.13 20.26
CA TRP A 310 30.55 0.61 21.63
C TRP A 310 29.95 -0.47 22.52
N PHE A 311 28.84 -1.04 22.08
CA PHE A 311 28.18 -2.07 22.85
C PHE A 311 29.12 -3.23 23.12
N VAL A 312 29.81 -3.69 22.07
CA VAL A 312 30.75 -4.81 22.18
C VAL A 312 31.88 -4.40 23.07
N LYS A 313 32.42 -3.25 22.79
CA LYS A 313 33.51 -2.75 23.59
C LYS A 313 33.20 -2.72 25.09
N TYR A 314 32.00 -2.31 25.48
CA TYR A 314 31.60 -2.24 26.89
C TYR A 314 30.88 -3.48 27.39
N LYS A 315 30.85 -4.49 26.55
CA LYS A 315 30.23 -5.73 26.93
C LYS A 315 28.82 -5.57 27.45
N VAL A 316 27.95 -4.85 26.77
CA VAL A 316 26.60 -4.76 27.29
C VAL A 316 25.98 -6.18 27.21
N ASP A 317 25.17 -6.55 28.17
CA ASP A 317 24.56 -7.84 28.24
C ASP A 317 23.44 -8.17 27.28
N VAL A 318 22.41 -7.33 27.24
CA VAL A 318 21.26 -7.54 26.35
C VAL A 318 20.85 -6.20 25.69
N VAL A 319 20.14 -6.26 24.56
CA VAL A 319 19.66 -5.05 23.90
C VAL A 319 18.27 -5.39 23.49
N PHE A 320 17.29 -4.84 24.19
CA PHE A 320 15.89 -5.15 23.88
C PHE A 320 15.34 -4.15 22.89
N ALA A 321 14.56 -4.62 21.94
CA ALA A 321 13.98 -3.72 20.96
C ALA A 321 12.57 -4.20 20.65
N GLY A 322 11.80 -3.40 19.91
CA GLY A 322 10.46 -3.78 19.55
C GLY A 322 10.42 -3.60 18.05
N HIS A 323 9.38 -2.95 17.56
CA HIS A 323 9.21 -2.64 16.17
C HIS A 323 8.80 -3.78 15.25
N VAL A 324 9.36 -4.97 15.41
CA VAL A 324 8.90 -6.06 14.58
C VAL A 324 7.91 -6.78 15.49
N HIS A 325 6.66 -6.88 15.06
CA HIS A 325 5.61 -7.52 15.86
C HIS A 325 5.75 -9.03 15.86
N ALA A 326 6.78 -9.51 16.55
CA ALA A 326 7.10 -10.92 16.67
C ALA A 326 8.23 -11.05 17.70
N TYR A 327 8.74 -12.25 17.91
CA TYR A 327 9.81 -12.45 18.87
C TYR A 327 11.00 -13.03 18.14
N GLU A 328 12.18 -12.68 18.62
CA GLU A 328 13.43 -13.20 18.05
C GLU A 328 14.54 -13.02 19.07
N ARG A 329 15.49 -13.95 19.12
CA ARG A 329 16.58 -13.90 20.09
C ARG A 329 17.83 -14.21 19.31
N SER A 330 18.94 -13.61 19.65
CA SER A 330 20.13 -13.88 18.91
C SER A 330 21.24 -14.54 19.62
N GLU A 331 22.33 -14.70 18.87
CA GLU A 331 23.54 -15.29 19.36
C GLU A 331 24.38 -14.12 19.71
N ARG A 332 25.29 -14.27 20.68
CA ARG A 332 26.17 -13.16 20.99
C ARG A 332 26.96 -13.08 19.72
N VAL A 333 26.67 -12.02 18.98
CA VAL A 333 27.21 -11.78 17.67
C VAL A 333 27.63 -10.32 17.47
N SER A 334 28.68 -10.15 16.69
CA SER A 334 29.20 -8.84 16.37
C SER A 334 29.38 -8.84 14.82
N ASN A 335 29.50 -7.66 14.22
CA ASN A 335 29.73 -7.54 12.79
C ASN A 335 30.46 -6.23 12.67
N ILE A 336 31.55 -6.13 13.38
CA ILE A 336 32.22 -4.87 13.40
C ILE A 336 33.57 -4.79 12.70
N ALA A 337 33.78 -5.56 11.63
CA ALA A 337 35.09 -5.53 10.97
C ALA A 337 35.15 -4.95 9.60
N TYR A 338 33.98 -4.62 9.07
CA TYR A 338 33.85 -4.08 7.75
C TYR A 338 34.60 -2.80 7.53
N LYS A 339 35.24 -2.70 6.39
CA LYS A 339 36.00 -1.54 5.98
C LYS A 339 35.72 -1.24 4.51
N ILE A 340 34.50 -1.54 4.07
CA ILE A 340 34.04 -1.29 2.72
C ILE A 340 34.59 -2.27 1.73
N THR A 341 35.88 -2.20 1.50
CA THR A 341 36.52 -3.07 0.53
C THR A 341 37.06 -4.39 1.03
N ASP A 342 37.26 -4.56 2.32
CA ASP A 342 37.80 -5.80 2.81
C ASP A 342 36.86 -6.98 2.86
N GLY A 343 35.63 -6.83 2.38
CA GLY A 343 34.74 -7.99 2.42
C GLY A 343 34.35 -8.65 3.78
N LEU A 344 34.77 -8.11 4.92
CA LEU A 344 34.41 -8.68 6.22
C LEU A 344 33.04 -8.15 6.73
N CYS A 345 31.98 -8.56 6.04
CA CYS A 345 30.69 -8.07 6.44
C CYS A 345 29.73 -9.19 6.79
N THR A 346 30.15 -10.10 7.66
CA THR A 346 29.28 -11.20 8.06
C THR A 346 29.37 -11.42 9.56
N PRO A 347 28.21 -11.38 10.21
CA PRO A 347 28.10 -11.55 11.67
C PRO A 347 28.81 -12.82 12.08
N VAL A 348 29.74 -12.65 12.99
CA VAL A 348 30.51 -13.75 13.54
C VAL A 348 30.21 -13.88 15.04
N LYS A 349 30.29 -15.08 15.61
CA LYS A 349 30.01 -15.17 17.04
C LYS A 349 31.04 -14.34 17.77
N ASP A 350 30.60 -13.66 18.83
CA ASP A 350 31.48 -12.82 19.60
C ASP A 350 30.93 -12.89 20.99
N GLN A 351 31.74 -13.34 21.93
CA GLN A 351 31.26 -13.45 23.28
C GLN A 351 31.32 -12.16 24.09
N SER A 352 31.62 -11.02 23.45
CA SER A 352 31.64 -9.72 24.14
C SER A 352 30.43 -8.96 23.69
N ALA A 353 29.84 -9.46 22.62
CA ALA A 353 28.70 -8.81 22.07
C ALA A 353 27.58 -9.23 22.91
N PRO A 354 26.57 -8.40 22.98
CA PRO A 354 25.37 -8.68 23.75
C PRO A 354 24.46 -9.62 22.99
N VAL A 355 23.38 -10.06 23.62
CA VAL A 355 22.38 -10.87 22.96
C VAL A 355 21.30 -9.81 22.52
N TYR A 356 20.91 -9.81 21.24
CA TYR A 356 19.90 -8.86 20.78
C TYR A 356 18.55 -9.58 20.74
N ILE A 357 17.63 -9.18 21.61
CA ILE A 357 16.29 -9.76 21.70
C ILE A 357 15.28 -8.73 21.16
N THR A 358 14.18 -9.22 20.57
CA THR A 358 13.17 -8.34 20.09
C THR A 358 11.79 -8.76 20.57
N ILE A 359 11.12 -7.93 21.37
CA ILE A 359 9.80 -8.27 21.88
C ILE A 359 8.72 -7.25 21.50
N GLY A 360 8.59 -6.96 20.22
CA GLY A 360 7.56 -6.02 19.83
C GLY A 360 6.28 -6.75 19.52
N ASP A 361 6.08 -7.87 20.21
CA ASP A 361 4.90 -8.68 19.91
C ASP A 361 3.83 -8.61 20.99
N ALA A 362 3.74 -7.51 21.71
CA ALA A 362 2.75 -7.46 22.79
C ALA A 362 1.33 -7.27 22.30
N GLY A 363 1.14 -6.91 21.03
CA GLY A 363 -0.22 -6.82 20.53
C GLY A 363 -0.53 -5.85 19.43
N ASN A 364 0.04 -4.66 19.53
CA ASN A 364 -0.26 -3.61 18.58
C ASN A 364 -1.74 -3.59 18.30
N TYR A 365 -2.10 -3.35 17.04
CA TYR A 365 -3.51 -3.31 16.72
C TYR A 365 -4.02 -4.64 16.28
N GLY A 366 -3.49 -5.68 16.90
CA GLY A 366 -3.87 -7.05 16.58
C GLY A 366 -3.18 -7.70 15.38
N VAL A 367 -1.94 -7.32 15.06
CA VAL A 367 -1.30 -7.92 13.90
C VAL A 367 0.09 -8.41 14.19
N ILE A 368 0.40 -9.59 13.63
CA ILE A 368 1.70 -10.24 13.80
C ILE A 368 2.55 -10.25 12.52
N ASP A 369 3.89 -10.16 12.66
CA ASP A 369 4.77 -10.21 11.51
C ASP A 369 5.24 -11.65 11.43
N SER A 370 4.77 -12.36 10.43
CA SER A 370 5.10 -13.75 10.28
C SER A 370 6.14 -14.01 9.22
N ASN A 371 6.20 -13.15 8.21
CA ASN A 371 7.17 -13.37 7.15
C ASN A 371 8.58 -13.22 7.69
N MET A 372 9.35 -14.28 7.46
CA MET A 372 10.71 -14.39 7.94
C MET A 372 11.64 -14.71 6.82
N ILE A 373 12.89 -14.29 6.98
CA ILE A 373 13.91 -14.49 6.02
C ILE A 373 14.22 -16.00 6.08
N GLN A 374 13.80 -16.73 5.04
CA GLN A 374 14.01 -18.18 4.96
C GLN A 374 15.28 -18.38 4.17
N PRO A 375 16.29 -19.09 4.74
CA PRO A 375 16.37 -19.70 6.08
C PRO A 375 16.93 -18.89 7.24
N GLN A 376 16.57 -19.33 8.44
CA GLN A 376 16.98 -18.65 9.63
C GLN A 376 18.48 -18.52 9.59
N PRO A 377 18.96 -17.28 9.50
CA PRO A 377 20.38 -17.04 9.47
C PRO A 377 21.06 -17.49 10.76
N GLU A 378 22.35 -17.70 10.68
CA GLU A 378 23.18 -18.14 11.79
C GLU A 378 23.06 -17.32 13.05
N TYR A 379 23.07 -15.99 12.93
CA TYR A 379 23.04 -15.12 14.10
C TYR A 379 21.76 -15.20 14.91
N SER A 380 20.72 -15.71 14.26
CA SER A 380 19.43 -15.83 14.87
C SER A 380 19.37 -17.10 15.68
N ALA A 381 19.19 -17.02 16.98
CA ALA A 381 19.11 -18.24 17.81
C ALA A 381 17.73 -18.81 17.89
N PHE A 382 16.71 -17.97 17.84
CA PHE A 382 15.34 -18.43 17.98
C PHE A 382 14.36 -17.34 17.52
N ARG A 383 13.36 -17.70 16.77
CA ARG A 383 12.41 -16.69 16.38
C ARG A 383 11.04 -17.27 16.26
N GLU A 384 10.04 -16.50 16.65
CA GLU A 384 8.67 -16.94 16.54
C GLU A 384 7.74 -15.78 16.44
N ALA A 385 6.72 -15.98 15.60
CA ALA A 385 5.68 -15.00 15.34
C ALA A 385 4.46 -15.24 16.20
N SER A 386 4.53 -14.93 17.49
CA SER A 386 3.43 -15.08 18.45
C SER A 386 3.32 -13.86 19.34
N PHE A 387 2.14 -13.57 19.85
CA PHE A 387 2.01 -12.45 20.73
C PHE A 387 2.50 -12.88 22.08
N GLY A 388 3.04 -11.95 22.86
CA GLY A 388 3.51 -12.28 24.20
C GLY A 388 4.37 -11.18 24.80
N HIS A 389 4.93 -11.43 25.96
CA HIS A 389 5.76 -10.46 26.65
C HIS A 389 6.97 -11.24 27.15
N GLY A 390 7.95 -10.57 27.75
CA GLY A 390 9.11 -11.26 28.29
C GLY A 390 9.40 -10.90 29.74
N MET A 391 10.31 -11.62 30.39
CA MET A 391 10.67 -11.29 31.76
C MET A 391 12.18 -11.50 31.80
N PHE A 392 12.91 -10.62 32.45
CA PHE A 392 14.35 -10.76 32.58
C PHE A 392 14.60 -10.72 34.09
N ASP A 393 14.94 -11.88 34.63
CA ASP A 393 15.10 -12.09 36.05
C ASP A 393 16.52 -12.14 36.55
N ILE A 394 16.93 -11.05 37.13
CA ILE A 394 18.28 -10.98 37.63
C ILE A 394 18.33 -11.72 38.94
N LYS A 395 19.24 -12.67 39.02
CA LYS A 395 19.40 -13.48 40.21
C LYS A 395 20.66 -13.11 40.99
N ASN A 396 21.76 -13.04 40.25
CA ASN A 396 23.08 -12.85 40.81
C ASN A 396 23.79 -11.75 40.09
N ARG A 397 25.07 -11.59 40.39
CA ARG A 397 25.91 -10.65 39.68
C ARG A 397 26.40 -11.41 38.42
N THR A 398 26.19 -12.72 38.41
CA THR A 398 26.58 -13.61 37.29
C THR A 398 25.40 -14.20 36.55
N HIS A 399 24.26 -14.36 37.21
CA HIS A 399 23.11 -14.97 36.56
C HIS A 399 21.85 -14.13 36.46
N ALA A 400 21.19 -14.22 35.30
CA ALA A 400 19.94 -13.55 35.03
C ALA A 400 19.22 -14.53 34.09
N HIS A 401 17.91 -14.68 34.26
CA HIS A 401 17.21 -15.62 33.45
C HIS A 401 16.10 -14.99 32.64
N PHE A 402 16.16 -15.10 31.32
CA PHE A 402 15.18 -14.51 30.46
C PHE A 402 14.14 -15.53 30.04
N SER A 403 12.87 -15.14 29.96
CA SER A 403 11.80 -16.07 29.59
C SER A 403 10.92 -15.33 28.61
N TRP A 404 10.18 -16.06 27.78
CA TRP A 404 9.28 -15.45 26.80
C TRP A 404 8.01 -16.24 26.95
N ASN A 405 6.90 -15.60 27.36
CA ASN A 405 5.63 -16.28 27.54
C ASN A 405 4.64 -16.02 26.41
N ARG A 406 4.24 -17.05 25.66
CA ARG A 406 3.33 -16.82 24.55
C ARG A 406 1.98 -16.61 25.05
N ASN A 407 1.19 -15.88 24.29
CA ASN A 407 -0.15 -15.58 24.72
C ASN A 407 -0.99 -16.80 24.70
N GLN A 408 -0.69 -17.71 23.77
CA GLN A 408 -1.45 -18.96 23.62
C GLN A 408 -1.21 -19.93 24.76
N ASP A 409 -0.05 -19.83 25.39
CA ASP A 409 0.29 -20.73 26.45
C ASP A 409 -0.39 -20.24 27.70
N GLY A 410 -0.31 -21.03 28.73
CA GLY A 410 -0.91 -20.61 29.97
C GLY A 410 0.10 -19.67 30.56
N VAL A 411 -0.36 -18.93 31.53
CA VAL A 411 0.42 -17.94 32.23
C VAL A 411 1.79 -18.37 32.68
N ALA A 412 1.94 -19.64 33.00
CA ALA A 412 3.24 -20.10 33.49
C ALA A 412 4.17 -20.84 32.51
N VAL A 413 3.74 -20.93 31.26
CA VAL A 413 4.50 -21.61 30.24
C VAL A 413 5.51 -20.77 29.50
N GLU A 414 6.76 -20.98 29.84
CA GLU A 414 7.83 -20.26 29.18
C GLU A 414 8.13 -20.90 27.84
N ALA A 415 7.59 -20.38 26.75
CA ALA A 415 7.89 -20.94 25.42
C ALA A 415 9.35 -20.74 24.98
N ASP A 416 10.13 -20.01 25.75
CA ASP A 416 11.54 -19.84 25.43
C ASP A 416 12.15 -19.42 26.75
N SER A 417 13.36 -19.85 27.01
CA SER A 417 14.01 -19.61 28.27
C SER A 417 15.51 -19.67 28.05
N VAL A 418 16.24 -18.83 28.75
CA VAL A 418 17.66 -18.76 28.55
C VAL A 418 18.33 -18.15 29.75
N TRP A 419 19.52 -18.63 30.09
CA TRP A 419 20.20 -18.06 31.22
C TRP A 419 21.25 -17.19 30.62
N PHE A 420 21.43 -16.03 31.22
CA PHE A 420 22.40 -15.09 30.76
C PHE A 420 23.55 -15.16 31.72
N PHE A 421 24.76 -15.27 31.19
CA PHE A 421 25.94 -15.26 32.03
C PHE A 421 26.50 -13.90 31.82
N ASN A 422 26.72 -13.19 32.93
CA ASN A 422 27.20 -11.79 32.92
C ASN A 422 28.47 -11.49 32.16
N ARG A 423 28.38 -10.73 31.06
CA ARG A 423 29.56 -10.43 30.23
C ARG A 423 30.71 -9.88 31.01
N HIS A 424 30.46 -9.37 32.22
CA HIS A 424 31.54 -8.86 33.01
C HIS A 424 32.00 -9.74 34.18
N TRP A 425 31.11 -10.55 34.76
CA TRP A 425 31.47 -11.37 35.91
C TRP A 425 31.56 -12.85 35.67
N TYR A 426 31.00 -13.29 34.56
CA TYR A 426 30.99 -14.71 34.31
C TYR A 426 30.74 -14.88 32.83
N PRO A 427 31.63 -14.33 32.00
CA PRO A 427 31.65 -14.33 30.53
C PRO A 427 31.87 -15.66 29.88
N VAL A 428 31.03 -16.61 30.25
CA VAL A 428 31.15 -17.95 29.72
C VAL A 428 30.10 -18.15 28.67
N ASP A 429 30.36 -19.02 27.71
CA ASP A 429 29.40 -19.20 26.64
C ASP A 429 28.00 -19.55 27.11
N ASP A 430 27.11 -18.55 27.09
CA ASP A 430 25.70 -18.77 27.44
C ASP A 430 24.89 -19.13 26.18
N SER A 431 25.52 -18.95 25.01
CA SER A 431 24.92 -19.22 23.68
C SER A 431 24.63 -20.70 23.43
N THR A 432 23.42 -20.98 22.92
CA THR A 432 22.94 -22.35 22.61
C THR A 432 23.54 -23.08 21.36
N ARG B 9 -5.80 -15.69 -54.48
CA ARG B 9 -4.78 -14.59 -54.59
C ARG B 9 -3.31 -15.09 -54.61
N ASP B 10 -3.15 -16.38 -54.28
CA ASP B 10 -1.84 -17.04 -54.25
C ASP B 10 -1.43 -17.28 -55.69
N MET B 11 -0.16 -17.04 -56.02
CA MET B 11 0.33 -17.25 -57.36
C MET B 11 -0.04 -18.67 -57.74
N PRO B 12 -0.54 -18.83 -58.96
CA PRO B 12 -0.96 -20.12 -59.51
C PRO B 12 0.25 -21.03 -59.73
N LEU B 13 -0.01 -22.34 -59.71
CA LEU B 13 1.02 -23.36 -59.88
C LEU B 13 1.97 -23.21 -61.05
N ASP B 14 1.48 -22.58 -62.11
CA ASP B 14 2.29 -22.37 -63.31
C ASP B 14 3.24 -21.19 -63.24
N SER B 15 2.99 -20.28 -62.30
CA SER B 15 3.81 -19.08 -62.14
C SER B 15 5.25 -19.38 -62.37
N ASP B 16 5.83 -18.56 -63.21
CA ASP B 16 7.20 -18.70 -63.59
C ASP B 16 8.07 -18.91 -62.40
N VAL B 17 7.60 -18.38 -61.29
CA VAL B 17 8.33 -18.42 -60.06
C VAL B 17 8.45 -19.85 -59.53
N PHE B 18 7.46 -20.68 -59.84
CA PHE B 18 7.44 -22.07 -59.42
C PHE B 18 8.04 -23.10 -60.40
N ARG B 19 8.59 -22.65 -61.53
CA ARG B 19 9.19 -23.58 -62.49
C ARG B 19 10.29 -24.47 -61.89
N VAL B 20 10.32 -25.73 -62.29
CA VAL B 20 11.31 -26.65 -61.78
C VAL B 20 12.51 -26.71 -62.66
N PRO B 21 13.67 -26.54 -62.05
CA PRO B 21 14.94 -26.58 -62.77
C PRO B 21 14.98 -27.82 -63.62
N PRO B 22 15.38 -27.68 -64.86
CA PRO B 22 15.49 -28.72 -65.87
C PRO B 22 16.69 -29.64 -65.62
N GLY B 23 16.51 -30.92 -66.00
CA GLY B 23 17.56 -31.89 -65.83
C GLY B 23 16.99 -33.08 -65.07
N TYR B 24 17.56 -34.27 -65.27
CA TYR B 24 17.04 -35.43 -64.58
C TYR B 24 17.50 -35.36 -63.17
N ASN B 25 16.54 -35.42 -62.27
CA ASN B 25 16.81 -35.40 -60.84
C ASN B 25 17.68 -34.18 -60.53
N ALA B 26 17.14 -33.02 -60.90
CA ALA B 26 17.81 -31.75 -60.72
C ALA B 26 17.43 -31.21 -59.36
N PRO B 27 18.45 -30.81 -58.56
CA PRO B 27 18.27 -30.27 -57.22
C PRO B 27 17.32 -29.12 -57.28
N GLN B 28 16.26 -29.20 -56.50
CA GLN B 28 15.36 -28.08 -56.46
C GLN B 28 15.16 -27.67 -55.00
N GLN B 29 14.53 -26.50 -54.82
CA GLN B 29 14.22 -25.99 -53.51
C GLN B 29 15.49 -25.83 -52.71
N VAL B 30 16.59 -25.38 -53.35
CA VAL B 30 17.85 -25.19 -52.62
C VAL B 30 17.76 -24.06 -51.56
N HIS B 31 18.34 -24.27 -50.37
CA HIS B 31 18.31 -23.26 -49.31
C HIS B 31 19.40 -23.49 -48.31
N ILE B 32 19.96 -22.42 -47.77
CA ILE B 32 21.05 -22.54 -46.81
C ILE B 32 20.74 -21.80 -45.50
N THR B 33 21.57 -21.99 -44.46
CA THR B 33 21.44 -21.31 -43.13
C THR B 33 22.73 -21.46 -42.42
N GLN B 34 22.84 -20.76 -41.32
CA GLN B 34 24.08 -20.88 -40.59
C GLN B 34 24.11 -22.24 -39.95
N GLY B 35 25.27 -22.90 -39.99
CA GLY B 35 25.36 -24.23 -39.46
C GLY B 35 26.05 -24.34 -38.15
N ASP B 36 26.57 -23.26 -37.62
CA ASP B 36 27.23 -23.36 -36.33
C ASP B 36 26.89 -22.15 -35.52
N LEU B 37 27.53 -22.03 -34.38
CA LEU B 37 27.24 -20.89 -33.55
C LEU B 37 27.81 -19.54 -33.98
N VAL B 38 28.95 -19.54 -34.66
CA VAL B 38 29.61 -18.28 -34.99
C VAL B 38 29.86 -17.83 -36.43
N GLY B 39 29.37 -18.62 -37.38
CA GLY B 39 29.54 -18.19 -38.76
C GLY B 39 30.34 -19.03 -39.72
N ARG B 40 31.08 -20.01 -39.23
CA ARG B 40 31.86 -20.79 -40.15
C ARG B 40 31.36 -22.19 -40.53
N ALA B 41 30.08 -22.29 -40.81
CA ALA B 41 29.50 -23.54 -41.20
C ALA B 41 28.17 -23.17 -41.80
N MET B 42 27.75 -23.92 -42.80
CA MET B 42 26.49 -23.67 -43.45
C MET B 42 25.78 -24.97 -43.60
N ILE B 43 24.47 -24.90 -43.62
CA ILE B 43 23.71 -26.11 -43.81
C ILE B 43 23.08 -25.94 -45.17
N ILE B 44 23.44 -26.82 -46.07
CA ILE B 44 22.93 -26.80 -47.43
C ILE B 44 21.82 -27.85 -47.50
N SER B 45 20.68 -27.45 -48.04
CA SER B 45 19.55 -28.36 -48.10
C SER B 45 18.88 -28.28 -49.45
N TRP B 46 18.45 -29.39 -49.99
CA TRP B 46 17.73 -29.33 -51.25
C TRP B 46 16.90 -30.55 -51.41
N VAL B 47 16.20 -30.61 -52.52
CA VAL B 47 15.31 -31.72 -52.74
C VAL B 47 15.51 -32.25 -54.15
N THR B 48 15.48 -33.57 -54.32
CA THR B 48 15.62 -34.23 -55.62
C THR B 48 14.33 -34.96 -55.70
N MET B 49 13.72 -35.00 -56.87
CA MET B 49 12.42 -35.67 -56.99
C MET B 49 12.35 -36.98 -57.77
N ASP B 50 13.32 -37.19 -58.66
CA ASP B 50 13.30 -38.38 -59.50
C ASP B 50 13.79 -39.61 -58.78
N GLU B 51 14.89 -39.46 -58.10
CA GLU B 51 15.41 -40.55 -57.36
C GLU B 51 16.27 -39.92 -56.27
N PRO B 52 16.52 -40.68 -55.20
CA PRO B 52 17.33 -40.29 -54.05
C PRO B 52 18.49 -39.32 -54.33
N GLY B 53 19.44 -39.73 -55.14
CA GLY B 53 20.57 -38.87 -55.46
C GLY B 53 21.66 -38.90 -54.41
N SER B 54 22.70 -38.08 -54.58
CA SER B 54 23.82 -37.99 -53.65
C SER B 54 23.59 -36.83 -52.72
N SER B 55 24.02 -36.96 -51.49
CA SER B 55 23.85 -35.89 -50.54
C SER B 55 25.18 -35.23 -50.33
N ALA B 56 26.08 -35.39 -51.29
CA ALA B 56 27.41 -34.77 -51.18
C ALA B 56 27.27 -33.37 -51.73
N VAL B 57 28.13 -32.49 -51.28
CA VAL B 57 28.10 -31.12 -51.76
C VAL B 57 29.53 -30.82 -52.08
N ARG B 58 29.76 -30.26 -53.25
CA ARG B 58 31.12 -29.92 -53.59
C ARG B 58 31.22 -28.42 -53.41
N TYR B 59 32.32 -27.98 -52.80
CA TYR B 59 32.50 -26.57 -52.56
C TYR B 59 33.97 -26.23 -52.50
N TRP B 60 34.25 -24.96 -52.78
CA TRP B 60 35.62 -24.42 -52.78
C TRP B 60 35.48 -22.92 -52.69
N SER B 61 36.55 -22.27 -52.25
CA SER B 61 36.50 -20.83 -52.13
C SER B 61 37.04 -20.22 -53.39
N GLU B 62 36.58 -19.02 -53.68
CA GLU B 62 37.01 -18.28 -54.86
C GLU B 62 38.55 -18.18 -54.98
N LYS B 63 39.23 -17.98 -53.86
CA LYS B 63 40.69 -17.85 -53.81
C LYS B 63 41.43 -19.18 -53.94
N ASN B 64 41.36 -20.01 -52.90
CA ASN B 64 41.99 -21.32 -52.86
C ASN B 64 40.98 -22.29 -53.48
N GLY B 65 41.03 -22.40 -54.81
CA GLY B 65 40.12 -23.28 -55.52
C GLY B 65 40.12 -24.77 -55.22
N ARG B 66 40.73 -25.21 -54.11
CA ARG B 66 40.75 -26.65 -53.75
C ARG B 66 39.31 -27.09 -53.57
N LYS B 67 38.83 -27.96 -54.46
CA LYS B 67 37.45 -28.42 -54.39
C LYS B 67 37.37 -29.49 -53.34
N ARG B 68 36.45 -29.34 -52.40
CA ARG B 68 36.27 -30.29 -51.31
C ARG B 68 34.85 -30.81 -51.37
N ILE B 69 34.61 -31.90 -50.65
CA ILE B 69 33.31 -32.53 -50.62
C ILE B 69 32.77 -32.79 -49.23
N ALA B 70 31.53 -32.40 -49.00
CA ALA B 70 30.88 -32.65 -47.71
C ALA B 70 29.82 -33.68 -47.94
N LYS B 71 29.64 -34.60 -47.00
CA LYS B 71 28.61 -35.61 -47.17
C LYS B 71 27.49 -35.40 -46.15
N GLY B 72 26.26 -35.25 -46.64
CA GLY B 72 25.10 -35.03 -45.76
C GLY B 72 24.21 -36.24 -45.58
N LYS B 73 22.91 -36.03 -45.32
CA LYS B 73 21.95 -37.13 -45.11
C LYS B 73 20.67 -36.91 -45.89
N MET B 74 19.90 -37.96 -46.10
CA MET B 74 18.68 -37.83 -46.86
C MET B 74 17.48 -38.32 -46.03
N SER B 75 16.31 -37.72 -46.26
CA SER B 75 15.11 -38.09 -45.54
C SER B 75 13.89 -37.87 -46.39
N THR B 76 12.78 -38.43 -45.97
CA THR B 76 11.53 -38.32 -46.70
C THR B 76 10.44 -38.39 -45.66
N TYR B 77 9.25 -37.90 -45.97
CA TYR B 77 8.14 -37.94 -45.01
C TYR B 77 6.88 -38.04 -45.81
N ARG B 78 5.81 -38.45 -45.16
CA ARG B 78 4.57 -38.57 -45.84
C ARG B 78 3.67 -37.72 -45.01
N PHE B 79 2.83 -36.90 -45.65
CA PHE B 79 1.93 -36.07 -44.89
C PHE B 79 0.57 -36.72 -44.83
N PHE B 80 -0.27 -36.65 -45.84
CA PHE B 80 -1.52 -37.38 -45.63
C PHE B 80 -1.52 -38.32 -46.82
N ASN B 81 -2.05 -37.89 -47.95
CA ASN B 81 -1.95 -38.71 -49.12
C ASN B 81 -0.77 -38.15 -49.90
N TYR B 82 0.08 -37.33 -49.23
CA TYR B 82 1.29 -36.72 -49.84
C TYR B 82 2.52 -37.57 -49.53
N SER B 83 3.61 -37.39 -50.31
CA SER B 83 4.89 -38.11 -50.15
C SER B 83 6.04 -37.25 -50.64
N SER B 84 6.90 -36.88 -49.72
CA SER B 84 7.97 -36.01 -50.08
C SER B 84 8.91 -36.60 -51.11
N GLY B 85 9.73 -35.73 -51.68
CA GLY B 85 10.73 -36.21 -52.60
C GLY B 85 11.84 -36.55 -51.65
N PHE B 86 13.09 -36.50 -52.09
CA PHE B 86 14.18 -36.84 -51.21
C PHE B 86 14.84 -35.59 -50.72
N ILE B 87 14.65 -35.34 -49.45
CA ILE B 87 15.17 -34.16 -48.81
C ILE B 87 16.62 -34.38 -48.42
N HIS B 88 17.48 -33.42 -48.70
CA HIS B 88 18.88 -33.56 -48.37
C HIS B 88 19.36 -32.41 -47.51
N HIS B 89 20.19 -32.73 -46.51
CA HIS B 89 20.75 -31.75 -45.59
C HIS B 89 22.23 -32.10 -45.35
N THR B 90 23.09 -31.21 -45.76
CA THR B 90 24.50 -31.43 -45.57
C THR B 90 25.06 -30.18 -44.94
N THR B 91 25.99 -30.38 -44.02
CA THR B 91 26.59 -29.30 -43.29
C THR B 91 28.04 -29.12 -43.65
N ILE B 92 28.40 -27.95 -44.12
CA ILE B 92 29.76 -27.70 -44.47
C ILE B 92 30.41 -27.04 -43.30
N ARG B 93 31.53 -27.56 -42.83
CA ARG B 93 32.18 -26.96 -41.68
C ARG B 93 33.53 -26.30 -41.92
N LYS B 94 33.99 -25.61 -40.88
CA LYS B 94 35.27 -24.94 -40.87
C LYS B 94 35.56 -24.01 -42.06
N LEU B 95 34.61 -23.15 -42.40
CA LEU B 95 34.84 -22.24 -43.50
C LEU B 95 35.73 -21.08 -43.02
N LYS B 96 36.29 -20.31 -43.93
CA LYS B 96 37.10 -19.17 -43.55
C LYS B 96 36.11 -18.05 -43.47
N TYR B 97 36.31 -17.08 -42.60
CA TYR B 97 35.36 -16.00 -42.52
C TYR B 97 35.50 -15.07 -43.69
N ASN B 98 34.43 -14.33 -43.99
CA ASN B 98 34.47 -13.36 -45.07
C ASN B 98 35.09 -13.91 -46.36
N THR B 99 34.50 -14.96 -46.90
CA THR B 99 35.02 -15.56 -48.11
C THR B 99 33.88 -16.01 -48.99
N LYS B 100 34.04 -15.86 -50.30
CA LYS B 100 32.99 -16.30 -51.20
C LYS B 100 33.28 -17.76 -51.46
N TYR B 101 32.24 -18.55 -51.37
CA TYR B 101 32.38 -19.95 -51.61
C TYR B 101 31.43 -20.33 -52.72
N TYR B 102 31.79 -21.41 -53.40
CA TYR B 102 30.96 -21.92 -54.47
C TYR B 102 30.62 -23.31 -54.02
N TYR B 103 29.38 -23.69 -54.26
CA TYR B 103 28.96 -25.03 -53.91
C TYR B 103 28.09 -25.55 -55.04
N GLU B 104 28.26 -26.84 -55.31
CA GLU B 104 27.51 -27.53 -56.34
C GLU B 104 26.80 -28.65 -55.66
N VAL B 105 25.59 -28.85 -56.12
CA VAL B 105 24.70 -29.81 -55.54
C VAL B 105 24.06 -30.63 -56.68
N GLY B 106 23.83 -31.91 -56.47
CA GLY B 106 23.28 -32.76 -57.53
C GLY B 106 24.41 -33.39 -58.34
N LEU B 107 25.44 -33.86 -57.65
CA LEU B 107 26.61 -34.42 -58.31
C LEU B 107 26.40 -35.64 -59.19
N ARG B 108 25.45 -36.51 -58.85
CA ARG B 108 25.25 -37.71 -59.67
C ARG B 108 24.67 -37.43 -61.04
N ASN B 109 23.59 -36.69 -61.11
CA ASN B 109 23.04 -36.43 -62.42
C ASN B 109 23.13 -34.98 -62.86
N THR B 110 22.14 -34.18 -62.50
CA THR B 110 22.12 -32.78 -62.91
C THR B 110 22.69 -31.91 -61.82
N THR B 111 23.89 -31.37 -62.05
CA THR B 111 24.54 -30.50 -61.06
C THR B 111 24.14 -29.01 -61.13
N ARG B 112 24.01 -28.34 -59.98
CA ARG B 112 23.67 -26.92 -59.94
C ARG B 112 24.66 -26.25 -59.01
N ARG B 113 25.11 -25.07 -59.40
CA ARG B 113 26.10 -24.35 -58.64
C ARG B 113 25.54 -23.09 -58.00
N PHE B 114 26.08 -22.78 -56.83
CA PHE B 114 25.68 -21.57 -56.11
C PHE B 114 26.87 -21.04 -55.34
N SER B 115 26.67 -19.88 -54.72
CA SER B 115 27.74 -19.26 -53.96
C SER B 115 27.15 -18.50 -52.79
N PHE B 116 27.92 -18.42 -51.71
CA PHE B 116 27.50 -17.70 -50.53
C PHE B 116 28.79 -17.11 -49.99
N ILE B 117 28.66 -16.15 -49.09
CA ILE B 117 29.85 -15.55 -48.53
C ILE B 117 29.83 -15.66 -47.03
N THR B 118 30.87 -16.24 -46.46
CA THR B 118 30.89 -16.37 -45.02
C THR B 118 30.94 -14.97 -44.42
N PRO B 119 30.42 -14.78 -43.19
CA PRO B 119 30.44 -13.47 -42.58
C PRO B 119 31.77 -13.20 -41.90
N PRO B 120 31.95 -11.96 -41.45
CA PRO B 120 33.18 -11.55 -40.78
C PRO B 120 33.22 -12.28 -39.45
N GLN B 121 34.39 -12.31 -38.85
CA GLN B 121 34.52 -12.93 -37.56
C GLN B 121 33.70 -12.03 -36.63
N THR B 122 33.01 -12.61 -35.64
CA THR B 122 32.18 -11.82 -34.72
C THR B 122 33.01 -10.73 -34.07
N GLY B 123 32.44 -9.56 -33.95
CA GLY B 123 33.21 -8.49 -33.37
C GLY B 123 32.34 -7.35 -32.91
N LEU B 124 32.97 -6.46 -32.13
CA LEU B 124 32.30 -5.31 -31.53
C LEU B 124 31.79 -4.29 -32.51
N ASP B 125 32.65 -3.92 -33.46
CA ASP B 125 32.27 -2.93 -34.45
C ASP B 125 32.07 -3.48 -35.87
N VAL B 126 31.84 -4.78 -36.01
CA VAL B 126 31.62 -5.40 -37.30
C VAL B 126 30.19 -5.07 -37.76
N PRO B 127 30.06 -4.33 -38.88
CA PRO B 127 28.75 -3.95 -39.41
C PRO B 127 28.22 -5.12 -40.18
N TYR B 128 26.91 -5.18 -40.33
CA TYR B 128 26.30 -6.26 -41.08
C TYR B 128 24.90 -5.81 -41.32
N THR B 129 24.27 -6.30 -42.38
CA THR B 129 22.92 -5.85 -42.64
C THR B 129 21.93 -7.00 -42.80
N PHE B 130 20.92 -7.04 -41.95
CA PHE B 130 19.94 -8.11 -41.94
C PHE B 130 18.68 -7.67 -42.59
N GLY B 131 18.05 -8.58 -43.27
CA GLY B 131 16.81 -8.21 -43.90
C GLY B 131 15.80 -8.74 -42.94
N LEU B 132 14.61 -8.15 -42.92
CA LEU B 132 13.53 -8.60 -42.04
C LEU B 132 12.32 -8.91 -42.86
N ILE B 133 11.94 -10.18 -42.88
CA ILE B 133 10.78 -10.64 -43.65
C ILE B 133 10.03 -11.52 -42.70
N GLY B 134 8.72 -11.43 -42.71
CA GLY B 134 7.97 -12.26 -41.81
C GLY B 134 6.66 -12.50 -42.50
N ASP B 135 6.08 -13.69 -42.29
CA ASP B 135 4.82 -13.98 -42.89
C ASP B 135 4.72 -13.93 -44.45
N LEU B 136 5.76 -14.39 -45.14
CA LEU B 136 5.87 -14.33 -46.59
C LEU B 136 4.76 -14.95 -47.41
N GLY B 137 4.59 -16.26 -47.32
CA GLY B 137 3.54 -16.92 -48.08
C GLY B 137 3.88 -16.95 -49.56
N GLN B 138 2.88 -17.18 -50.41
CA GLN B 138 3.16 -17.21 -51.86
C GLN B 138 2.13 -16.50 -52.79
N SER B 139 1.63 -15.33 -52.37
CA SER B 139 0.71 -14.55 -53.16
C SER B 139 1.60 -13.68 -54.00
N PHE B 140 1.03 -12.95 -54.93
CA PHE B 140 1.85 -12.08 -55.76
C PHE B 140 2.60 -11.08 -54.91
N ASP B 141 1.88 -10.63 -53.90
CA ASP B 141 2.39 -9.67 -52.98
C ASP B 141 3.70 -10.16 -52.45
N SER B 142 3.72 -11.42 -52.09
CA SER B 142 4.92 -12.01 -51.56
C SER B 142 6.02 -11.88 -52.58
N ASN B 143 5.68 -12.10 -53.86
CA ASN B 143 6.70 -12.05 -54.91
C ASN B 143 7.33 -10.68 -54.91
N THR B 144 6.45 -9.70 -54.78
CA THR B 144 6.87 -8.33 -54.80
C THR B 144 7.87 -8.02 -53.67
N THR B 145 7.45 -8.34 -52.44
CA THR B 145 8.29 -8.10 -51.27
C THR B 145 9.65 -8.73 -51.49
N LEU B 146 9.66 -9.96 -51.91
CA LEU B 146 10.94 -10.57 -52.13
C LEU B 146 11.75 -9.78 -53.16
N SER B 147 11.11 -9.21 -54.16
CA SER B 147 11.87 -8.44 -55.16
C SER B 147 12.45 -7.21 -54.52
N HIS B 148 11.59 -6.46 -53.85
CA HIS B 148 12.04 -5.25 -53.19
C HIS B 148 13.23 -5.54 -52.31
N TYR B 149 13.20 -6.68 -51.65
CA TYR B 149 14.31 -6.98 -50.79
C TYR B 149 15.54 -7.18 -51.62
N GLU B 150 15.39 -7.91 -52.72
CA GLU B 150 16.50 -8.22 -53.60
C GLU B 150 17.10 -6.95 -54.16
N LEU B 151 16.26 -5.94 -54.32
CA LEU B 151 16.70 -4.68 -54.88
C LEU B 151 17.13 -3.61 -53.90
N SER B 152 16.89 -3.82 -52.60
CA SER B 152 17.31 -2.81 -51.63
C SER B 152 18.74 -2.47 -51.97
N PRO B 153 18.99 -1.19 -52.18
CA PRO B 153 20.27 -0.56 -52.51
C PRO B 153 21.32 -0.87 -51.44
N LYS B 154 20.83 -0.94 -50.21
CA LYS B 154 21.62 -1.32 -49.05
C LYS B 154 21.26 -2.79 -49.17
N LYS B 155 22.17 -3.62 -49.66
CA LYS B 155 21.85 -5.03 -49.85
C LYS B 155 21.85 -5.86 -48.55
N GLY B 156 20.77 -6.62 -48.32
CA GLY B 156 20.67 -7.47 -47.14
C GLY B 156 21.68 -8.59 -47.24
N GLN B 157 22.20 -9.09 -46.13
CA GLN B 157 23.20 -10.15 -46.18
C GLN B 157 22.80 -11.44 -45.48
N THR B 158 21.61 -11.46 -44.88
CA THR B 158 21.03 -12.60 -44.16
C THR B 158 19.63 -12.15 -43.82
N VAL B 159 18.65 -13.00 -44.01
CA VAL B 159 17.29 -12.62 -43.67
C VAL B 159 16.94 -13.22 -42.33
N LEU B 160 16.29 -12.47 -41.46
CA LEU B 160 15.86 -13.02 -40.19
C LEU B 160 14.37 -13.25 -40.46
N PHE B 161 13.98 -14.51 -40.60
CA PHE B 161 12.60 -14.86 -40.91
C PHE B 161 11.79 -15.06 -39.64
N VAL B 162 10.70 -14.34 -39.54
CA VAL B 162 9.90 -14.32 -38.34
C VAL B 162 8.69 -15.24 -38.28
N GLY B 163 8.65 -16.21 -39.17
CA GLY B 163 7.52 -17.12 -39.08
C GLY B 163 6.45 -17.07 -40.12
N ASP B 164 5.69 -18.17 -40.24
CA ASP B 164 4.67 -18.39 -41.26
C ASP B 164 5.35 -18.38 -42.63
N LEU B 165 5.88 -19.55 -43.01
CA LEU B 165 6.58 -19.65 -44.27
C LEU B 165 5.72 -19.73 -45.51
N SER B 166 4.97 -20.80 -45.67
CA SER B 166 4.24 -20.96 -46.92
C SER B 166 2.75 -21.03 -46.92
N TYR B 167 2.14 -21.21 -45.78
CA TYR B 167 0.70 -21.22 -45.80
C TYR B 167 0.08 -22.37 -46.53
N ALA B 168 0.82 -23.47 -46.65
CA ALA B 168 0.30 -24.66 -47.32
C ALA B 168 -0.87 -25.19 -46.52
N ASP B 169 -0.87 -24.94 -45.22
CA ASP B 169 -1.95 -25.44 -44.41
C ASP B 169 -3.30 -24.83 -44.71
N ARG B 170 -3.35 -23.83 -45.58
CA ARG B 170 -4.62 -23.21 -45.90
C ARG B 170 -5.26 -24.04 -46.98
N TYR B 171 -4.43 -24.78 -47.69
CA TYR B 171 -4.90 -25.65 -48.74
C TYR B 171 -5.50 -26.87 -48.11
N PRO B 172 -6.33 -27.60 -48.86
CA PRO B 172 -6.94 -28.80 -48.28
C PRO B 172 -5.91 -29.90 -48.02
N ASN B 173 -6.05 -30.57 -46.86
CA ASN B 173 -5.14 -31.63 -46.43
C ASN B 173 -3.73 -31.06 -46.42
N HIS B 174 -3.65 -29.75 -46.21
CA HIS B 174 -2.39 -29.00 -46.15
C HIS B 174 -1.53 -29.25 -47.35
N ASP B 175 -2.18 -29.56 -48.47
CA ASP B 175 -1.49 -29.90 -49.71
C ASP B 175 -0.02 -29.58 -49.70
N ASN B 176 0.81 -30.49 -49.22
CA ASN B 176 2.25 -30.18 -49.16
C ASN B 176 2.94 -29.79 -50.46
N VAL B 177 2.20 -29.74 -51.55
CA VAL B 177 2.86 -29.34 -52.79
C VAL B 177 3.20 -27.90 -52.62
N ARG B 178 2.31 -27.21 -51.92
CA ARG B 178 2.47 -25.80 -51.67
C ARG B 178 3.73 -25.54 -50.88
N TRP B 179 4.28 -26.60 -50.27
CA TRP B 179 5.54 -26.45 -49.57
C TRP B 179 6.61 -26.52 -50.62
N ASP B 180 6.41 -27.39 -51.59
CA ASP B 180 7.38 -27.55 -52.69
C ASP B 180 7.46 -26.30 -53.53
N THR B 181 6.31 -25.71 -53.87
CA THR B 181 6.32 -24.50 -54.67
C THR B 181 6.99 -23.38 -53.91
N TRP B 182 6.66 -23.23 -52.63
CA TRP B 182 7.26 -22.18 -51.83
C TRP B 182 8.78 -22.31 -51.80
N GLY B 183 9.24 -23.52 -51.70
CA GLY B 183 10.67 -23.70 -51.64
C GLY B 183 11.39 -23.39 -52.91
N ARG B 184 10.66 -23.53 -54.02
CA ARG B 184 11.22 -23.25 -55.35
C ARG B 184 11.20 -21.73 -55.55
N PHE B 185 10.10 -21.12 -55.10
CA PHE B 185 9.89 -19.69 -55.17
C PHE B 185 10.99 -18.90 -54.48
N THR B 186 11.29 -19.26 -53.24
CA THR B 186 12.28 -18.56 -52.44
C THR B 186 13.73 -18.86 -52.76
N GLU B 187 13.98 -19.94 -53.49
CA GLU B 187 15.34 -20.39 -53.82
C GLU B 187 16.23 -19.30 -54.30
N ARG B 188 15.66 -18.36 -55.05
CA ARG B 188 16.45 -17.28 -55.59
C ARG B 188 17.16 -16.46 -54.52
N SER B 189 16.62 -16.43 -53.33
CA SER B 189 17.25 -15.70 -52.28
C SER B 189 18.05 -16.63 -51.40
N VAL B 190 17.35 -17.57 -50.79
CA VAL B 190 17.98 -18.53 -49.87
C VAL B 190 19.08 -19.41 -50.37
N ALA B 191 19.19 -19.59 -51.66
CA ALA B 191 20.24 -20.45 -52.14
C ALA B 191 21.53 -19.73 -52.01
N TYR B 192 21.44 -18.41 -51.87
CA TYR B 192 22.66 -17.60 -51.80
C TYR B 192 22.99 -16.92 -50.48
N GLN B 193 21.96 -16.58 -49.71
CA GLN B 193 22.21 -15.98 -48.43
C GLN B 193 21.34 -16.67 -47.43
N PRO B 194 21.90 -16.98 -46.26
CA PRO B 194 21.14 -17.65 -45.21
C PRO B 194 19.92 -16.91 -44.75
N TRP B 195 18.89 -17.67 -44.37
CA TRP B 195 17.67 -17.15 -43.78
C TRP B 195 17.62 -17.85 -42.38
N ILE B 196 17.40 -17.07 -41.32
CA ILE B 196 17.34 -17.62 -39.98
C ILE B 196 15.88 -17.90 -39.72
N TRP B 197 15.55 -19.17 -39.47
CA TRP B 197 14.17 -19.60 -39.32
C TRP B 197 13.54 -19.48 -37.96
N THR B 198 12.25 -19.21 -37.97
CA THR B 198 11.50 -19.06 -36.76
C THR B 198 10.20 -19.72 -37.07
N ALA B 199 9.67 -20.44 -36.10
CA ALA B 199 8.47 -21.18 -36.31
C ALA B 199 7.24 -20.42 -36.02
N GLY B 200 6.29 -20.44 -36.93
CA GLY B 200 5.08 -19.70 -36.71
C GLY B 200 3.96 -20.67 -36.61
N ASN B 201 2.73 -20.18 -36.35
CA ASN B 201 1.56 -21.05 -36.24
C ASN B 201 1.22 -21.81 -37.51
N HIS B 202 1.50 -21.21 -38.65
CA HIS B 202 1.19 -21.93 -39.87
C HIS B 202 2.10 -23.12 -40.11
N GLU B 203 3.10 -23.28 -39.24
CA GLU B 203 4.05 -24.38 -39.29
C GLU B 203 3.67 -25.51 -38.37
N ILE B 204 2.86 -25.23 -37.38
CA ILE B 204 2.43 -26.26 -36.46
C ILE B 204 1.75 -27.41 -37.22
N GLU B 205 0.73 -27.09 -38.00
CA GLU B 205 0.04 -28.11 -38.78
C GLU B 205 -0.47 -29.29 -37.95
N PHE B 206 -1.26 -28.98 -36.94
CA PHE B 206 -1.81 -30.00 -36.11
C PHE B 206 -3.13 -30.37 -36.80
N ALA B 207 -3.16 -31.49 -37.51
CA ALA B 207 -4.34 -31.91 -38.22
C ALA B 207 -4.84 -33.28 -37.83
N PRO B 208 -5.48 -33.36 -36.69
CA PRO B 208 -6.04 -34.60 -36.20
C PRO B 208 -6.95 -35.29 -37.22
N GLU B 209 -7.80 -34.51 -37.87
CA GLU B 209 -8.76 -35.00 -38.88
C GLU B 209 -8.17 -35.89 -39.94
N ILE B 210 -6.96 -35.57 -40.38
CA ILE B 210 -6.29 -36.37 -41.39
C ILE B 210 -5.19 -37.16 -40.77
N ASN B 211 -5.29 -37.27 -39.45
CA ASN B 211 -4.37 -38.07 -38.69
C ASN B 211 -2.94 -37.66 -38.67
N GLU B 212 -2.71 -36.39 -38.89
CA GLU B 212 -1.38 -35.84 -38.82
C GLU B 212 -1.40 -35.06 -37.53
N THR B 213 -0.69 -35.52 -36.50
CA THR B 213 -0.75 -34.85 -35.21
C THR B 213 0.57 -34.56 -34.54
N GLU B 214 1.65 -34.60 -35.31
CA GLU B 214 2.98 -34.32 -34.79
C GLU B 214 3.26 -32.91 -35.29
N PRO B 215 3.25 -31.94 -34.37
CA PRO B 215 3.47 -30.53 -34.66
C PRO B 215 4.74 -30.26 -35.40
N PHE B 216 4.68 -29.27 -36.26
CA PHE B 216 5.82 -28.87 -37.01
C PHE B 216 6.43 -29.95 -37.89
N LYS B 217 5.67 -30.97 -38.27
CA LYS B 217 6.26 -32.01 -39.12
C LYS B 217 6.88 -31.60 -40.48
N PRO B 218 6.07 -31.17 -41.43
CA PRO B 218 6.69 -30.80 -42.70
C PRO B 218 7.77 -29.73 -42.54
N PHE B 219 7.51 -28.73 -41.71
CA PHE B 219 8.47 -27.66 -41.50
C PHE B 219 9.80 -28.23 -41.09
N SER B 220 9.75 -29.09 -40.07
CA SER B 220 10.95 -29.65 -39.52
C SER B 220 11.71 -30.54 -40.45
N TYR B 221 11.03 -31.24 -41.35
CA TYR B 221 11.77 -32.09 -42.29
C TYR B 221 12.52 -31.27 -43.28
N ARG B 222 11.85 -30.22 -43.75
CA ARG B 222 12.39 -29.33 -44.76
C ARG B 222 13.40 -28.31 -44.31
N TYR B 223 13.17 -27.70 -43.14
CA TYR B 223 14.02 -26.63 -42.63
C TYR B 223 14.78 -27.01 -41.37
N HIS B 224 16.09 -27.12 -41.48
CA HIS B 224 16.91 -27.48 -40.32
C HIS B 224 17.66 -26.28 -39.79
N VAL B 225 18.01 -26.31 -38.49
CA VAL B 225 18.73 -25.20 -37.85
C VAL B 225 19.74 -25.80 -36.92
N PRO B 226 20.83 -25.09 -36.66
CA PRO B 226 21.95 -25.51 -35.80
C PRO B 226 21.62 -25.41 -34.32
N TYR B 227 20.46 -25.92 -33.93
CA TYR B 227 20.08 -25.79 -32.56
C TYR B 227 21.01 -26.43 -31.57
N GLU B 228 21.68 -27.48 -31.91
CA GLU B 228 22.57 -28.05 -30.91
C GLU B 228 23.80 -27.21 -30.74
N ALA B 229 24.02 -26.21 -31.60
CA ALA B 229 25.20 -25.34 -31.47
C ALA B 229 25.06 -24.51 -30.21
N SER B 230 23.85 -23.97 -29.96
CA SER B 230 23.51 -23.29 -28.68
C SER B 230 23.31 -24.63 -27.96
N GLN B 231 23.04 -24.72 -26.69
CA GLN B 231 22.93 -26.12 -26.29
C GLN B 231 21.45 -26.51 -26.18
N SER B 232 20.69 -26.14 -27.21
CA SER B 232 19.26 -26.39 -27.26
C SER B 232 18.99 -27.82 -27.53
N THR B 233 17.81 -28.29 -27.12
CA THR B 233 17.46 -29.67 -27.34
C THR B 233 16.32 -29.71 -28.33
N SER B 234 16.03 -28.62 -29.00
CA SER B 234 14.95 -28.61 -29.97
C SER B 234 15.23 -27.59 -31.00
N PRO B 235 14.84 -27.84 -32.25
CA PRO B 235 15.07 -26.91 -33.32
C PRO B 235 14.15 -25.71 -33.28
N PHE B 236 13.26 -25.65 -32.29
CA PHE B 236 12.35 -24.53 -32.23
C PHE B 236 12.79 -23.31 -31.49
N TRP B 237 13.97 -23.37 -30.91
CA TRP B 237 14.52 -22.25 -30.20
C TRP B 237 16.01 -22.51 -30.15
N TYR B 238 16.78 -21.49 -30.44
CA TYR B 238 18.19 -21.68 -30.46
C TYR B 238 18.73 -20.28 -30.61
N SER B 239 20.03 -20.15 -30.84
CA SER B 239 20.62 -18.85 -31.09
C SER B 239 21.83 -19.04 -31.95
N ILE B 240 22.28 -17.93 -32.52
CA ILE B 240 23.46 -17.92 -33.37
C ILE B 240 24.07 -16.56 -33.20
N LYS B 241 25.36 -16.47 -33.38
CA LYS B 241 26.05 -15.21 -33.31
C LYS B 241 26.46 -14.97 -34.75
N ARG B 242 26.38 -13.74 -35.23
CA ARG B 242 26.80 -13.46 -36.60
C ARG B 242 27.22 -12.00 -36.67
N ALA B 243 28.48 -11.77 -37.05
CA ALA B 243 29.03 -10.43 -37.13
C ALA B 243 29.02 -9.88 -35.71
N SER B 244 28.31 -8.78 -35.52
CA SER B 244 28.26 -8.14 -34.23
C SER B 244 26.97 -8.42 -33.48
N ALA B 245 26.12 -9.28 -34.03
CA ALA B 245 24.85 -9.58 -33.37
C ALA B 245 24.78 -10.94 -32.74
N HIS B 246 23.96 -11.04 -31.68
CA HIS B 246 23.71 -12.28 -30.97
C HIS B 246 22.19 -12.36 -31.11
N ILE B 247 21.76 -13.32 -31.90
CA ILE B 247 20.37 -13.51 -32.20
C ILE B 247 19.84 -14.71 -31.44
N ILE B 248 18.69 -14.54 -30.81
CA ILE B 248 18.02 -15.59 -30.03
C ILE B 248 16.66 -15.81 -30.66
N VAL B 249 16.36 -17.03 -31.06
CA VAL B 249 15.07 -17.34 -31.69
C VAL B 249 14.20 -18.11 -30.71
N LEU B 250 12.95 -17.73 -30.57
CA LEU B 250 12.05 -18.41 -29.64
C LEU B 250 10.83 -19.03 -30.35
N SER B 251 10.03 -19.80 -29.62
CA SER B 251 8.93 -20.50 -30.23
C SER B 251 7.68 -20.20 -29.50
N SER B 252 6.88 -19.30 -30.05
CA SER B 252 5.64 -18.92 -29.43
C SER B 252 4.69 -20.07 -29.22
N TYR B 253 4.82 -21.08 -30.05
CA TYR B 253 3.89 -22.20 -30.00
C TYR B 253 4.40 -23.47 -29.37
N SER B 254 5.63 -23.36 -28.88
CA SER B 254 6.27 -24.43 -28.12
C SER B 254 5.90 -24.02 -26.68
N ALA B 255 6.44 -24.70 -25.66
CA ALA B 255 6.13 -24.36 -24.28
C ALA B 255 7.19 -23.49 -23.57
N TYR B 256 6.75 -22.58 -22.70
CA TYR B 256 7.66 -21.70 -21.97
C TYR B 256 7.37 -21.66 -20.48
N GLY B 257 6.54 -22.58 -20.00
CA GLY B 257 6.25 -22.61 -18.57
C GLY B 257 7.54 -22.67 -17.79
N ARG B 258 7.48 -22.47 -16.50
CA ARG B 258 8.69 -22.47 -15.73
C ARG B 258 9.16 -23.92 -15.60
N GLY B 259 10.41 -24.15 -15.91
CA GLY B 259 10.96 -25.48 -15.80
C GLY B 259 11.02 -26.25 -17.11
N THR B 260 10.25 -25.80 -18.09
CA THR B 260 10.21 -26.46 -19.37
C THR B 260 11.55 -26.28 -20.07
N PRO B 261 11.82 -27.08 -21.09
CA PRO B 261 13.10 -26.92 -21.76
C PRO B 261 13.34 -25.57 -22.36
N GLN B 262 12.35 -24.98 -23.05
CA GLN B 262 12.58 -23.68 -23.65
C GLN B 262 12.87 -22.59 -22.59
N TYR B 263 12.05 -22.55 -21.55
CA TYR B 263 12.25 -21.59 -20.49
C TYR B 263 13.67 -21.77 -19.92
N THR B 264 13.99 -22.99 -19.51
CA THR B 264 15.31 -23.31 -18.97
C THR B 264 16.44 -22.89 -19.90
N TRP B 265 16.26 -23.16 -21.18
CA TRP B 265 17.27 -22.81 -22.15
C TRP B 265 17.49 -21.31 -22.21
N LEU B 266 16.42 -20.55 -22.47
CA LEU B 266 16.52 -19.12 -22.59
C LEU B 266 17.19 -18.50 -21.40
N LYS B 267 16.86 -19.00 -20.22
CA LYS B 267 17.43 -18.44 -19.00
C LYS B 267 18.92 -18.54 -19.03
N LYS B 268 19.48 -19.71 -19.29
CA LYS B 268 20.92 -19.82 -19.37
C LYS B 268 21.52 -19.09 -20.56
N GLU B 269 20.79 -19.03 -21.65
CA GLU B 269 21.34 -18.39 -22.81
C GLU B 269 21.53 -16.93 -22.57
N LEU B 270 20.56 -16.28 -21.94
CA LEU B 270 20.70 -14.85 -21.71
C LEU B 270 21.98 -14.56 -20.95
N ARG B 271 22.37 -15.46 -20.05
CA ARG B 271 23.60 -15.31 -19.29
C ARG B 271 24.83 -15.53 -20.14
N LYS B 272 24.72 -16.27 -21.24
CA LYS B 272 25.91 -16.53 -22.04
C LYS B 272 26.22 -15.40 -23.02
N VAL B 273 25.34 -14.39 -23.09
CA VAL B 273 25.52 -13.28 -24.00
C VAL B 273 26.63 -12.37 -23.51
N LYS B 274 27.60 -12.04 -24.36
CA LYS B 274 28.70 -11.14 -24.00
C LYS B 274 28.63 -9.93 -24.92
N ARG B 275 28.23 -8.78 -24.41
CA ARG B 275 28.13 -7.60 -25.27
C ARG B 275 29.44 -6.95 -25.65
N SER B 276 30.52 -7.35 -24.98
CA SER B 276 31.83 -6.87 -25.30
C SER B 276 32.23 -7.57 -26.55
N GLU B 277 31.53 -8.66 -26.85
CA GLU B 277 31.77 -9.49 -28.01
C GLU B 277 30.74 -9.22 -29.10
N THR B 278 29.45 -9.31 -28.81
CA THR B 278 28.44 -9.05 -29.82
C THR B 278 27.57 -8.04 -29.17
N PRO B 279 27.85 -6.79 -29.46
CA PRO B 279 27.11 -5.67 -28.89
C PRO B 279 25.62 -5.74 -29.09
N TRP B 280 25.21 -6.14 -30.27
CA TRP B 280 23.78 -6.16 -30.58
C TRP B 280 23.06 -7.41 -30.20
N LEU B 281 22.00 -7.27 -29.41
CA LEU B 281 21.25 -8.42 -28.94
C LEU B 281 19.86 -8.36 -29.55
N ILE B 282 19.54 -9.30 -30.42
CA ILE B 282 18.27 -9.36 -31.13
C ILE B 282 17.48 -10.58 -30.75
N VAL B 283 16.18 -10.47 -30.68
CA VAL B 283 15.39 -11.63 -30.34
C VAL B 283 14.33 -11.77 -31.40
N LEU B 284 14.02 -13.02 -31.79
CA LEU B 284 12.98 -13.30 -32.79
C LEU B 284 11.91 -14.19 -32.18
N MET B 285 10.67 -13.99 -32.61
CA MET B 285 9.51 -14.73 -32.17
C MET B 285 8.36 -14.42 -33.16
N HIS B 286 7.36 -15.27 -33.22
CA HIS B 286 6.32 -15.03 -34.18
C HIS B 286 5.27 -14.14 -33.64
N SER B 287 4.67 -14.52 -32.52
CA SER B 287 3.61 -13.71 -31.91
C SER B 287 4.26 -12.62 -31.13
N PRO B 288 3.94 -11.37 -31.50
CA PRO B 288 4.40 -10.10 -30.94
C PRO B 288 3.86 -9.83 -29.51
N LEU B 289 4.77 -9.37 -28.62
CA LEU B 289 4.42 -9.06 -27.22
C LEU B 289 3.60 -7.78 -27.02
N TYR B 290 3.95 -6.81 -27.86
CA TYR B 290 3.37 -5.47 -27.96
C TYR B 290 2.81 -5.34 -29.39
N ASN B 291 1.48 -5.17 -29.47
CA ASN B 291 0.74 -5.04 -30.75
C ASN B 291 -0.61 -4.35 -30.55
N SER B 292 -0.85 -3.28 -31.32
CA SER B 292 -2.09 -2.52 -31.19
C SER B 292 -3.08 -2.71 -32.31
N TYR B 293 -2.95 -3.79 -33.07
CA TYR B 293 -3.93 -4.05 -34.12
C TYR B 293 -4.96 -4.94 -33.51
N ASN B 294 -6.14 -5.01 -34.10
CA ASN B 294 -7.20 -5.82 -33.53
C ASN B 294 -6.97 -7.30 -33.73
N HIS B 295 -6.38 -7.60 -34.88
CA HIS B 295 -6.09 -8.98 -35.23
C HIS B 295 -4.97 -9.51 -34.34
N HIS B 296 -5.28 -10.56 -33.56
CA HIS B 296 -4.28 -11.16 -32.68
C HIS B 296 -3.92 -10.22 -31.56
N PHE B 297 -4.87 -9.39 -31.19
CA PHE B 297 -4.61 -8.45 -30.12
C PHE B 297 -4.48 -9.24 -28.81
N MET B 298 -3.35 -9.05 -28.11
CA MET B 298 -3.10 -9.67 -26.80
C MET B 298 -2.81 -11.19 -26.73
N GLU B 299 -2.37 -11.76 -27.83
CA GLU B 299 -2.01 -13.15 -27.82
C GLU B 299 -0.63 -13.26 -27.21
N GLY B 300 0.18 -12.22 -27.34
CA GLY B 300 1.52 -12.22 -26.79
C GLY B 300 1.56 -12.06 -25.29
N GLU B 301 0.42 -11.89 -24.67
CA GLU B 301 0.39 -11.73 -23.25
C GLU B 301 1.09 -12.83 -22.49
N ALA B 302 0.65 -14.06 -22.67
CA ALA B 302 1.27 -15.17 -21.95
C ALA B 302 2.81 -15.13 -21.98
N MET B 303 3.38 -15.16 -23.18
CA MET B 303 4.83 -15.14 -23.28
C MET B 303 5.37 -13.89 -22.69
N ARG B 304 4.60 -12.80 -22.76
CA ARG B 304 5.07 -11.53 -22.24
C ARG B 304 5.28 -11.63 -20.77
N THR B 305 4.29 -12.21 -20.09
CA THR B 305 4.33 -12.33 -18.66
C THR B 305 5.45 -13.19 -18.22
N LYS B 306 6.08 -13.87 -19.14
CA LYS B 306 7.15 -14.74 -18.77
C LYS B 306 8.50 -14.26 -19.21
N PHE B 307 8.62 -13.57 -20.32
CA PHE B 307 9.95 -13.19 -20.72
C PHE B 307 10.27 -11.70 -20.69
N GLU B 308 9.26 -10.84 -20.60
CA GLU B 308 9.54 -9.42 -20.66
C GLU B 308 10.61 -8.94 -19.73
N ALA B 309 10.48 -9.23 -18.46
CA ALA B 309 11.51 -8.77 -17.53
C ALA B 309 12.93 -9.17 -17.93
N TRP B 310 13.09 -10.38 -18.44
CA TRP B 310 14.42 -10.84 -18.78
C TRP B 310 14.97 -9.95 -19.84
N PHE B 311 14.13 -9.62 -20.81
CA PHE B 311 14.54 -8.77 -21.93
C PHE B 311 14.99 -7.42 -21.42
N VAL B 312 14.20 -6.85 -20.53
CA VAL B 312 14.55 -5.56 -19.99
C VAL B 312 15.81 -5.69 -19.18
N LYS B 313 15.82 -6.67 -18.29
CA LYS B 313 16.98 -6.92 -17.44
C LYS B 313 18.27 -7.07 -18.24
N TYR B 314 18.21 -7.65 -19.43
CA TYR B 314 19.43 -7.82 -20.24
C TYR B 314 19.58 -6.79 -21.33
N LYS B 315 18.64 -5.84 -21.32
CA LYS B 315 18.70 -4.75 -22.25
C LYS B 315 18.75 -5.25 -23.66
N VAL B 316 17.84 -6.13 -24.05
CA VAL B 316 17.91 -6.54 -25.45
C VAL B 316 17.51 -5.33 -26.31
N ASP B 317 18.18 -5.13 -27.42
CA ASP B 317 17.91 -4.01 -28.30
C ASP B 317 16.60 -3.99 -29.04
N VAL B 318 16.31 -5.03 -29.81
CA VAL B 318 15.06 -5.14 -30.60
C VAL B 318 14.43 -6.52 -30.46
N VAL B 319 13.13 -6.60 -30.72
CA VAL B 319 12.44 -7.90 -30.69
C VAL B 319 11.55 -7.91 -31.92
N PHE B 320 11.92 -8.62 -32.97
CA PHE B 320 11.12 -8.67 -34.21
C PHE B 320 10.08 -9.77 -34.15
N ALA B 321 8.89 -9.53 -34.66
CA ALA B 321 7.84 -10.55 -34.64
C ALA B 321 7.07 -10.36 -35.91
N GLY B 322 6.15 -11.26 -36.15
CA GLY B 322 5.33 -11.18 -37.35
C GLY B 322 3.94 -11.43 -36.84
N HIS B 323 3.19 -12.31 -37.48
CA HIS B 323 1.85 -12.70 -37.05
C HIS B 323 0.74 -11.71 -37.35
N VAL B 324 0.99 -10.42 -37.17
CA VAL B 324 -0.02 -9.44 -37.54
C VAL B 324 0.43 -8.97 -38.92
N HIS B 325 -0.41 -9.16 -39.91
CA HIS B 325 -0.05 -8.78 -41.26
C HIS B 325 -0.15 -7.28 -41.47
N ALA B 326 0.85 -6.56 -40.95
CA ALA B 326 0.97 -5.09 -40.99
C ALA B 326 2.29 -4.72 -40.34
N TYR B 327 2.56 -3.44 -40.19
CA TYR B 327 3.81 -2.99 -39.59
C TYR B 327 3.48 -2.19 -38.38
N GLU B 328 4.40 -2.16 -37.42
CA GLU B 328 4.23 -1.41 -36.18
C GLU B 328 5.56 -1.36 -35.48
N ARG B 329 5.85 -0.23 -34.85
CA ARG B 329 7.11 -0.01 -34.15
C ARG B 329 6.77 0.57 -32.81
N SER B 330 7.52 0.26 -31.76
CA SER B 330 7.17 0.78 -30.46
C SER B 330 8.17 1.68 -29.83
N GLU B 331 7.81 2.13 -28.64
CA GLU B 331 8.65 2.98 -27.84
C GLU B 331 9.35 2.03 -26.92
N ARG B 332 10.55 2.37 -26.46
CA ARG B 332 11.22 1.50 -25.52
C ARG B 332 10.28 1.62 -24.34
N VAL B 333 9.60 0.52 -24.07
CA VAL B 333 8.59 0.45 -23.06
C VAL B 333 8.64 -0.87 -22.30
N SER B 334 8.24 -0.82 -21.05
CA SER B 334 8.22 -1.99 -20.22
C SER B 334 6.86 -1.98 -19.54
N ASN B 335 6.42 -3.09 -18.97
CA ASN B 335 5.15 -3.15 -18.25
C ASN B 335 5.38 -4.25 -17.25
N ILE B 336 6.43 -4.11 -16.47
CA ILE B 336 6.79 -5.16 -15.57
C ILE B 336 6.64 -4.88 -14.08
N ALA B 337 5.58 -4.18 -13.69
CA ALA B 337 5.42 -3.86 -12.27
C ALA B 337 4.18 -4.41 -11.60
N TYR B 338 3.35 -5.03 -12.42
CA TYR B 338 2.08 -5.57 -11.96
C TYR B 338 2.24 -6.60 -10.90
N LYS B 339 1.36 -6.55 -9.92
CA LYS B 339 1.37 -7.50 -8.86
C LYS B 339 -0.05 -7.81 -8.53
N ILE B 340 -0.89 -7.87 -9.56
CA ILE B 340 -2.30 -8.21 -9.42
C ILE B 340 -3.14 -7.13 -8.82
N THR B 341 -2.89 -6.87 -7.56
CA THR B 341 -3.67 -5.88 -6.85
C THR B 341 -3.12 -4.48 -6.83
N ASP B 342 -1.85 -4.28 -7.15
CA ASP B 342 -1.33 -2.95 -7.06
C ASP B 342 -1.68 -2.03 -8.20
N GLY B 343 -2.53 -2.47 -9.10
CA GLY B 343 -2.91 -1.58 -10.19
C GLY B 343 -1.84 -1.00 -11.13
N LEU B 344 -0.59 -1.43 -11.01
CA LEU B 344 0.46 -0.95 -11.91
C LEU B 344 0.55 -1.73 -13.26
N CYS B 345 -0.53 -1.66 -14.02
CA CYS B 345 -0.56 -2.38 -15.27
C CYS B 345 -0.62 -1.51 -16.50
N THR B 346 0.31 -0.59 -16.63
CA THR B 346 0.30 0.25 -17.81
C THR B 346 1.69 0.46 -18.27
N PRO B 347 1.92 0.17 -19.54
CA PRO B 347 3.21 0.31 -20.20
C PRO B 347 3.76 1.70 -19.99
N VAL B 348 4.97 1.79 -19.43
CA VAL B 348 5.65 3.05 -19.16
C VAL B 348 6.95 3.11 -19.95
N LYS B 349 7.39 4.30 -20.33
CA LYS B 349 8.63 4.35 -21.09
C LYS B 349 9.73 3.76 -20.23
N ASP B 350 10.59 2.95 -20.85
CA ASP B 350 11.68 2.34 -20.13
C ASP B 350 12.81 2.30 -21.11
N GLN B 351 13.93 2.90 -20.76
CA GLN B 351 15.04 2.92 -21.71
C GLN B 351 15.91 1.71 -21.65
N SER B 352 15.51 0.72 -20.87
CA SER B 352 16.28 -0.52 -20.81
C SER B 352 15.55 -1.58 -21.59
N ALA B 353 14.28 -1.27 -21.86
CA ALA B 353 13.42 -2.14 -22.61
C ALA B 353 13.82 -2.00 -24.07
N PRO B 354 13.63 -3.08 -24.83
CA PRO B 354 13.94 -3.09 -26.26
C PRO B 354 12.82 -2.40 -27.04
N VAL B 355 13.00 -2.24 -28.33
CA VAL B 355 11.99 -1.66 -29.18
C VAL B 355 11.29 -2.89 -29.76
N TYR B 356 9.97 -2.96 -29.64
CA TYR B 356 9.23 -4.10 -30.21
C TYR B 356 8.69 -3.72 -31.60
N ILE B 357 9.27 -4.32 -32.65
CA ILE B 357 8.85 -4.10 -34.05
C ILE B 357 8.10 -5.34 -34.55
N THR B 358 7.14 -5.15 -35.46
CA THR B 358 6.41 -6.28 -36.02
C THR B 358 6.33 -6.17 -37.55
N ILE B 359 6.99 -7.09 -38.26
CA ILE B 359 6.98 -7.08 -39.71
C ILE B 359 6.34 -8.28 -40.36
N GLY B 360 5.13 -8.61 -39.96
CA GLY B 360 4.48 -9.76 -40.60
C GLY B 360 3.69 -9.33 -41.82
N ASP B 361 4.19 -8.31 -42.49
CA ASP B 361 3.47 -7.77 -43.62
C ASP B 361 4.16 -8.08 -44.94
N ALA B 362 4.89 -9.19 -45.03
CA ALA B 362 5.56 -9.48 -46.29
C ALA B 362 4.63 -10.00 -47.36
N GLY B 363 3.38 -10.34 -47.02
CA GLY B 363 2.47 -10.80 -48.05
C GLY B 363 1.41 -11.85 -47.77
N ASN B 364 1.81 -12.89 -47.03
CA ASN B 364 0.93 -13.99 -46.74
C ASN B 364 0.13 -14.36 -47.98
N TYR B 365 -1.15 -14.62 -47.83
CA TYR B 365 -1.94 -14.99 -48.98
C TYR B 365 -2.62 -13.77 -49.54
N GLY B 366 -1.88 -12.66 -49.52
CA GLY B 366 -2.38 -11.41 -50.04
C GLY B 366 -3.37 -10.66 -49.19
N VAL B 367 -3.26 -10.74 -47.87
CA VAL B 367 -4.21 -10.02 -47.04
C VAL B 367 -3.51 -9.19 -45.96
N ILE B 368 -4.03 -7.97 -45.74
CA ILE B 368 -3.49 -7.05 -44.75
C ILE B 368 -4.44 -6.82 -43.56
N ASP B 369 -3.86 -6.64 -42.37
CA ASP B 369 -4.63 -6.37 -41.17
C ASP B 369 -4.63 -4.86 -41.03
N SER B 370 -5.80 -4.27 -41.28
CA SER B 370 -5.96 -2.83 -41.22
C SER B 370 -6.64 -2.26 -39.95
N ASN B 371 -7.52 -3.01 -39.27
CA ASN B 371 -8.17 -2.48 -38.06
C ASN B 371 -7.13 -2.25 -36.99
N MET B 372 -7.12 -1.05 -36.42
CA MET B 372 -6.16 -0.77 -35.39
C MET B 372 -6.95 -0.45 -34.18
N ILE B 373 -6.30 -0.49 -33.04
CA ILE B 373 -7.01 -0.18 -31.82
C ILE B 373 -7.00 1.35 -31.83
N GLN B 374 -8.19 1.94 -31.86
CA GLN B 374 -8.27 3.41 -31.90
C GLN B 374 -8.65 4.02 -30.57
N PRO B 375 -7.83 4.97 -30.11
CA PRO B 375 -6.64 5.58 -30.70
C PRO B 375 -5.27 4.91 -30.44
N GLN B 376 -4.29 5.22 -31.31
CA GLN B 376 -2.94 4.68 -31.21
C GLN B 376 -2.46 4.89 -29.79
N PRO B 377 -2.25 3.81 -29.06
CA PRO B 377 -1.79 3.90 -27.68
C PRO B 377 -0.40 4.46 -27.63
N GLU B 378 -0.10 4.95 -26.45
CA GLU B 378 1.17 5.60 -26.15
C GLU B 378 2.37 4.77 -26.54
N TYR B 379 2.38 3.49 -26.15
CA TYR B 379 3.53 2.62 -26.44
C TYR B 379 3.83 2.41 -27.93
N SER B 380 2.82 2.62 -28.75
CA SER B 380 2.97 2.46 -30.16
C SER B 380 3.59 3.70 -30.79
N ALA B 381 4.79 3.59 -31.34
CA ALA B 381 5.44 4.73 -31.96
C ALA B 381 5.02 4.96 -33.39
N PHE B 382 4.66 3.91 -34.10
CA PHE B 382 4.33 4.07 -35.51
C PHE B 382 3.66 2.81 -36.01
N ARG B 383 2.57 2.92 -36.73
CA ARG B 383 1.96 1.71 -37.26
C ARG B 383 1.37 1.97 -38.59
N GLU B 384 1.47 0.99 -39.48
CA GLU B 384 0.88 1.12 -40.81
C GLU B 384 0.56 -0.23 -41.39
N ALA B 385 -0.59 -0.29 -42.05
CA ALA B 385 -1.09 -1.49 -42.69
C ALA B 385 -0.72 -1.54 -44.16
N SER B 386 0.55 -1.81 -44.44
CA SER B 386 1.04 -1.94 -45.82
C SER B 386 1.94 -3.17 -45.93
N PHE B 387 2.11 -3.68 -47.15
CA PHE B 387 2.96 -4.82 -47.29
C PHE B 387 4.35 -4.26 -47.39
N GLY B 388 5.34 -5.06 -47.01
CA GLY B 388 6.71 -4.62 -47.10
C GLY B 388 7.64 -5.52 -46.31
N HIS B 389 8.90 -5.16 -46.26
CA HIS B 389 9.90 -5.90 -45.54
C HIS B 389 10.72 -4.85 -44.78
N GLY B 390 11.76 -5.25 -44.04
CA GLY B 390 12.55 -4.26 -43.30
C GLY B 390 14.02 -4.57 -43.45
N MET B 391 14.87 -3.66 -42.97
CA MET B 391 16.32 -3.89 -43.01
C MET B 391 16.82 -3.35 -41.70
N PHE B 392 17.78 -4.03 -41.09
CA PHE B 392 18.36 -3.61 -39.82
C PHE B 392 19.85 -3.53 -40.09
N ASP B 393 20.34 -2.30 -40.20
CA ASP B 393 21.71 -2.09 -40.57
C ASP B 393 22.65 -1.76 -39.48
N ILE B 394 23.41 -2.74 -39.07
CA ILE B 394 24.34 -2.49 -38.01
C ILE B 394 25.52 -1.74 -38.59
N LYS B 395 25.81 -0.60 -37.99
CA LYS B 395 26.94 0.21 -38.40
C LYS B 395 28.12 0.17 -37.44
N ASN B 396 27.80 0.37 -36.16
CA ASN B 396 28.80 0.51 -35.10
C ASN B 396 28.45 -0.43 -33.96
N ARG B 397 29.17 -0.28 -32.87
CA ARG B 397 28.87 -1.01 -31.65
C ARG B 397 27.78 -0.15 -30.96
N THR B 398 27.59 1.09 -31.41
CA THR B 398 26.60 2.05 -30.85
C THR B 398 25.43 2.35 -31.78
N HIS B 399 25.69 2.22 -33.08
CA HIS B 399 24.66 2.52 -34.07
C HIS B 399 24.24 1.42 -35.03
N ALA B 400 22.94 1.44 -35.30
CA ALA B 400 22.33 0.52 -36.20
C ALA B 400 21.14 1.29 -36.74
N HIS B 401 20.83 1.08 -37.99
CA HIS B 401 19.74 1.80 -38.56
C HIS B 401 18.67 0.89 -39.14
N PHE B 402 17.45 1.05 -38.67
CA PHE B 402 16.36 0.24 -39.14
C PHE B 402 15.56 0.98 -40.20
N SER B 403 15.04 0.27 -41.20
CA SER B 403 14.28 0.90 -42.29
C SER B 403 13.10 0.02 -42.60
N TRP B 404 12.04 0.58 -43.13
CA TRP B 404 10.85 -0.17 -43.49
C TRP B 404 10.48 0.30 -44.87
N ASN B 405 10.64 -0.54 -45.88
CA ASN B 405 10.30 -0.18 -47.26
C ASN B 405 8.90 -0.68 -47.71
N ARG B 406 7.96 0.22 -47.97
CA ARG B 406 6.64 -0.26 -48.40
C ARG B 406 6.68 -0.82 -49.80
N ASN B 407 5.72 -1.68 -50.10
CA ASN B 407 5.68 -2.28 -51.40
C ASN B 407 5.28 -1.28 -52.42
N GLN B 408 4.43 -0.33 -52.02
CA GLN B 408 3.94 0.73 -52.92
C GLN B 408 5.01 1.75 -53.31
N ASP B 409 5.98 1.94 -52.44
CA ASP B 409 7.03 2.90 -52.72
C ASP B 409 8.00 2.23 -53.63
N GLY B 410 8.98 3.00 -54.08
CA GLY B 410 9.97 2.44 -54.97
C GLY B 410 10.95 1.76 -54.07
N VAL B 411 11.75 0.93 -54.69
CA VAL B 411 12.77 0.17 -54.00
C VAL B 411 13.62 0.89 -52.98
N ALA B 412 13.88 2.17 -53.22
CA ALA B 412 14.72 2.89 -52.28
C ALA B 412 14.00 3.81 -51.30
N VAL B 413 12.68 3.79 -51.29
CA VAL B 413 11.94 4.64 -50.38
C VAL B 413 11.64 4.06 -48.99
N GLU B 414 12.36 4.56 -48.00
CA GLU B 414 12.18 4.10 -46.65
C GLU B 414 10.98 4.81 -46.06
N ALA B 415 9.80 4.19 -46.07
CA ALA B 415 8.61 4.82 -45.49
C ALA B 415 8.70 4.97 -43.95
N ASP B 416 9.77 4.46 -43.36
CA ASP B 416 9.96 4.62 -41.93
C ASP B 416 11.44 4.40 -41.76
N SER B 417 12.03 5.08 -40.81
CA SER B 417 13.45 4.96 -40.59
C SER B 417 13.71 5.40 -39.17
N VAL B 418 14.69 4.76 -38.51
CA VAL B 418 14.99 5.02 -37.11
C VAL B 418 16.41 4.60 -36.79
N TRP B 419 17.09 5.37 -35.94
CA TRP B 419 18.43 4.96 -35.57
C TRP B 419 18.31 4.27 -34.24
N PHE B 420 19.03 3.18 -34.04
CA PHE B 420 18.98 2.46 -32.80
C PHE B 420 20.27 2.79 -32.07
N PHE B 421 20.15 3.14 -30.80
CA PHE B 421 21.33 3.44 -30.00
C PHE B 421 21.44 2.25 -29.10
N ASN B 422 22.60 1.61 -29.20
CA ASN B 422 22.81 0.40 -28.45
C ASN B 422 22.52 0.47 -26.97
N ARG B 423 21.56 -0.33 -26.50
CA ARG B 423 21.19 -0.36 -25.06
C ARG B 423 22.34 -0.64 -24.11
N HIS B 424 23.45 -1.11 -24.64
CA HIS B 424 24.58 -1.38 -23.82
C HIS B 424 25.65 -0.36 -23.98
N TRP B 425 25.85 0.20 -25.16
CA TRP B 425 26.91 1.18 -25.29
C TRP B 425 26.37 2.54 -25.71
N TYR B 426 25.09 2.77 -25.61
CA TYR B 426 24.68 4.03 -26.08
C TYR B 426 23.27 4.25 -25.68
N PRO B 427 22.99 4.12 -24.39
CA PRO B 427 21.68 4.26 -23.76
C PRO B 427 20.91 5.55 -23.95
N VAL B 428 21.39 6.44 -24.81
CA VAL B 428 20.68 7.69 -24.99
C VAL B 428 19.40 7.40 -25.66
N ASP B 429 18.42 8.22 -25.32
CA ASP B 429 17.08 8.12 -25.84
C ASP B 429 16.98 8.08 -27.35
N ASP B 430 16.43 6.93 -27.78
CA ASP B 430 16.12 6.49 -29.15
C ASP B 430 14.71 7.00 -29.43
N SER B 431 13.79 6.40 -28.68
CA SER B 431 12.35 6.66 -28.71
C SER B 431 11.92 7.94 -29.45
N THR B 432 11.31 7.74 -30.61
CA THR B 432 10.83 8.82 -31.45
C THR B 432 9.29 8.81 -31.44
N ARG C 9 13.44 -34.86 5.17
CA ARG C 9 12.49 -35.57 6.11
C ARG C 9 11.87 -36.73 5.35
N ASP C 10 12.58 -37.17 4.32
CA ASP C 10 12.07 -38.26 3.51
C ASP C 10 12.18 -39.57 4.28
N MET C 11 11.14 -40.39 4.19
CA MET C 11 11.15 -41.65 4.89
C MET C 11 12.26 -42.43 4.28
N PRO C 12 13.07 -43.04 5.14
CA PRO C 12 14.22 -43.86 4.74
C PRO C 12 13.79 -45.11 3.96
N LEU C 13 14.70 -45.63 3.14
CA LEU C 13 14.43 -46.78 2.30
C LEU C 13 13.89 -47.97 3.03
N ASP C 14 14.28 -48.15 4.28
CA ASP C 14 13.78 -49.27 5.03
C ASP C 14 12.36 -49.10 5.59
N SER C 15 11.85 -47.89 5.58
CA SER C 15 10.53 -47.64 6.12
C SER C 15 9.54 -48.73 5.74
N ASP C 16 8.85 -49.22 6.74
CA ASP C 16 7.84 -50.25 6.57
C ASP C 16 6.95 -50.00 5.42
N VAL C 17 6.78 -48.72 5.13
CA VAL C 17 5.92 -48.30 4.09
C VAL C 17 6.46 -48.71 2.73
N PHE C 18 7.76 -48.82 2.60
CA PHE C 18 8.37 -49.20 1.33
C PHE C 18 8.65 -50.71 1.16
N ARG C 19 8.27 -51.56 2.12
CA ARG C 19 8.54 -53.00 2.02
C ARG C 19 8.02 -53.65 0.75
N VAL C 20 8.78 -54.54 0.17
CA VAL C 20 8.32 -55.19 -1.03
C VAL C 20 7.58 -56.45 -0.72
N PRO C 21 6.40 -56.60 -1.33
CA PRO C 21 5.54 -57.74 -1.15
C PRO C 21 6.37 -58.95 -1.43
N PRO C 22 6.26 -59.98 -0.57
CA PRO C 22 6.95 -61.26 -0.60
C PRO C 22 6.41 -62.18 -1.67
N GLY C 23 7.33 -63.02 -2.21
CA GLY C 23 6.97 -63.96 -3.26
C GLY C 23 7.85 -63.72 -4.47
N TYR C 24 8.07 -64.75 -5.29
CA TYR C 24 8.92 -64.59 -6.44
C TYR C 24 8.16 -63.82 -7.46
N ASN C 25 8.78 -62.76 -7.95
CA ASN C 25 8.17 -61.91 -8.98
C ASN C 25 6.76 -61.55 -8.55
N ALA C 26 6.66 -60.96 -7.36
CA ALA C 26 5.39 -60.53 -6.82
C ALA C 26 5.07 -59.11 -7.30
N PRO C 27 3.86 -58.90 -7.81
CA PRO C 27 3.39 -57.62 -8.33
C PRO C 27 3.57 -56.57 -7.25
N GLN C 28 4.25 -55.49 -7.59
CA GLN C 28 4.41 -54.46 -6.62
C GLN C 28 4.06 -53.20 -7.35
N GLN C 29 3.87 -52.16 -6.54
CA GLN C 29 3.52 -50.85 -7.06
C GLN C 29 2.18 -50.88 -7.78
N VAL C 30 1.20 -51.60 -7.23
CA VAL C 30 -0.11 -51.68 -7.90
C VAL C 30 -0.88 -50.36 -7.84
N HIS C 31 -1.48 -49.97 -8.95
CA HIS C 31 -2.23 -48.73 -9.01
C HIS C 31 -3.22 -48.69 -10.15
N ILE C 32 -4.41 -48.14 -9.90
CA ILE C 32 -5.47 -48.08 -10.91
C ILE C 32 -5.92 -46.65 -11.24
N THR C 33 -6.73 -46.47 -12.29
CA THR C 33 -7.34 -45.18 -12.72
C THR C 33 -8.47 -45.48 -13.63
N GLN C 34 -9.24 -44.46 -13.93
CA GLN C 34 -10.34 -44.67 -14.80
C GLN C 34 -9.76 -44.93 -16.17
N GLY C 35 -10.28 -45.95 -16.85
CA GLY C 35 -9.80 -46.29 -18.17
C GLY C 35 -10.63 -45.82 -19.36
N ASP C 36 -11.78 -45.20 -19.11
CA ASP C 36 -12.62 -44.70 -20.19
C ASP C 36 -13.19 -43.34 -19.84
N LEU C 37 -14.03 -42.81 -20.70
CA LEU C 37 -14.61 -41.53 -20.41
C LEU C 37 -15.68 -41.45 -19.32
N VAL C 38 -16.43 -42.53 -19.14
CA VAL C 38 -17.55 -42.50 -18.21
C VAL C 38 -17.63 -43.37 -16.97
N GLY C 39 -16.59 -44.15 -16.70
CA GLY C 39 -16.61 -44.94 -15.49
C GLY C 39 -16.63 -46.44 -15.60
N ARG C 40 -16.81 -46.98 -16.80
CA ARG C 40 -16.81 -48.44 -16.87
C ARG C 40 -15.59 -49.16 -17.42
N ALA C 41 -14.41 -48.69 -17.04
CA ALA C 41 -13.18 -49.30 -17.49
C ALA C 41 -12.15 -48.83 -16.51
N MET C 42 -11.16 -49.66 -16.24
CA MET C 42 -10.12 -49.28 -15.30
C MET C 42 -8.84 -49.62 -15.92
N ILE C 43 -7.79 -48.92 -15.54
CA ILE C 43 -6.50 -49.27 -16.07
C ILE C 43 -5.76 -49.80 -14.90
N ILE C 44 -5.37 -51.06 -14.97
CA ILE C 44 -4.61 -51.68 -13.87
C ILE C 44 -3.14 -51.63 -14.25
N SER C 45 -2.30 -51.16 -13.34
CA SER C 45 -0.86 -51.06 -13.62
C SER C 45 -0.03 -51.59 -12.48
N TRP C 46 1.04 -52.33 -12.77
CA TRP C 46 1.91 -52.79 -11.67
C TRP C 46 3.28 -53.04 -12.20
N VAL C 47 4.14 -53.45 -11.28
CA VAL C 47 5.50 -53.73 -11.66
C VAL C 47 5.96 -55.06 -11.08
N THR C 48 6.70 -55.82 -11.88
CA THR C 48 7.26 -57.13 -11.51
C THR C 48 8.74 -56.89 -11.67
N MET C 49 9.54 -57.39 -10.74
CA MET C 49 10.97 -57.12 -10.78
C MET C 49 11.89 -58.27 -11.12
N ASP C 50 11.46 -59.49 -10.84
CA ASP C 50 12.26 -60.68 -11.10
C ASP C 50 12.32 -61.05 -12.56
N GLU C 51 11.18 -61.09 -13.19
CA GLU C 51 11.18 -61.39 -14.58
C GLU C 51 9.92 -60.79 -15.10
N PRO C 52 9.83 -60.63 -16.41
CA PRO C 52 8.70 -60.06 -17.11
C PRO C 52 7.32 -60.36 -16.52
N GLY C 53 6.94 -61.63 -16.44
CA GLY C 53 5.65 -62.01 -15.90
C GLY C 53 4.52 -61.87 -16.93
N SER C 54 3.29 -62.17 -16.50
CA SER C 54 2.11 -62.07 -17.38
C SER C 54 1.48 -60.73 -17.19
N SER C 55 0.86 -60.22 -18.24
CA SER C 55 0.19 -58.94 -18.18
C SER C 55 -1.31 -59.17 -18.17
N ALA C 56 -1.70 -60.38 -17.80
CA ALA C 56 -3.10 -60.68 -17.70
C ALA C 56 -3.59 -60.25 -16.34
N VAL C 57 -4.88 -59.91 -16.25
CA VAL C 57 -5.45 -59.52 -14.98
C VAL C 57 -6.69 -60.38 -14.84
N ARG C 58 -6.88 -61.05 -13.72
CA ARG C 58 -8.08 -61.81 -13.58
C ARG C 58 -9.04 -61.01 -12.75
N TYR C 59 -10.30 -60.94 -13.16
CA TYR C 59 -11.27 -60.18 -12.37
C TYR C 59 -12.65 -60.74 -12.48
N TRP C 60 -13.46 -60.43 -11.49
CA TRP C 60 -14.85 -60.89 -11.45
C TRP C 60 -15.58 -60.01 -10.42
N SER C 61 -16.89 -59.92 -10.55
CA SER C 61 -17.67 -59.10 -9.65
C SER C 61 -18.13 -59.91 -8.51
N GLU C 62 -18.34 -59.25 -7.39
CA GLU C 62 -18.77 -59.90 -6.17
C GLU C 62 -20.04 -60.74 -6.37
N LYS C 63 -20.95 -60.22 -7.18
CA LYS C 63 -22.22 -60.90 -7.49
C LYS C 63 -22.10 -62.08 -8.48
N ASN C 64 -21.86 -61.76 -9.74
CA ASN C 64 -21.70 -62.75 -10.79
C ASN C 64 -20.22 -63.12 -10.79
N GLY C 65 -19.87 -64.08 -9.95
CA GLY C 65 -18.49 -64.49 -9.82
C GLY C 65 -17.77 -65.01 -11.06
N ARG C 66 -18.30 -64.82 -12.27
CA ARG C 66 -17.62 -65.31 -13.49
C ARG C 66 -16.26 -64.65 -13.58
N LYS C 67 -15.20 -65.44 -13.44
CA LYS C 67 -13.84 -64.93 -13.49
C LYS C 67 -13.46 -64.74 -14.94
N ARG C 68 -13.06 -63.53 -15.28
CA ARG C 68 -12.68 -63.19 -16.64
C ARG C 68 -11.23 -62.72 -16.61
N ILE C 69 -10.60 -62.71 -17.78
CA ILE C 69 -9.21 -62.31 -17.98
C ILE C 69 -8.99 -61.17 -19.00
N ALA C 70 -8.22 -60.16 -18.61
CA ALA C 70 -7.93 -59.06 -19.51
C ALA C 70 -6.47 -59.16 -19.75
N LYS C 71 -6.06 -58.88 -20.98
CA LYS C 71 -4.66 -58.96 -21.28
C LYS C 71 -4.11 -57.58 -21.59
N GLY C 72 -3.06 -57.18 -20.88
CA GLY C 72 -2.44 -55.88 -21.09
C GLY C 72 -1.11 -55.87 -21.84
N LYS C 73 -0.24 -54.88 -21.58
CA LYS C 73 1.07 -54.79 -22.22
C LYS C 73 2.19 -54.51 -21.22
N MET C 74 3.42 -54.78 -21.64
CA MET C 74 4.55 -54.62 -20.76
C MET C 74 5.57 -53.69 -21.35
N SER C 75 6.25 -52.92 -20.50
CA SER C 75 7.26 -51.99 -20.97
C SER C 75 8.37 -51.81 -19.96
N THR C 76 9.47 -51.25 -20.40
CA THR C 76 10.58 -51.00 -19.54
C THR C 76 11.26 -49.75 -20.07
N TYR C 77 12.03 -49.10 -19.21
CA TYR C 77 12.72 -47.87 -19.60
C TYR C 77 13.99 -47.77 -18.79
N ARG C 78 14.93 -47.00 -19.27
CA ARG C 78 16.18 -46.83 -18.57
C ARG C 78 16.26 -45.34 -18.37
N PHE C 79 16.65 -44.93 -17.18
CA PHE C 79 16.78 -43.53 -16.96
C PHE C 79 18.21 -43.10 -17.13
N PHE C 80 19.09 -43.34 -16.21
CA PHE C 80 20.44 -42.89 -16.58
C PHE C 80 21.22 -44.17 -16.43
N ASN C 81 21.70 -44.43 -15.23
CA ASN C 81 22.36 -45.68 -14.98
C ASN C 81 21.28 -46.58 -14.35
N TYR C 82 20.00 -46.16 -14.41
CA TYR C 82 18.85 -46.91 -13.86
C TYR C 82 18.17 -47.75 -14.94
N SER C 83 17.45 -48.81 -14.53
CA SER C 83 16.72 -49.70 -15.44
C SER C 83 15.45 -50.18 -14.74
N SER C 84 14.32 -49.82 -15.29
CA SER C 84 13.07 -50.17 -14.68
C SER C 84 12.87 -51.65 -14.61
N GLY C 85 11.90 -52.06 -13.81
CA GLY C 85 11.53 -53.46 -13.76
C GLY C 85 10.56 -53.59 -14.93
N PHE C 86 9.63 -54.50 -14.85
CA PHE C 86 8.74 -54.69 -15.96
C PHE C 86 7.43 -54.05 -15.61
N ILE C 87 7.12 -52.99 -16.33
CA ILE C 87 5.91 -52.23 -16.09
C ILE C 87 4.75 -52.81 -16.85
N HIS C 88 3.61 -53.02 -16.18
CA HIS C 88 2.47 -53.62 -16.84
C HIS C 88 1.31 -52.72 -16.81
N HIS C 89 0.57 -52.65 -17.91
CA HIS C 89 -0.62 -51.81 -17.97
C HIS C 89 -1.73 -52.59 -18.72
N THR C 90 -2.79 -52.90 -18.02
CA THR C 90 -3.87 -53.64 -18.62
C THR C 90 -5.13 -52.88 -18.37
N THR C 91 -5.99 -52.83 -19.39
CA THR C 91 -7.25 -52.10 -19.28
C THR C 91 -8.44 -53.06 -19.27
N ILE C 92 -9.24 -52.97 -18.23
CA ILE C 92 -10.40 -53.82 -18.10
C ILE C 92 -11.59 -53.00 -18.61
N ARG C 93 -12.35 -53.54 -19.55
CA ARG C 93 -13.49 -52.79 -20.09
C ARG C 93 -14.86 -53.32 -19.79
N LYS C 94 -15.84 -52.51 -20.16
CA LYS C 94 -17.24 -52.86 -19.99
C LYS C 94 -17.63 -53.35 -18.60
N LEU C 95 -17.27 -52.61 -17.57
CA LEU C 95 -17.64 -53.01 -16.23
C LEU C 95 -19.09 -52.54 -15.97
N LYS C 96 -19.73 -53.11 -14.96
CA LYS C 96 -21.09 -52.71 -14.61
C LYS C 96 -20.87 -51.58 -13.62
N TYR C 97 -21.76 -50.59 -13.63
CA TYR C 97 -21.63 -49.46 -12.72
C TYR C 97 -21.96 -49.86 -11.33
N ASN C 98 -21.40 -49.14 -10.36
CA ASN C 98 -21.67 -49.41 -8.97
C ASN C 98 -21.56 -50.89 -8.59
N THR C 99 -20.41 -51.51 -8.85
CA THR C 99 -20.24 -52.91 -8.52
C THR C 99 -18.86 -53.10 -7.95
N LYS C 100 -18.74 -53.95 -6.93
CA LYS C 100 -17.39 -54.22 -6.38
C LYS C 100 -16.81 -55.28 -7.28
N TYR C 101 -15.56 -55.12 -7.65
CA TYR C 101 -14.88 -56.09 -8.48
C TYR C 101 -13.64 -56.53 -7.77
N TYR C 102 -13.24 -57.77 -8.03
CA TYR C 102 -12.01 -58.31 -7.47
C TYR C 102 -11.10 -58.51 -8.64
N TYR C 103 -9.84 -58.18 -8.45
CA TYR C 103 -8.88 -58.39 -9.51
C TYR C 103 -7.62 -58.98 -8.89
N GLU C 104 -7.01 -59.88 -9.66
CA GLU C 104 -5.79 -60.53 -9.25
C GLU C 104 -4.77 -60.24 -10.32
N VAL C 105 -3.56 -60.02 -9.87
CA VAL C 105 -2.51 -59.66 -10.75
C VAL C 105 -1.28 -60.51 -10.32
N GLY C 106 -0.47 -60.95 -11.28
CA GLY C 106 0.67 -61.78 -10.97
C GLY C 106 0.28 -63.24 -11.10
N LEU C 107 -0.46 -63.55 -12.15
CA LEU C 107 -0.95 -64.89 -12.38
C LEU C 107 0.07 -66.01 -12.53
N ARG C 108 1.20 -65.75 -13.18
CA ARG C 108 2.22 -66.80 -13.33
C ARG C 108 2.90 -67.26 -12.03
N ASN C 109 3.42 -66.35 -11.22
CA ASN C 109 4.04 -66.84 -10.01
C ASN C 109 3.35 -66.45 -8.74
N THR C 110 3.59 -65.26 -8.21
CA THR C 110 2.96 -64.85 -6.96
C THR C 110 1.75 -63.95 -7.28
N THR C 111 0.56 -64.44 -6.98
CA THR C 111 -0.68 -63.70 -7.22
C THR C 111 -1.13 -62.78 -6.06
N ARG C 112 -1.58 -61.57 -6.38
CA ARG C 112 -2.10 -60.64 -5.36
C ARG C 112 -3.47 -60.15 -5.82
N ARG C 113 -4.37 -60.10 -4.86
CA ARG C 113 -5.77 -59.72 -5.09
C ARG C 113 -6.18 -58.37 -4.54
N PHE C 114 -7.02 -57.68 -5.28
CA PHE C 114 -7.47 -56.40 -4.83
C PHE C 114 -8.93 -56.27 -5.26
N SER C 115 -9.52 -55.14 -4.91
CA SER C 115 -10.91 -54.87 -5.28
C SER C 115 -11.10 -53.40 -5.48
N PHE C 116 -12.04 -53.05 -6.33
CA PHE C 116 -12.36 -51.64 -6.56
C PHE C 116 -13.87 -51.61 -6.83
N ILE C 117 -14.47 -50.44 -6.76
CA ILE C 117 -15.89 -50.37 -7.00
C ILE C 117 -16.19 -49.44 -8.12
N THR C 118 -16.90 -49.90 -9.15
CA THR C 118 -17.19 -49.00 -10.24
C THR C 118 -18.10 -47.91 -9.70
N PRO C 119 -18.07 -46.70 -10.30
CA PRO C 119 -18.92 -45.61 -9.83
C PRO C 119 -20.32 -45.73 -10.45
N PRO C 120 -21.23 -44.89 -9.96
CA PRO C 120 -22.61 -44.87 -10.44
C PRO C 120 -22.59 -44.34 -11.85
N GLN C 121 -23.68 -44.55 -12.54
CA GLN C 121 -23.77 -44.07 -13.90
C GLN C 121 -23.79 -42.58 -13.76
N THR C 122 -23.20 -41.87 -14.70
CA THR C 122 -23.16 -40.42 -14.59
C THR C 122 -24.56 -39.87 -14.50
N GLY C 123 -24.75 -38.86 -13.67
CA GLY C 123 -26.07 -38.30 -13.55
C GLY C 123 -26.06 -36.97 -12.85
N LEU C 124 -27.19 -36.29 -12.96
CA LEU C 124 -27.42 -34.96 -12.39
C LEU C 124 -27.32 -34.86 -10.89
N ASP C 125 -27.94 -35.78 -10.17
CA ASP C 125 -27.92 -35.74 -8.72
C ASP C 125 -27.12 -36.85 -8.03
N VAL C 126 -26.22 -37.47 -8.79
CA VAL C 126 -25.39 -38.55 -8.28
C VAL C 126 -24.30 -37.95 -7.40
N PRO C 127 -24.33 -38.32 -6.13
CA PRO C 127 -23.33 -37.81 -5.17
C PRO C 127 -22.09 -38.63 -5.29
N TYR C 128 -20.98 -38.08 -4.84
CA TYR C 128 -19.72 -38.79 -4.96
C TYR C 128 -18.77 -37.96 -4.15
N THR C 129 -17.75 -38.58 -3.60
CA THR C 129 -16.83 -37.79 -2.82
C THR C 129 -15.37 -37.98 -3.27
N PHE C 130 -14.74 -36.88 -3.66
CA PHE C 130 -13.37 -36.90 -4.17
C PHE C 130 -12.40 -36.46 -3.12
N GLY C 131 -11.25 -37.09 -3.09
CA GLY C 131 -10.27 -36.67 -2.12
C GLY C 131 -9.38 -35.76 -2.91
N LEU C 132 -8.77 -34.75 -2.26
CA LEU C 132 -7.84 -33.82 -2.92
C LEU C 132 -6.48 -33.85 -2.29
N ILE C 133 -5.51 -34.28 -3.08
CA ILE C 133 -4.18 -34.42 -2.59
C ILE C 133 -3.32 -33.88 -3.69
N GLY C 134 -2.35 -33.08 -3.31
CA GLY C 134 -1.46 -32.52 -4.29
C GLY C 134 -0.09 -32.46 -3.65
N ASP C 135 0.95 -32.55 -4.45
CA ASP C 135 2.26 -32.47 -3.90
C ASP C 135 2.71 -33.47 -2.81
N LEU C 136 2.25 -34.72 -2.89
CA LEU C 136 2.51 -35.75 -1.89
C LEU C 136 3.93 -36.06 -1.47
N GLY C 137 4.74 -36.51 -2.40
CA GLY C 137 6.12 -36.84 -2.06
C GLY C 137 6.24 -38.01 -1.13
N GLN C 138 7.37 -38.15 -0.45
CA GLN C 138 7.50 -39.30 0.45
C GLN C 138 8.19 -39.03 1.79
N SER C 139 7.85 -37.91 2.41
CA SER C 139 8.42 -37.55 3.71
C SER C 139 7.44 -38.16 4.70
N PHE C 140 7.77 -38.12 5.98
CA PHE C 140 6.88 -38.69 6.94
C PHE C 140 5.55 -38.01 6.89
N ASP C 141 5.63 -36.72 6.60
CA ASP C 141 4.47 -35.87 6.52
C ASP C 141 3.53 -36.45 5.48
N SER C 142 4.12 -36.90 4.38
CA SER C 142 3.30 -37.46 3.33
C SER C 142 2.58 -38.66 3.88
N ASN C 143 3.26 -39.49 4.67
CA ASN C 143 2.63 -40.70 5.23
C ASN C 143 1.42 -40.34 6.05
N THR C 144 1.57 -39.30 6.85
CA THR C 144 0.48 -38.85 7.68
C THR C 144 -0.73 -38.38 6.87
N THR C 145 -0.51 -37.48 5.91
CA THR C 145 -1.61 -36.99 5.08
C THR C 145 -2.34 -38.17 4.48
N LEU C 146 -1.63 -39.11 3.87
CA LEU C 146 -2.28 -40.26 3.30
C LEU C 146 -3.10 -40.98 4.39
N SER C 147 -2.62 -41.07 5.63
CA SER C 147 -3.41 -41.77 6.67
C SER C 147 -4.70 -41.01 6.95
N HIS C 148 -4.56 -39.70 7.19
CA HIS C 148 -5.73 -38.91 7.45
C HIS C 148 -6.74 -39.11 6.37
N TYR C 149 -6.29 -39.18 5.13
CA TYR C 149 -7.22 -39.35 4.06
C TYR C 149 -7.92 -40.64 4.23
N GLU C 150 -7.12 -41.66 4.50
CA GLU C 150 -7.64 -43.02 4.68
C GLU C 150 -8.66 -43.05 5.81
N LEU C 151 -8.46 -42.22 6.81
CA LEU C 151 -9.36 -42.22 7.94
C LEU C 151 -10.48 -41.23 7.87
N SER C 152 -10.52 -40.36 6.86
CA SER C 152 -11.62 -39.42 6.77
C SER C 152 -12.90 -40.19 6.92
N PRO C 153 -13.71 -39.83 7.91
CA PRO C 153 -15.02 -40.43 8.25
C PRO C 153 -15.99 -40.39 7.04
N LYS C 154 -15.81 -39.35 6.23
CA LYS C 154 -16.54 -39.19 4.98
C LYS C 154 -15.44 -39.84 4.13
N LYS C 155 -15.64 -41.08 3.71
CA LYS C 155 -14.58 -41.73 2.95
C LYS C 155 -14.50 -41.27 1.53
N GLY C 156 -13.29 -40.94 1.09
CA GLY C 156 -13.08 -40.49 -0.27
C GLY C 156 -13.28 -41.66 -1.21
N GLN C 157 -13.68 -41.40 -2.44
CA GLN C 157 -13.92 -42.47 -3.42
C GLN C 157 -13.02 -42.45 -4.67
N THR C 158 -12.27 -41.38 -4.82
CA THR C 158 -11.35 -41.19 -5.93
C THR C 158 -10.51 -40.00 -5.51
N VAL C 159 -9.22 -40.08 -5.73
CA VAL C 159 -8.40 -38.97 -5.39
C VAL C 159 -8.11 -38.17 -6.66
N LEU C 160 -8.18 -36.86 -6.61
CA LEU C 160 -7.84 -36.09 -7.79
C LEU C 160 -6.48 -35.58 -7.36
N PHE C 161 -5.45 -36.08 -8.05
CA PHE C 161 -4.07 -35.72 -7.77
C PHE C 161 -3.59 -34.55 -8.59
N VAL C 162 -3.10 -33.56 -7.90
CA VAL C 162 -2.76 -32.33 -8.52
C VAL C 162 -1.31 -32.14 -8.96
N GLY C 163 -0.55 -33.21 -9.07
CA GLY C 163 0.81 -32.99 -9.48
C GLY C 163 1.91 -33.12 -8.46
N ASP C 164 3.14 -33.33 -8.95
CA ASP C 164 4.37 -33.57 -8.16
C ASP C 164 4.14 -34.83 -7.35
N LEU C 165 4.44 -35.95 -7.98
CA LEU C 165 4.22 -37.21 -7.36
C LEU C 165 5.26 -37.67 -6.33
N SER C 166 6.50 -37.94 -6.76
CA SER C 166 7.44 -38.50 -5.79
C SER C 166 8.66 -37.72 -5.45
N TYR C 167 8.96 -36.71 -6.23
CA TYR C 167 10.15 -35.94 -5.91
C TYR C 167 11.42 -36.71 -6.06
N ALA C 168 11.43 -37.70 -6.95
CA ALA C 168 12.66 -38.47 -7.14
C ALA C 168 13.70 -37.63 -7.81
N ASP C 169 13.28 -36.59 -8.51
CA ASP C 169 14.25 -35.73 -9.18
C ASP C 169 15.08 -34.93 -8.23
N ARG C 170 14.77 -34.96 -6.94
CA ARG C 170 15.56 -34.20 -5.98
C ARG C 170 16.77 -35.01 -5.65
N TYR C 171 16.68 -36.32 -5.87
CA TYR C 171 17.79 -37.21 -5.62
C TYR C 171 18.76 -37.09 -6.75
N PRO C 172 20.00 -37.48 -6.53
CA PRO C 172 20.99 -37.39 -7.61
C PRO C 172 20.64 -38.30 -8.76
N ASN C 173 20.89 -37.83 -9.96
CA ASN C 173 20.55 -38.58 -11.19
C ASN C 173 19.06 -39.01 -11.13
N HIS C 174 18.27 -38.23 -10.38
CA HIS C 174 16.86 -38.45 -10.22
C HIS C 174 16.57 -39.87 -9.74
N ASP C 175 17.58 -40.50 -9.14
CA ASP C 175 17.49 -41.87 -8.63
C ASP C 175 16.11 -42.45 -8.76
N ASN C 176 15.79 -43.04 -9.90
CA ASN C 176 14.44 -43.58 -10.07
C ASN C 176 13.97 -44.61 -9.04
N VAL C 177 14.83 -45.03 -8.12
CA VAL C 177 14.38 -45.98 -7.14
C VAL C 177 13.32 -45.31 -6.34
N ARG C 178 13.51 -44.00 -6.16
CA ARG C 178 12.59 -43.21 -5.42
C ARG C 178 11.21 -43.19 -6.08
N TRP C 179 11.14 -43.61 -7.34
CA TRP C 179 9.85 -43.73 -8.01
C TRP C 179 9.30 -45.05 -7.59
N ASP C 180 10.18 -46.04 -7.41
CA ASP C 180 9.77 -47.37 -7.02
C ASP C 180 9.23 -47.34 -5.61
N THR C 181 9.95 -46.69 -4.70
CA THR C 181 9.49 -46.62 -3.32
C THR C 181 8.15 -45.92 -3.21
N TRP C 182 8.00 -44.77 -3.90
CA TRP C 182 6.75 -44.01 -3.86
C TRP C 182 5.59 -44.84 -4.31
N GLY C 183 5.83 -45.66 -5.32
CA GLY C 183 4.76 -46.46 -5.85
C GLY C 183 4.34 -47.54 -4.92
N ARG C 184 5.28 -47.99 -4.11
CA ARG C 184 5.00 -49.03 -3.14
C ARG C 184 4.27 -48.40 -1.98
N PHE C 185 4.73 -47.20 -1.63
CA PHE C 185 4.16 -46.41 -0.53
C PHE C 185 2.67 -46.13 -0.72
N THR C 186 2.31 -45.59 -1.89
CA THR C 186 0.92 -45.24 -2.22
C THR C 186 0.00 -46.41 -2.56
N GLU C 187 0.54 -47.59 -2.85
CA GLU C 187 -0.28 -48.75 -3.24
C GLU C 187 -1.48 -49.00 -2.36
N ARG C 188 -1.29 -48.79 -1.06
CA ARG C 188 -2.37 -49.01 -0.13
C ARG C 188 -3.61 -48.20 -0.43
N SER C 189 -3.50 -47.13 -1.21
CA SER C 189 -4.69 -46.39 -1.55
C SER C 189 -5.04 -46.67 -2.99
N VAL C 190 -4.10 -46.41 -3.88
CA VAL C 190 -4.33 -46.57 -5.31
C VAL C 190 -4.62 -47.93 -5.83
N ALA C 191 -4.35 -48.96 -5.04
CA ALA C 191 -4.59 -50.28 -5.56
C ALA C 191 -6.04 -50.51 -5.44
N TYR C 192 -6.72 -49.68 -4.66
CA TYR C 192 -8.14 -49.83 -4.44
C TYR C 192 -9.08 -48.77 -4.99
N GLN C 193 -8.60 -47.54 -5.09
CA GLN C 193 -9.47 -46.50 -5.63
C GLN C 193 -8.64 -45.72 -6.57
N PRO C 194 -9.19 -45.37 -7.72
CA PRO C 194 -8.45 -44.62 -8.70
C PRO C 194 -7.99 -43.31 -8.20
N TRP C 195 -6.89 -42.86 -8.79
CA TRP C 195 -6.33 -41.54 -8.50
C TRP C 195 -6.28 -40.94 -9.93
N ILE C 196 -6.76 -39.71 -10.08
CA ILE C 196 -6.71 -39.04 -11.39
C ILE C 196 -5.41 -38.24 -11.39
N TRP C 197 -4.57 -38.48 -12.40
CA TRP C 197 -3.25 -37.90 -12.46
C TRP C 197 -3.12 -36.61 -13.21
N THR C 198 -2.27 -35.74 -12.66
CA THR C 198 -1.99 -34.43 -13.23
C THR C 198 -0.49 -34.32 -13.16
N ALA C 199 0.09 -33.83 -14.22
CA ALA C 199 1.50 -33.70 -14.30
C ALA C 199 2.02 -32.41 -13.70
N GLY C 200 3.01 -32.52 -12.82
CA GLY C 200 3.59 -31.34 -12.21
C GLY C 200 5.02 -31.13 -12.66
N ASN C 201 5.69 -30.10 -12.18
CA ASN C 201 7.04 -29.82 -12.62
C ASN C 201 7.99 -30.86 -12.16
N HIS C 202 7.73 -31.49 -11.01
CA HIS C 202 8.66 -32.51 -10.58
C HIS C 202 8.59 -33.74 -11.45
N GLU C 203 7.63 -33.78 -12.36
CA GLU C 203 7.49 -34.87 -13.32
C GLU C 203 8.21 -34.60 -14.67
N ILE C 204 8.49 -33.36 -15.01
CA ILE C 204 9.14 -33.05 -16.25
C ILE C 204 10.44 -33.76 -16.37
N GLU C 205 11.28 -33.64 -15.34
CA GLU C 205 12.58 -34.33 -15.36
C GLU C 205 13.46 -34.12 -16.56
N PHE C 206 13.63 -32.88 -16.95
CA PHE C 206 14.49 -32.53 -18.05
C PHE C 206 15.93 -32.46 -17.50
N ALA C 207 16.72 -33.49 -17.77
CA ALA C 207 18.09 -33.56 -17.28
C ALA C 207 19.12 -33.70 -18.35
N PRO C 208 19.39 -32.65 -19.06
CA PRO C 208 20.38 -32.63 -20.12
C PRO C 208 21.73 -33.15 -19.63
N GLU C 209 22.09 -32.78 -18.44
CA GLU C 209 23.38 -33.20 -17.87
C GLU C 209 23.63 -34.69 -17.89
N ILE C 210 22.58 -35.48 -17.71
CA ILE C 210 22.75 -36.92 -17.69
C ILE C 210 22.14 -37.46 -18.94
N ASN C 211 22.01 -36.59 -19.91
CA ASN C 211 21.47 -36.94 -21.19
C ASN C 211 20.09 -37.47 -21.25
N GLU C 212 19.28 -37.14 -20.27
CA GLU C 212 17.89 -37.54 -20.25
C GLU C 212 17.19 -36.26 -20.57
N THR C 213 16.64 -36.17 -21.79
CA THR C 213 15.97 -34.94 -22.26
C THR C 213 14.57 -35.03 -22.81
N GLU C 214 13.89 -36.13 -22.50
CA GLU C 214 12.54 -36.31 -22.95
C GLU C 214 11.69 -36.06 -21.71
N PRO C 215 10.98 -34.94 -21.69
CA PRO C 215 10.12 -34.52 -20.61
C PRO C 215 9.13 -35.57 -20.25
N PHE C 216 8.88 -35.67 -18.97
CA PHE C 216 7.90 -36.59 -18.44
C PHE C 216 8.17 -38.07 -18.67
N LYS C 217 9.43 -38.43 -18.94
CA LYS C 217 9.71 -39.84 -19.19
C LYS C 217 9.34 -40.87 -18.14
N PRO C 218 10.00 -40.85 -16.99
CA PRO C 218 9.59 -41.87 -16.04
C PRO C 218 8.12 -41.82 -15.68
N PHE C 219 7.57 -40.63 -15.57
CA PHE C 219 6.17 -40.47 -15.15
C PHE C 219 5.27 -41.13 -16.14
N SER C 220 5.53 -40.81 -17.38
CA SER C 220 4.71 -41.37 -18.43
C SER C 220 4.81 -42.87 -18.52
N TYR C 221 5.98 -43.47 -18.25
CA TYR C 221 6.05 -44.93 -18.34
C TYR C 221 5.26 -45.60 -17.27
N ARG C 222 5.33 -45.03 -16.10
CA ARG C 222 4.64 -45.58 -14.95
C ARG C 222 3.16 -45.24 -14.76
N TYR C 223 2.76 -44.03 -15.12
CA TYR C 223 1.37 -43.63 -14.91
C TYR C 223 0.65 -43.37 -16.20
N HIS C 224 -0.35 -44.19 -16.50
CA HIS C 224 -1.08 -44.03 -17.77
C HIS C 224 -2.43 -43.45 -17.55
N VAL C 225 -2.97 -42.78 -18.57
CA VAL C 225 -4.30 -42.14 -18.42
C VAL C 225 -5.08 -42.34 -19.71
N PRO C 226 -6.43 -42.35 -19.63
CA PRO C 226 -7.36 -42.55 -20.78
C PRO C 226 -7.47 -41.34 -21.64
N TYR C 227 -6.33 -40.82 -22.03
CA TYR C 227 -6.43 -39.60 -22.76
C TYR C 227 -7.11 -39.70 -24.08
N GLU C 228 -7.05 -40.84 -24.73
CA GLU C 228 -7.69 -40.92 -26.02
C GLU C 228 -9.20 -40.99 -25.88
N ALA C 229 -9.69 -41.22 -24.66
CA ALA C 229 -11.14 -41.30 -24.42
C ALA C 229 -11.78 -39.94 -24.72
N SER C 230 -11.14 -38.86 -24.24
CA SER C 230 -11.52 -37.47 -24.56
C SER C 230 -10.83 -37.54 -25.89
N GLN C 231 -10.89 -36.58 -26.77
CA GLN C 231 -10.13 -36.94 -27.96
C GLN C 231 -8.74 -36.33 -27.97
N SER C 232 -8.08 -36.43 -26.82
CA SER C 232 -6.75 -35.86 -26.62
C SER C 232 -5.69 -36.62 -27.37
N THR C 233 -4.59 -35.94 -27.65
CA THR C 233 -3.52 -36.57 -28.38
C THR C 233 -2.29 -36.67 -27.50
N SER C 234 -2.48 -36.43 -26.20
CA SER C 234 -1.38 -36.51 -25.28
C SER C 234 -1.90 -36.83 -23.92
N PRO C 235 -1.17 -37.62 -23.16
CA PRO C 235 -1.62 -38.00 -21.81
C PRO C 235 -1.53 -36.89 -20.81
N PHE C 236 -1.05 -35.73 -21.25
CA PHE C 236 -0.89 -34.65 -20.30
C PHE C 236 -2.06 -33.77 -20.05
N TRP C 237 -3.07 -33.92 -20.87
CA TRP C 237 -4.33 -33.18 -20.75
C TRP C 237 -5.43 -34.06 -21.29
N TYR C 238 -6.48 -34.17 -20.52
CA TYR C 238 -7.55 -35.02 -20.91
C TYR C 238 -8.70 -34.74 -19.96
N SER C 239 -9.81 -35.48 -20.07
CA SER C 239 -10.92 -35.32 -19.16
C SER C 239 -11.62 -36.63 -18.97
N ILE C 240 -12.40 -36.72 -17.90
CA ILE C 240 -13.14 -37.93 -17.61
C ILE C 240 -14.39 -37.50 -16.97
N LYS C 241 -15.43 -38.28 -17.08
CA LYS C 241 -16.65 -37.90 -16.41
C LYS C 241 -16.78 -38.97 -15.35
N ARG C 242 -17.26 -38.62 -14.17
CA ARG C 242 -17.42 -39.61 -13.15
C ARG C 242 -18.52 -39.17 -12.22
N ALA C 243 -19.55 -40.01 -12.07
CA ALA C 243 -20.65 -39.65 -11.20
C ALA C 243 -21.28 -38.40 -11.79
N SER C 244 -21.37 -37.34 -10.99
CA SER C 244 -21.98 -36.10 -11.45
C SER C 244 -20.98 -35.05 -11.89
N ALA C 245 -19.69 -35.38 -11.87
CA ALA C 245 -18.69 -34.41 -12.23
C ALA C 245 -18.08 -34.58 -13.59
N HIS C 246 -17.65 -33.49 -14.20
CA HIS C 246 -16.94 -33.51 -15.49
C HIS C 246 -15.59 -32.86 -15.12
N ILE C 247 -14.54 -33.67 -15.09
CA ILE C 247 -13.20 -33.25 -14.71
C ILE C 247 -12.33 -33.06 -15.91
N ILE C 248 -11.60 -31.96 -15.93
CA ILE C 248 -10.73 -31.64 -17.04
C ILE C 248 -9.37 -31.47 -16.42
N VAL C 249 -8.38 -32.14 -16.99
CA VAL C 249 -7.03 -32.06 -16.47
C VAL C 249 -6.13 -31.35 -17.47
N LEU C 250 -5.38 -30.35 -16.99
CA LEU C 250 -4.46 -29.58 -17.85
C LEU C 250 -3.01 -29.72 -17.47
N SER C 251 -2.15 -29.23 -18.35
CA SER C 251 -0.73 -29.37 -18.17
C SER C 251 -0.02 -28.04 -18.14
N SER C 252 0.25 -27.53 -16.96
CA SER C 252 0.93 -26.25 -16.85
C SER C 252 2.28 -26.17 -17.55
N TYR C 253 2.91 -27.32 -17.73
CA TYR C 253 4.26 -27.40 -18.30
C TYR C 253 4.32 -27.92 -19.71
N SER C 254 3.15 -28.13 -20.27
CA SER C 254 3.03 -28.53 -21.66
C SER C 254 2.80 -27.15 -22.29
N ALA C 255 2.46 -27.10 -23.57
CA ALA C 255 2.20 -25.81 -24.24
C ALA C 255 0.71 -25.47 -24.41
N TYR C 256 0.37 -24.17 -24.26
CA TYR C 256 -1.01 -23.68 -24.37
C TYR C 256 -1.18 -22.52 -25.33
N GLY C 257 -0.13 -22.21 -26.10
CA GLY C 257 -0.24 -21.13 -27.05
C GLY C 257 -1.47 -21.32 -27.94
N ARG C 258 -1.84 -20.30 -28.66
CA ARG C 258 -3.00 -20.39 -29.51
C ARG C 258 -2.66 -21.26 -30.68
N GLY C 259 -3.47 -22.27 -30.89
CA GLY C 259 -3.22 -23.16 -32.02
C GLY C 259 -2.51 -24.47 -31.66
N THR C 260 -1.87 -24.49 -30.49
CA THR C 260 -1.18 -25.69 -30.03
C THR C 260 -2.22 -26.76 -29.72
N PRO C 261 -1.81 -28.03 -29.63
CA PRO C 261 -2.77 -29.08 -29.34
C PRO C 261 -3.53 -28.90 -28.03
N GLN C 262 -2.84 -28.51 -26.95
CA GLN C 262 -3.57 -28.38 -25.70
C GLN C 262 -4.64 -27.32 -25.77
N TYR C 263 -4.27 -26.17 -26.32
CA TYR C 263 -5.19 -25.07 -26.46
C TYR C 263 -6.41 -25.52 -27.27
N THR C 264 -6.14 -26.03 -28.45
CA THR C 264 -7.19 -26.53 -29.32
C THR C 264 -8.07 -27.56 -28.65
N TRP C 265 -7.47 -28.49 -27.94
CA TRP C 265 -8.25 -29.52 -27.28
C TRP C 265 -9.21 -28.92 -26.28
N LEU C 266 -8.69 -28.14 -25.34
CA LEU C 266 -9.51 -27.54 -24.28
C LEU C 266 -10.66 -26.76 -24.82
N LYS C 267 -10.41 -26.03 -25.90
CA LYS C 267 -11.46 -25.25 -26.49
C LYS C 267 -12.63 -26.13 -26.86
N LYS C 268 -12.39 -27.19 -27.62
CA LYS C 268 -13.49 -28.06 -28.00
C LYS C 268 -14.06 -28.78 -26.81
N GLU C 269 -13.20 -29.11 -25.87
CA GLU C 269 -13.70 -29.86 -24.75
C GLU C 269 -14.69 -29.07 -23.97
N LEU C 270 -14.41 -27.80 -23.74
CA LEU C 270 -15.31 -26.98 -22.96
C LEU C 270 -16.70 -27.01 -23.58
N ARG C 271 -16.74 -27.08 -24.92
CA ARG C 271 -18.03 -27.11 -25.60
C ARG C 271 -18.73 -28.45 -25.43
N LYS C 272 -17.98 -29.52 -25.21
CA LYS C 272 -18.62 -30.82 -25.07
C LYS C 272 -19.23 -31.07 -23.70
N VAL C 273 -19.08 -30.10 -22.79
CA VAL C 273 -19.58 -30.28 -21.44
C VAL C 273 -21.07 -30.08 -21.43
N LYS C 274 -21.82 -31.00 -20.83
CA LYS C 274 -23.29 -30.90 -20.74
C LYS C 274 -23.64 -30.92 -19.28
N ARG C 275 -24.05 -29.77 -18.75
CA ARG C 275 -24.38 -29.65 -17.32
C ARG C 275 -25.66 -30.30 -16.84
N SER C 276 -26.50 -30.64 -17.83
CA SER C 276 -27.78 -31.34 -17.63
C SER C 276 -27.40 -32.81 -17.34
N GLU C 277 -26.17 -33.16 -17.72
CA GLU C 277 -25.64 -34.48 -17.55
C GLU C 277 -24.72 -34.53 -16.35
N THR C 278 -23.69 -33.71 -16.34
CA THR C 278 -22.78 -33.68 -15.21
C THR C 278 -22.77 -32.27 -14.76
N PRO C 279 -23.58 -31.97 -13.77
CA PRO C 279 -23.70 -30.62 -13.21
C PRO C 279 -22.39 -29.99 -12.75
N TRP C 280 -21.54 -30.78 -12.08
CA TRP C 280 -20.30 -30.25 -11.58
C TRP C 280 -19.14 -30.24 -12.53
N LEU C 281 -18.54 -29.07 -12.78
CA LEU C 281 -17.42 -28.97 -13.72
C LEU C 281 -16.19 -28.59 -12.92
N ILE C 282 -15.20 -29.49 -12.86
CA ILE C 282 -13.96 -29.32 -12.11
C ILE C 282 -12.73 -29.29 -13.01
N VAL C 283 -11.75 -28.48 -12.67
CA VAL C 283 -10.59 -28.44 -13.52
C VAL C 283 -9.39 -28.65 -12.61
N LEU C 284 -8.38 -29.34 -13.13
CA LEU C 284 -7.18 -29.62 -12.37
C LEU C 284 -5.97 -29.10 -13.14
N MET C 285 -4.97 -28.62 -12.40
CA MET C 285 -3.74 -28.10 -12.97
C MET C 285 -2.75 -27.98 -11.83
N HIS C 286 -1.47 -27.99 -12.14
CA HIS C 286 -0.50 -27.92 -11.06
C HIS C 286 -0.28 -26.51 -10.57
N SER C 287 0.13 -25.61 -11.47
CA SER C 287 0.42 -24.23 -11.10
C SER C 287 -0.88 -23.46 -11.02
N PRO C 288 -1.16 -22.94 -9.84
CA PRO C 288 -2.32 -22.17 -9.47
C PRO C 288 -2.37 -20.79 -10.14
N LEU C 289 -3.53 -20.43 -10.71
CA LEU C 289 -3.74 -19.14 -11.43
C LEU C 289 -3.87 -17.95 -10.47
N TYR C 290 -4.45 -18.25 -9.30
CA TYR C 290 -4.67 -17.33 -8.19
C TYR C 290 -3.90 -17.88 -6.95
N ASN C 291 -2.87 -17.14 -6.48
CA ASN C 291 -2.05 -17.54 -5.34
C ASN C 291 -1.36 -16.31 -4.70
N SER C 292 -1.55 -16.17 -3.37
CA SER C 292 -0.99 -15.07 -2.64
C SER C 292 0.18 -15.42 -1.76
N TYR C 293 0.86 -16.51 -2.08
CA TYR C 293 2.02 -16.87 -1.30
C TYR C 293 3.19 -16.35 -2.07
N ASN C 294 4.31 -16.16 -1.38
CA ASN C 294 5.45 -15.61 -2.06
C ASN C 294 6.04 -16.64 -3.00
N HIS C 295 6.12 -17.88 -2.52
CA HIS C 295 6.68 -18.95 -3.30
C HIS C 295 5.84 -19.19 -4.55
N HIS C 296 6.46 -19.07 -5.72
CA HIS C 296 5.74 -19.28 -6.97
C HIS C 296 4.67 -18.24 -7.17
N PHE C 297 4.91 -17.07 -6.64
CA PHE C 297 3.94 -16.02 -6.77
C PHE C 297 3.94 -15.58 -8.22
N MET C 298 2.76 -15.58 -8.84
CA MET C 298 2.55 -15.16 -10.26
C MET C 298 3.06 -16.03 -11.44
N GLU C 299 3.29 -17.31 -11.19
CA GLU C 299 3.75 -18.21 -12.25
C GLU C 299 2.53 -18.58 -13.09
N GLY C 300 1.35 -18.61 -12.47
CA GLY C 300 0.12 -18.93 -13.17
C GLY C 300 -0.40 -17.83 -14.11
N GLU C 301 0.30 -16.72 -14.15
CA GLU C 301 -0.10 -15.62 -15.00
C GLU C 301 -0.27 -16.03 -16.44
N ALA C 302 0.79 -16.51 -17.06
CA ALA C 302 0.70 -16.93 -18.45
C ALA C 302 -0.54 -17.80 -18.72
N MET C 303 -0.70 -18.92 -18.02
CA MET C 303 -1.87 -19.76 -18.28
C MET C 303 -3.13 -19.02 -18.02
N ARG C 304 -3.10 -18.18 -16.98
CA ARG C 304 -4.26 -17.38 -16.60
C ARG C 304 -4.72 -16.52 -17.76
N THR C 305 -3.77 -15.79 -18.37
CA THR C 305 -4.12 -14.89 -19.48
C THR C 305 -4.67 -15.65 -20.63
N LYS C 306 -4.56 -16.98 -20.60
CA LYS C 306 -5.05 -17.77 -21.68
C LYS C 306 -6.30 -18.55 -21.39
N PHE C 307 -6.55 -18.97 -20.17
CA PHE C 307 -7.76 -19.76 -20.00
C PHE C 307 -8.80 -19.19 -19.10
N GLU C 308 -8.45 -18.14 -18.37
CA GLU C 308 -9.39 -17.57 -17.40
C GLU C 308 -10.74 -17.24 -17.95
N ALA C 309 -10.78 -16.45 -19.01
CA ALA C 309 -12.07 -16.14 -19.57
C ALA C 309 -12.92 -17.36 -19.91
N TRP C 310 -12.28 -18.43 -20.40
CA TRP C 310 -12.99 -19.63 -20.77
C TRP C 310 -13.66 -20.19 -19.54
N PHE C 311 -12.90 -20.26 -18.48
CA PHE C 311 -13.44 -20.79 -17.24
C PHE C 311 -14.66 -20.01 -16.82
N VAL C 312 -14.54 -18.68 -16.82
CA VAL C 312 -15.64 -17.82 -16.40
C VAL C 312 -16.77 -17.98 -17.36
N LYS C 313 -16.45 -17.94 -18.64
CA LYS C 313 -17.46 -18.10 -19.65
C LYS C 313 -18.28 -19.38 -19.49
N TYR C 314 -17.65 -20.48 -19.05
CA TYR C 314 -18.37 -21.74 -18.89
C TYR C 314 -18.80 -22.03 -17.49
N LYS C 315 -18.58 -21.07 -16.63
CA LYS C 315 -18.97 -21.23 -15.25
C LYS C 315 -18.37 -22.47 -14.59
N VAL C 316 -17.06 -22.70 -14.71
CA VAL C 316 -16.52 -23.88 -14.07
C VAL C 316 -16.62 -23.62 -12.57
N ASP C 317 -17.06 -24.62 -11.82
CA ASP C 317 -17.20 -24.51 -10.38
C ASP C 317 -15.96 -24.30 -9.54
N VAL C 318 -14.96 -25.20 -9.63
CA VAL C 318 -13.69 -25.12 -8.86
C VAL C 318 -12.48 -25.37 -9.74
N VAL C 319 -11.32 -24.91 -9.32
CA VAL C 319 -10.12 -25.17 -10.07
C VAL C 319 -9.12 -25.51 -9.02
N PHE C 320 -8.79 -26.80 -8.89
CA PHE C 320 -7.81 -27.24 -7.91
C PHE C 320 -6.39 -27.24 -8.46
N ALA C 321 -5.43 -26.76 -7.65
CA ALA C 321 -4.01 -26.74 -8.05
C ALA C 321 -3.14 -27.10 -6.88
N GLY C 322 -1.85 -27.29 -7.12
CA GLY C 322 -0.94 -27.62 -6.04
C GLY C 322 0.20 -26.65 -6.23
N HIS C 323 1.42 -27.14 -6.25
CA HIS C 323 2.60 -26.32 -6.45
C HIS C 323 3.02 -25.45 -5.27
N VAL C 324 2.11 -24.80 -4.60
CA VAL C 324 2.53 -24.04 -3.46
C VAL C 324 2.24 -24.95 -2.27
N HIS C 325 3.27 -25.27 -1.49
CA HIS C 325 3.12 -26.16 -0.36
C HIS C 325 2.43 -25.53 0.81
N ALA C 326 1.12 -25.31 0.65
CA ALA C 326 0.30 -24.66 1.66
C ALA C 326 -1.11 -24.72 1.15
N TYR C 327 -2.06 -24.16 1.90
CA TYR C 327 -3.48 -24.16 1.50
C TYR C 327 -3.97 -22.75 1.31
N GLU C 328 -4.93 -22.58 0.41
CA GLU C 328 -5.50 -21.27 0.10
C GLU C 328 -6.81 -21.50 -0.64
N ARG C 329 -7.79 -20.64 -0.39
CA ARG C 329 -9.10 -20.73 -1.03
C ARG C 329 -9.44 -19.33 -1.46
N SER C 330 -10.13 -19.19 -2.58
CA SER C 330 -10.46 -17.87 -3.05
C SER C 330 -11.89 -17.52 -3.09
N GLU C 331 -12.10 -16.29 -3.54
CA GLU C 331 -13.42 -15.76 -3.72
C GLU C 331 -13.74 -16.00 -5.20
N ARG C 332 -15.00 -16.11 -5.55
CA ARG C 332 -15.31 -16.25 -6.94
C ARG C 332 -14.87 -14.91 -7.46
N VAL C 333 -13.85 -14.92 -8.30
CA VAL C 333 -13.26 -13.72 -8.75
C VAL C 333 -12.80 -13.90 -10.16
N SER C 334 -12.80 -12.80 -10.90
CA SER C 334 -12.33 -12.83 -12.28
C SER C 334 -11.40 -11.63 -12.43
N ASN C 335 -10.61 -11.60 -13.48
CA ASN C 335 -9.72 -10.45 -13.73
C ASN C 335 -9.55 -10.46 -15.24
N ILE C 336 -10.67 -10.41 -15.93
CA ILE C 336 -10.62 -10.53 -17.35
C ILE C 336 -10.97 -9.32 -18.15
N ALA C 337 -10.62 -8.12 -17.68
CA ALA C 337 -11.00 -6.90 -18.41
C ALA C 337 -9.83 -6.08 -18.93
N TYR C 338 -8.63 -6.50 -18.57
CA TYR C 338 -7.46 -5.79 -18.97
C TYR C 338 -7.28 -5.71 -20.48
N LYS C 339 -6.85 -4.54 -20.94
CA LYS C 339 -6.61 -4.29 -22.34
C LYS C 339 -5.34 -3.48 -22.43
N ILE C 340 -4.43 -3.71 -21.51
CA ILE C 340 -3.12 -3.05 -21.51
C ILE C 340 -3.13 -1.64 -20.99
N THR C 341 -3.76 -0.78 -21.76
CA THR C 341 -3.81 0.62 -21.40
C THR C 341 -5.01 1.05 -20.59
N ASP C 342 -6.07 0.26 -20.58
CA ASP C 342 -7.25 0.68 -19.85
C ASP C 342 -7.20 0.58 -18.33
N GLY C 343 -6.06 0.15 -17.79
CA GLY C 343 -5.92 0.06 -16.33
C GLY C 343 -6.85 -0.83 -15.51
N LEU C 344 -7.68 -1.63 -16.18
CA LEU C 344 -8.60 -2.54 -15.48
C LEU C 344 -7.90 -3.86 -15.13
N CYS C 345 -6.91 -3.78 -14.27
CA CYS C 345 -6.17 -4.97 -13.93
C CYS C 345 -6.28 -5.35 -12.46
N THR C 346 -7.50 -5.43 -11.96
CA THR C 346 -7.69 -5.80 -10.58
C THR C 346 -8.84 -6.78 -10.41
N PRO C 347 -8.55 -7.91 -9.76
CA PRO C 347 -9.50 -8.97 -9.51
C PRO C 347 -10.75 -8.42 -8.85
N VAL C 348 -11.89 -8.64 -9.49
CA VAL C 348 -13.16 -8.17 -8.95
C VAL C 348 -14.03 -9.38 -8.66
N LYS C 349 -14.90 -9.29 -7.66
CA LYS C 349 -15.76 -10.43 -7.41
C LYS C 349 -16.57 -10.74 -8.67
N ASP C 350 -16.72 -12.02 -9.00
CA ASP C 350 -17.48 -12.39 -10.17
C ASP C 350 -18.16 -13.69 -9.79
N GLN C 351 -19.49 -13.76 -9.91
CA GLN C 351 -20.17 -14.97 -9.50
C GLN C 351 -20.28 -16.02 -10.62
N SER C 352 -19.57 -15.78 -11.70
CA SER C 352 -19.54 -16.77 -12.77
C SER C 352 -18.21 -17.43 -12.74
N ALA C 353 -17.28 -16.82 -12.01
CA ALA C 353 -15.94 -17.34 -11.91
C ALA C 353 -15.96 -18.45 -10.92
N PRO C 354 -15.02 -19.36 -11.07
CA PRO C 354 -14.90 -20.50 -10.17
C PRO C 354 -14.15 -20.08 -8.92
N VAL C 355 -14.12 -20.95 -7.96
CA VAL C 355 -13.37 -20.72 -6.73
C VAL C 355 -12.01 -21.36 -7.03
N TYR C 356 -10.91 -20.66 -6.81
CA TYR C 356 -9.61 -21.25 -7.07
C TYR C 356 -9.03 -21.73 -5.75
N ILE C 357 -8.86 -23.05 -5.58
CA ILE C 357 -8.33 -23.63 -4.32
C ILE C 357 -6.97 -24.17 -4.62
N THR C 358 -6.07 -24.19 -3.63
CA THR C 358 -4.74 -24.76 -3.84
C THR C 358 -4.37 -25.69 -2.69
N ILE C 359 -4.22 -26.98 -2.99
CA ILE C 359 -3.88 -27.99 -1.97
C ILE C 359 -2.60 -28.71 -2.22
N GLY C 360 -1.53 -27.97 -2.43
CA GLY C 360 -0.24 -28.63 -2.62
C GLY C 360 0.46 -28.83 -1.28
N ASP C 361 -0.33 -29.03 -0.23
CA ASP C 361 0.27 -29.15 1.07
C ASP C 361 0.20 -30.55 1.62
N ALA C 362 0.21 -31.57 0.78
CA ALA C 362 0.11 -32.94 1.33
C ALA C 362 1.42 -33.47 1.91
N GLY C 363 2.55 -32.79 1.70
CA GLY C 363 3.77 -33.26 2.30
C GLY C 363 5.12 -33.01 1.62
N ASN C 364 5.17 -33.20 0.31
CA ASN C 364 6.42 -33.06 -0.42
C ASN C 364 7.54 -33.68 0.38
N TYR C 365 8.70 -33.07 0.36
CA TYR C 365 9.83 -33.60 1.12
C TYR C 365 9.90 -33.02 2.54
N GLY C 366 8.72 -32.74 3.09
CA GLY C 366 8.57 -32.18 4.43
C GLY C 366 8.72 -30.69 4.60
N VAL C 367 8.35 -29.92 3.60
CA VAL C 367 8.52 -28.48 3.70
C VAL C 367 7.26 -27.69 3.36
N ILE C 368 7.00 -26.67 4.17
CA ILE C 368 5.85 -25.82 3.99
C ILE C 368 6.20 -24.41 3.55
N ASP C 369 5.38 -23.81 2.69
CA ASP C 369 5.58 -22.46 2.26
C ASP C 369 4.76 -21.57 3.20
N SER C 370 5.46 -20.86 4.05
CA SER C 370 4.80 -20.02 5.01
C SER C 370 4.73 -18.52 4.68
N ASN C 371 5.76 -17.97 4.04
CA ASN C 371 5.70 -16.55 3.75
C ASN C 371 4.55 -16.26 2.79
N MET C 372 3.77 -15.21 3.05
CA MET C 372 2.68 -14.90 2.16
C MET C 372 2.73 -13.45 1.78
N ILE C 373 1.97 -13.09 0.78
CA ILE C 373 1.91 -11.70 0.37
C ILE C 373 1.16 -11.00 1.48
N GLN C 374 1.80 -10.11 2.20
CA GLN C 374 1.07 -9.40 3.25
C GLN C 374 0.72 -7.99 2.83
N PRO C 375 -0.54 -7.58 3.02
CA PRO C 375 -1.69 -8.27 3.62
C PRO C 375 -2.53 -9.16 2.68
N GLN C 376 -3.29 -10.07 3.28
CA GLN C 376 -4.10 -10.98 2.51
C GLN C 376 -4.92 -10.22 1.53
N PRO C 377 -4.68 -10.40 0.25
CA PRO C 377 -5.45 -9.67 -0.74
C PRO C 377 -6.87 -10.07 -0.73
N GLU C 378 -7.67 -9.17 -1.26
CA GLU C 378 -9.11 -9.30 -1.32
C GLU C 378 -9.58 -10.60 -1.89
N TYR C 379 -8.98 -11.01 -3.02
CA TYR C 379 -9.40 -12.23 -3.69
C TYR C 379 -9.19 -13.48 -2.89
N SER C 380 -8.32 -13.36 -1.91
CA SER C 380 -8.03 -14.50 -1.10
C SER C 380 -9.03 -14.65 0.00
N ALA C 381 -9.76 -15.75 0.03
CA ALA C 381 -10.75 -15.94 1.10
C ALA C 381 -10.19 -16.56 2.35
N PHE C 382 -9.19 -17.40 2.21
CA PHE C 382 -8.65 -18.06 3.38
C PHE C 382 -7.35 -18.69 2.99
N ARG C 383 -6.34 -18.57 3.84
CA ARG C 383 -5.07 -19.20 3.55
C ARG C 383 -4.37 -19.66 4.79
N GLU C 384 -3.72 -20.81 4.69
CA GLU C 384 -2.96 -21.32 5.83
C GLU C 384 -1.83 -22.22 5.37
N ALA C 385 -0.71 -22.11 6.07
CA ALA C 385 0.47 -22.91 5.79
C ALA C 385 0.53 -24.15 6.69
N SER C 386 -0.26 -25.16 6.39
CA SER C 386 -0.25 -26.37 7.17
C SER C 386 -0.33 -27.52 6.21
N PHE C 387 0.15 -28.69 6.64
CA PHE C 387 0.06 -29.88 5.79
C PHE C 387 -1.35 -30.46 5.95
N GLY C 388 -1.88 -31.06 4.88
CA GLY C 388 -3.20 -31.65 4.91
C GLY C 388 -3.67 -32.09 3.53
N HIS C 389 -4.93 -32.47 3.43
CA HIS C 389 -5.50 -32.90 2.18
C HIS C 389 -6.90 -32.32 2.20
N GLY C 390 -7.68 -32.49 1.14
CA GLY C 390 -9.03 -31.94 1.12
C GLY C 390 -10.02 -32.97 0.67
N MET C 391 -11.33 -32.65 0.76
CA MET C 391 -12.37 -33.57 0.31
C MET C 391 -13.41 -32.69 -0.35
N PHE C 392 -13.94 -33.11 -1.47
CA PHE C 392 -14.94 -32.34 -2.18
C PHE C 392 -16.11 -33.30 -2.26
N ASP C 393 -17.14 -33.06 -1.46
CA ASP C 393 -18.27 -33.95 -1.39
C ASP C 393 -19.49 -33.51 -2.13
N ILE C 394 -19.72 -34.08 -3.29
CA ILE C 394 -20.87 -33.72 -4.08
C ILE C 394 -22.08 -34.36 -3.48
N LYS C 395 -23.08 -33.53 -3.19
CA LYS C 395 -24.33 -33.98 -2.60
C LYS C 395 -25.50 -33.99 -3.58
N ASN C 396 -25.67 -32.85 -4.23
CA ASN C 396 -26.80 -32.59 -5.12
C ASN C 396 -26.32 -32.13 -6.47
N ARG C 397 -27.25 -31.65 -7.28
CA ARG C 397 -26.87 -31.07 -8.54
C ARG C 397 -26.62 -29.61 -8.16
N THR C 398 -27.02 -29.23 -6.93
CA THR C 398 -26.86 -27.84 -6.45
C THR C 398 -25.85 -27.68 -5.34
N HIS C 399 -25.68 -28.75 -4.56
CA HIS C 399 -24.74 -28.71 -3.43
C HIS C 399 -23.57 -29.65 -3.41
N ALA C 400 -22.44 -29.11 -2.97
CA ALA C 400 -21.18 -29.84 -2.83
C ALA C 400 -20.49 -29.20 -1.66
N HIS C 401 -19.82 -30.00 -0.87
CA HIS C 401 -19.21 -29.42 0.29
C HIS C 401 -17.76 -29.74 0.30
N PHE C 402 -16.93 -28.69 0.37
CA PHE C 402 -15.49 -28.85 0.40
C PHE C 402 -14.99 -28.75 1.84
N SER C 403 -13.95 -29.51 2.19
CA SER C 403 -13.42 -29.49 3.56
C SER C 403 -11.91 -29.55 3.44
N TRP C 404 -11.19 -29.07 4.45
CA TRP C 404 -9.74 -29.10 4.45
C TRP C 404 -9.37 -29.60 5.81
N ASN C 405 -8.71 -30.74 5.90
CA ASN C 405 -8.35 -31.31 7.18
C ASN C 405 -6.87 -31.15 7.47
N ARG C 406 -6.52 -30.43 8.51
CA ARG C 406 -5.09 -30.24 8.81
C ARG C 406 -4.47 -31.48 9.38
N ASN C 407 -3.17 -31.64 9.16
CA ASN C 407 -2.51 -32.83 9.67
C ASN C 407 -2.43 -32.78 11.19
N GLN C 408 -2.37 -31.57 11.75
CA GLN C 408 -2.29 -31.41 13.20
C GLN C 408 -3.59 -31.75 13.90
N ASP C 409 -4.71 -31.55 13.23
CA ASP C 409 -6.01 -31.82 13.83
C ASP C 409 -6.25 -33.31 13.80
N GLY C 410 -7.32 -33.74 14.43
CA GLY C 410 -7.63 -35.14 14.41
C GLY C 410 -8.31 -35.39 13.10
N VAL C 411 -8.35 -36.64 12.74
CA VAL C 411 -8.92 -37.06 11.50
C VAL C 411 -10.26 -36.47 11.09
N ALA C 412 -11.08 -36.14 12.06
CA ALA C 412 -12.38 -35.61 11.74
C ALA C 412 -12.56 -34.10 11.85
N VAL C 413 -11.49 -33.38 12.12
CA VAL C 413 -11.57 -31.93 12.26
C VAL C 413 -11.32 -31.14 10.98
N GLU C 414 -12.40 -30.60 10.44
CA GLU C 414 -12.31 -29.80 9.22
C GLU C 414 -11.83 -28.39 9.59
N ALA C 415 -10.56 -28.08 9.41
CA ALA C 415 -10.05 -26.75 9.73
C ALA C 415 -10.61 -25.66 8.79
N ASP C 416 -11.34 -26.05 7.77
CA ASP C 416 -11.96 -25.13 6.82
C ASP C 416 -13.08 -25.92 6.16
N SER C 417 -14.17 -25.25 5.87
CA SER C 417 -15.29 -25.95 5.32
C SER C 417 -16.07 -24.90 4.58
N VAL C 418 -16.64 -25.29 3.45
CA VAL C 418 -17.38 -24.39 2.60
C VAL C 418 -18.41 -25.12 1.75
N TRP C 419 -19.57 -24.52 1.50
CA TRP C 419 -20.54 -25.17 0.66
C TRP C 419 -20.41 -24.55 -0.71
N PHE C 420 -20.46 -25.35 -1.75
CA PHE C 420 -20.35 -24.80 -3.07
C PHE C 420 -21.75 -24.82 -3.64
N PHE C 421 -22.15 -23.72 -4.26
CA PHE C 421 -23.46 -23.63 -4.89
C PHE C 421 -23.13 -23.71 -6.35
N ASN C 422 -23.73 -24.68 -7.01
CA ASN C 422 -23.45 -24.94 -8.40
C ASN C 422 -23.63 -23.76 -9.31
N ARG C 423 -22.54 -23.35 -9.95
CA ARG C 423 -22.57 -22.20 -10.89
C ARG C 423 -23.60 -22.31 -11.98
N HIS C 424 -24.17 -23.48 -12.17
CA HIS C 424 -25.19 -23.66 -13.19
C HIS C 424 -26.61 -23.79 -12.63
N TRP C 425 -26.84 -24.75 -11.74
CA TRP C 425 -28.18 -24.91 -11.19
C TRP C 425 -28.39 -24.08 -9.95
N TYR C 426 -27.44 -23.28 -9.49
CA TYR C 426 -27.75 -22.55 -8.26
C TYR C 426 -26.74 -21.50 -7.95
N PRO C 427 -26.49 -20.60 -8.92
CA PRO C 427 -25.54 -19.50 -8.81
C PRO C 427 -25.94 -18.51 -7.75
N VAL C 428 -25.97 -18.95 -6.51
CA VAL C 428 -26.31 -18.12 -5.38
C VAL C 428 -24.96 -17.78 -4.75
N ASP C 429 -24.80 -16.59 -4.21
CA ASP C 429 -23.52 -16.25 -3.60
C ASP C 429 -23.11 -17.23 -2.50
N ASP C 430 -22.10 -18.04 -2.80
CA ASP C 430 -21.54 -18.96 -1.82
C ASP C 430 -20.31 -18.25 -1.31
N SER C 431 -19.81 -17.29 -2.10
CA SER C 431 -18.62 -16.50 -1.80
C SER C 431 -18.75 -15.72 -0.51
N THR C 432 -18.48 -16.42 0.58
CA THR C 432 -18.49 -15.85 1.93
C THR C 432 -17.03 -15.84 2.45
N ARG D 9 -33.05 38.18 33.31
CA ARG D 9 -33.86 37.39 32.34
C ARG D 9 -33.07 37.15 31.06
N ASP D 10 -32.01 36.34 31.19
CA ASP D 10 -31.11 36.00 30.09
C ASP D 10 -31.75 34.95 29.16
N MET D 11 -31.78 35.22 27.87
CA MET D 11 -32.37 34.29 26.93
C MET D 11 -31.69 33.00 27.13
N PRO D 12 -32.48 31.94 27.17
CA PRO D 12 -32.01 30.58 27.36
C PRO D 12 -31.18 30.09 26.16
N LEU D 13 -30.26 29.18 26.43
CA LEU D 13 -29.37 28.64 25.43
C LEU D 13 -30.02 28.18 24.17
N ASP D 14 -31.27 27.74 24.27
CA ASP D 14 -31.98 27.29 23.07
C ASP D 14 -32.55 28.39 22.19
N SER D 15 -32.67 29.59 22.75
CA SER D 15 -33.22 30.69 22.01
C SER D 15 -32.79 30.70 20.58
N ASP D 16 -33.76 30.79 19.72
CA ASP D 16 -33.53 30.83 18.28
C ASP D 16 -32.39 31.72 17.92
N VAL D 17 -32.23 32.72 18.77
CA VAL D 17 -31.23 33.71 18.55
C VAL D 17 -29.83 33.11 18.64
N PHE D 18 -29.67 32.08 19.45
CA PHE D 18 -28.38 31.43 19.61
C PHE D 18 -28.12 30.20 18.70
N ARG D 19 -29.01 29.92 17.76
CA ARG D 19 -28.80 28.76 16.90
C ARG D 19 -27.52 28.81 16.11
N VAL D 20 -26.86 27.66 15.96
CA VAL D 20 -25.61 27.61 15.22
C VAL D 20 -25.81 27.27 13.78
N PRO D 21 -25.23 28.07 12.92
CA PRO D 21 -25.34 27.89 11.48
C PRO D 21 -24.96 26.49 11.14
N PRO D 22 -25.78 25.86 10.30
CA PRO D 22 -25.62 24.50 9.82
C PRO D 22 -24.51 24.33 8.82
N GLY D 23 -23.91 23.15 8.86
CA GLY D 23 -22.81 22.84 7.97
C GLY D 23 -21.59 22.43 8.81
N TYR D 24 -20.74 21.59 8.26
CA TYR D 24 -19.56 21.16 8.97
C TYR D 24 -18.58 22.30 9.04
N ASN D 25 -18.21 22.66 10.27
CA ASN D 25 -17.24 23.71 10.55
C ASN D 25 -17.70 24.96 9.84
N ALA D 26 -18.93 25.34 10.17
CA ALA D 26 -19.56 26.53 9.61
C ALA D 26 -19.20 27.73 10.44
N PRO D 27 -18.69 28.80 9.78
CA PRO D 27 -18.28 30.06 10.40
C PRO D 27 -19.38 30.57 11.28
N GLN D 28 -19.13 30.81 12.53
CA GLN D 28 -20.16 31.32 13.33
C GLN D 28 -19.58 32.48 14.04
N GLN D 29 -20.43 33.24 14.70
CA GLN D 29 -20.00 34.40 15.43
C GLN D 29 -19.30 35.43 14.53
N VAL D 30 -19.80 35.65 13.31
CA VAL D 30 -19.12 36.59 12.41
C VAL D 30 -19.29 38.01 12.84
N HIS D 31 -18.21 38.77 12.79
CA HIS D 31 -18.27 40.18 13.17
C HIS D 31 -17.19 41.00 12.52
N ILE D 32 -17.48 42.25 12.18
CA ILE D 32 -16.50 43.12 11.51
C ILE D 32 -16.26 44.45 12.26
N THR D 33 -15.21 45.21 11.88
CA THR D 33 -14.91 46.53 12.45
C THR D 33 -14.04 47.25 11.46
N GLN D 34 -13.79 48.51 11.72
CA GLN D 34 -12.95 49.27 10.83
C GLN D 34 -11.55 48.76 11.09
N GLY D 35 -10.82 48.53 10.00
CA GLY D 35 -9.47 48.01 10.10
C GLY D 35 -8.35 49.00 9.96
N ASP D 36 -8.67 50.24 9.68
CA ASP D 36 -7.65 51.26 9.52
C ASP D 36 -8.09 52.56 10.16
N LEU D 37 -7.30 53.58 9.99
CA LEU D 37 -7.65 54.85 10.56
C LEU D 37 -8.73 55.64 9.80
N VAL D 38 -8.90 55.44 8.50
CA VAL D 38 -9.83 56.28 7.76
C VAL D 38 -11.01 55.69 7.01
N GLY D 39 -11.25 54.39 7.15
CA GLY D 39 -12.37 53.79 6.45
C GLY D 39 -12.16 52.77 5.34
N ARG D 40 -10.93 52.58 4.89
CA ARG D 40 -10.73 51.61 3.83
C ARG D 40 -10.08 50.25 4.17
N ALA D 41 -10.51 49.67 5.27
CA ALA D 41 -9.98 48.39 5.67
C ALA D 41 -10.96 47.89 6.67
N MET D 42 -11.19 46.59 6.68
CA MET D 42 -12.12 46.01 7.60
C MET D 42 -11.44 44.87 8.26
N ILE D 43 -11.85 44.57 9.48
CA ILE D 43 -11.32 43.43 10.17
C ILE D 43 -12.47 42.43 10.23
N ILE D 44 -12.30 41.29 9.56
CA ILE D 44 -13.31 40.23 9.54
C ILE D 44 -12.88 39.19 10.58
N SER D 45 -13.81 38.81 11.45
CA SER D 45 -13.53 37.88 12.50
C SER D 45 -14.62 36.86 12.61
N TRP D 46 -14.28 35.62 12.87
CA TRP D 46 -15.28 34.59 13.06
C TRP D 46 -14.69 33.44 13.83
N VAL D 47 -15.52 32.44 14.04
CA VAL D 47 -15.11 31.30 14.81
C VAL D 47 -15.61 30.04 14.13
N THR D 48 -14.74 29.02 14.07
CA THR D 48 -15.02 27.70 13.50
C THR D 48 -14.84 26.80 14.70
N MET D 49 -15.75 25.84 14.88
CA MET D 49 -15.67 24.98 16.04
C MET D 49 -15.24 23.54 15.79
N ASP D 50 -15.46 23.01 14.59
CA ASP D 50 -15.12 21.62 14.27
C ASP D 50 -13.65 21.40 14.08
N GLU D 51 -13.04 22.24 13.30
CA GLU D 51 -11.64 22.14 13.11
C GLU D 51 -11.19 23.51 12.69
N PRO D 52 -9.90 23.79 12.87
CA PRO D 52 -9.25 25.04 12.53
C PRO D 52 -9.81 25.80 11.34
N GLY D 53 -9.84 25.20 10.16
CA GLY D 53 -10.38 25.87 8.99
C GLY D 53 -9.40 26.85 8.37
N SER D 54 -9.82 27.54 7.28
CA SER D 54 -8.96 28.54 6.58
C SER D 54 -9.27 29.91 7.14
N SER D 55 -8.25 30.76 7.21
CA SER D 55 -8.46 32.11 7.68
C SER D 55 -8.48 33.05 6.49
N ALA D 56 -8.76 32.51 5.31
CA ALA D 56 -8.82 33.34 4.11
C ALA D 56 -10.22 33.91 4.05
N VAL D 57 -10.34 35.08 3.43
CA VAL D 57 -11.63 35.71 3.27
C VAL D 57 -11.70 36.05 1.78
N ARG D 58 -12.79 35.69 1.13
CA ARG D 58 -12.91 36.01 -0.27
C ARG D 58 -13.84 37.19 -0.35
N TYR D 59 -13.47 38.19 -1.14
CA TYR D 59 -14.29 39.36 -1.23
C TYR D 59 -14.15 40.01 -2.57
N TRP D 60 -15.21 40.71 -2.96
CA TRP D 60 -15.28 41.43 -4.23
C TRP D 60 -16.36 42.50 -4.11
N SER D 61 -16.26 43.54 -4.93
CA SER D 61 -17.21 44.64 -4.89
C SER D 61 -18.30 44.33 -5.84
N GLU D 62 -19.47 44.90 -5.56
CA GLU D 62 -20.65 44.68 -6.37
C GLU D 62 -20.41 45.05 -7.84
N LYS D 63 -19.69 46.14 -8.06
CA LYS D 63 -19.34 46.65 -9.41
C LYS D 63 -18.27 45.82 -10.14
N ASN D 64 -17.03 45.94 -9.68
CA ASN D 64 -15.90 45.20 -10.24
C ASN D 64 -15.83 43.85 -9.49
N GLY D 65 -16.59 42.88 -10.01
CA GLY D 65 -16.66 41.56 -9.41
C GLY D 65 -15.38 40.75 -9.27
N ARG D 66 -14.21 41.35 -9.44
CA ARG D 66 -12.93 40.62 -9.31
C ARG D 66 -12.85 40.07 -7.90
N LYS D 67 -12.96 38.75 -7.77
CA LYS D 67 -12.91 38.13 -6.46
C LYS D 67 -11.48 38.07 -6.00
N ARG D 68 -11.21 38.59 -4.82
CA ARG D 68 -9.88 38.63 -4.26
C ARG D 68 -9.89 37.87 -2.95
N ILE D 69 -8.69 37.53 -2.45
CA ILE D 69 -8.55 36.77 -1.21
C ILE D 69 -7.61 37.40 -0.20
N ALA D 70 -8.04 37.54 1.05
CA ALA D 70 -7.19 38.08 2.10
C ALA D 70 -6.88 36.93 3.02
N LYS D 71 -5.67 36.89 3.55
CA LYS D 71 -5.33 35.80 4.46
C LYS D 71 -5.11 36.32 5.87
N GLY D 72 -5.87 35.83 6.84
CA GLY D 72 -5.75 36.27 8.23
C GLY D 72 -4.97 35.33 9.12
N LYS D 73 -5.27 35.33 10.43
CA LYS D 73 -4.60 34.46 11.40
C LYS D 73 -5.62 33.76 12.30
N MET D 74 -5.19 32.69 12.97
CA MET D 74 -6.05 31.93 13.85
C MET D 74 -5.48 31.85 15.22
N SER D 75 -6.37 31.82 16.21
CA SER D 75 -5.97 31.74 17.62
C SER D 75 -6.98 30.99 18.48
N THR D 76 -6.54 30.58 19.65
CA THR D 76 -7.41 29.88 20.57
C THR D 76 -6.94 30.26 21.96
N TYR D 77 -7.83 30.12 22.93
CA TYR D 77 -7.50 30.44 24.30
C TYR D 77 -8.25 29.48 25.21
N ARG D 78 -7.80 29.33 26.44
CA ARG D 78 -8.50 28.49 27.38
C ARG D 78 -8.82 29.41 28.51
N PHE D 79 -10.05 29.35 29.01
CA PHE D 79 -10.37 30.19 30.13
C PHE D 79 -10.18 29.41 31.40
N PHE D 80 -11.09 28.56 31.83
CA PHE D 80 -10.73 27.88 33.10
C PHE D 80 -10.79 26.43 32.72
N ASN D 81 -11.97 25.84 32.81
CA ASN D 81 -12.10 24.51 32.31
C ASN D 81 -12.70 24.69 30.91
N TYR D 82 -12.68 25.93 30.35
CA TYR D 82 -13.20 26.24 28.98
C TYR D 82 -12.08 26.18 27.90
N SER D 83 -12.45 25.97 26.64
CA SER D 83 -11.49 25.96 25.50
C SER D 83 -12.14 26.55 24.27
N SER D 84 -11.60 27.63 23.78
CA SER D 84 -12.20 28.27 22.65
C SER D 84 -12.19 27.39 21.45
N GLY D 85 -12.90 27.83 20.44
CA GLY D 85 -12.93 27.15 19.18
C GLY D 85 -11.81 27.85 18.46
N PHE D 86 -11.84 27.92 17.14
CA PHE D 86 -10.74 28.55 16.46
C PHE D 86 -11.14 29.91 16.03
N ILE D 87 -10.51 30.89 16.64
CA ILE D 87 -10.84 32.26 16.36
C ILE D 87 -10.04 32.75 15.16
N HIS D 88 -10.72 33.40 14.24
CA HIS D 88 -10.05 33.93 13.05
C HIS D 88 -10.19 35.42 12.87
N HIS D 89 -9.11 36.10 12.53
CA HIS D 89 -9.10 37.52 12.34
C HIS D 89 -8.32 37.83 11.06
N THR D 90 -9.01 38.35 10.07
CA THR D 90 -8.41 38.70 8.81
C THR D 90 -8.73 40.14 8.48
N THR D 91 -7.73 40.89 8.04
CA THR D 91 -7.93 42.28 7.73
C THR D 91 -7.90 42.50 6.22
N ILE D 92 -8.96 43.08 5.66
CA ILE D 92 -9.01 43.34 4.23
C ILE D 92 -8.58 44.78 4.06
N ARG D 93 -7.63 45.05 3.17
CA ARG D 93 -7.17 46.44 3.02
C ARG D 93 -7.43 47.07 1.68
N LYS D 94 -7.17 48.36 1.61
CA LYS D 94 -7.34 49.11 0.38
C LYS D 94 -8.68 48.98 -0.33
N LEU D 95 -9.76 49.18 0.40
CA LEU D 95 -11.08 49.11 -0.20
C LEU D 95 -11.37 50.45 -0.85
N LYS D 96 -12.34 50.48 -1.73
CA LYS D 96 -12.73 51.72 -2.34
C LYS D 96 -13.77 52.30 -1.39
N TYR D 97 -13.88 53.62 -1.30
CA TYR D 97 -14.84 54.20 -0.38
C TYR D 97 -16.24 54.09 -0.93
N ASN D 98 -17.23 54.10 -0.05
CA ASN D 98 -18.61 54.05 -0.48
C ASN D 98 -18.87 52.98 -1.50
N THR D 99 -18.59 51.73 -1.16
CA THR D 99 -18.81 50.64 -2.11
C THR D 99 -19.34 49.46 -1.36
N LYS D 100 -20.25 48.71 -1.97
CA LYS D 100 -20.77 47.52 -1.29
C LYS D 100 -19.85 46.41 -1.64
N TYR D 101 -19.49 45.63 -0.64
CA TYR D 101 -18.60 44.53 -0.84
C TYR D 101 -19.25 43.29 -0.35
N TYR D 102 -18.86 42.17 -0.94
CA TYR D 102 -19.34 40.88 -0.53
C TYR D 102 -18.12 40.15 -0.03
N TYR D 103 -18.30 39.42 1.05
CA TYR D 103 -17.21 38.64 1.57
C TYR D 103 -17.78 37.28 1.98
N GLU D 104 -16.97 36.26 1.77
CA GLU D 104 -17.33 34.90 2.09
C GLU D 104 -16.29 34.41 3.05
N VAL D 105 -16.71 33.58 3.96
CA VAL D 105 -15.83 33.10 4.98
C VAL D 105 -16.18 31.63 5.15
N GLY D 106 -15.20 30.79 5.46
CA GLY D 106 -15.43 29.37 5.62
C GLY D 106 -15.19 28.71 4.29
N LEU D 107 -14.11 29.09 3.61
CA LEU D 107 -13.82 28.57 2.29
C LEU D 107 -13.59 27.05 2.17
N ARG D 108 -13.00 26.44 3.19
CA ARG D 108 -12.70 25.01 3.11
C ARG D 108 -13.91 24.13 3.17
N ASN D 109 -14.78 24.34 4.13
CA ASN D 109 -15.93 23.48 4.18
C ASN D 109 -17.23 24.17 3.94
N THR D 110 -17.81 24.77 4.96
CA THR D 110 -19.09 25.46 4.80
C THR D 110 -18.86 26.97 4.66
N THR D 111 -19.14 27.49 3.47
CA THR D 111 -18.95 28.89 3.18
C THR D 111 -20.18 29.76 3.48
N ARG D 112 -19.97 30.94 4.06
CA ARG D 112 -21.06 31.88 4.36
C ARG D 112 -20.68 33.20 3.81
N ARG D 113 -21.67 33.85 3.21
CA ARG D 113 -21.48 35.13 2.53
C ARG D 113 -22.12 36.30 3.26
N PHE D 114 -21.46 37.44 3.17
CA PHE D 114 -21.99 38.63 3.78
C PHE D 114 -21.62 39.84 2.89
N SER D 115 -22.04 41.02 3.32
CA SER D 115 -21.73 42.24 2.62
C SER D 115 -21.67 43.40 3.60
N PHE D 116 -20.85 44.37 3.25
CA PHE D 116 -20.73 45.55 4.05
C PHE D 116 -20.51 46.67 3.04
N ILE D 117 -20.64 47.91 3.48
CA ILE D 117 -20.41 49.04 2.60
C ILE D 117 -19.37 49.98 3.14
N THR D 118 -18.34 50.28 2.37
CA THR D 118 -17.30 51.14 2.88
C THR D 118 -17.90 52.51 3.04
N PRO D 119 -17.38 53.30 3.98
CA PRO D 119 -17.94 54.63 4.17
C PRO D 119 -17.37 55.62 3.17
N PRO D 120 -17.93 56.82 3.17
CA PRO D 120 -17.48 57.85 2.27
C PRO D 120 -16.10 58.28 2.72
N GLN D 121 -15.40 58.93 1.82
CA GLN D 121 -14.08 59.42 2.18
C GLN D 121 -14.30 60.45 3.27
N THR D 122 -13.41 60.56 4.25
CA THR D 122 -13.61 61.55 5.31
C THR D 122 -13.78 62.97 4.75
N GLY D 123 -14.73 63.73 5.28
CA GLY D 123 -14.96 65.06 4.78
C GLY D 123 -15.72 65.91 5.78
N LEU D 124 -15.69 67.20 5.50
CA LEU D 124 -16.30 68.23 6.35
C LEU D 124 -17.80 68.14 6.47
N ASP D 125 -18.47 67.95 5.34
CA ASP D 125 -19.94 67.87 5.31
C ASP D 125 -20.51 66.47 4.98
N VAL D 126 -19.71 65.45 5.18
CA VAL D 126 -20.14 64.10 4.91
C VAL D 126 -21.02 63.65 6.05
N PRO D 127 -22.28 63.36 5.75
CA PRO D 127 -23.22 62.91 6.76
C PRO D 127 -23.02 61.44 7.01
N TYR D 128 -23.44 60.98 8.17
CA TYR D 128 -23.29 59.58 8.49
C TYR D 128 -24.13 59.37 9.72
N THR D 129 -24.68 58.18 9.90
CA THR D 129 -25.47 57.98 11.08
C THR D 129 -24.97 56.83 11.96
N PHE D 130 -24.61 57.15 13.19
CA PHE D 130 -24.09 56.15 14.10
C PHE D 130 -25.15 55.64 15.04
N GLY D 131 -25.11 54.37 15.37
CA GLY D 131 -26.06 53.86 16.33
C GLY D 131 -25.34 53.87 17.67
N LEU D 132 -26.07 54.04 18.78
CA LEU D 132 -25.46 54.04 20.09
C LEU D 132 -26.04 52.96 20.92
N ILE D 133 -25.22 51.99 21.27
CA ILE D 133 -25.66 50.86 22.08
C ILE D 133 -24.61 50.69 23.15
N GLY D 134 -25.04 50.46 24.36
CA GLY D 134 -24.08 50.31 25.40
C GLY D 134 -24.72 49.33 26.33
N ASP D 135 -23.90 48.51 26.95
CA ASP D 135 -24.40 47.59 27.93
C ASP D 135 -25.49 46.58 27.45
N LEU D 136 -25.30 46.02 26.26
CA LEU D 136 -26.26 45.09 25.62
C LEU D 136 -26.61 43.80 26.37
N GLY D 137 -25.62 42.94 26.57
CA GLY D 137 -25.89 41.69 27.28
C GLY D 137 -26.74 40.75 26.43
N GLN D 138 -27.35 39.75 27.08
CA GLN D 138 -28.19 38.83 26.32
C GLN D 138 -29.54 38.44 26.95
N SER D 139 -30.22 39.42 27.55
CA SER D 139 -31.53 39.22 28.11
C SER D 139 -32.48 39.49 26.95
N PHE D 140 -33.76 39.20 27.15
CA PHE D 140 -34.72 39.38 26.06
C PHE D 140 -34.73 40.78 25.64
N ASP D 141 -34.58 41.62 26.66
CA ASP D 141 -34.55 43.05 26.52
C ASP D 141 -33.50 43.40 25.53
N SER D 142 -32.35 42.76 25.64
CA SER D 142 -31.28 43.02 24.71
C SER D 142 -31.76 42.67 23.32
N ASN D 143 -32.48 41.55 23.18
CA ASN D 143 -32.95 41.17 21.87
C ASN D 143 -33.78 42.26 21.26
N THR D 144 -34.66 42.81 22.08
CA THR D 144 -35.53 43.88 21.65
C THR D 144 -34.77 45.10 21.18
N THR D 145 -33.89 45.63 22.04
CA THR D 145 -33.08 46.80 21.67
C THR D 145 -32.44 46.59 20.33
N LEU D 146 -31.78 45.45 20.15
CA LEU D 146 -31.14 45.16 18.89
C LEU D 146 -32.17 45.22 17.75
N SER D 147 -33.41 44.76 17.95
CA SER D 147 -34.41 44.84 16.89
C SER D 147 -34.78 46.29 16.57
N HIS D 148 -35.12 47.06 17.59
CA HIS D 148 -35.46 48.45 17.37
C HIS D 148 -34.40 49.15 16.58
N TYR D 149 -33.15 48.85 16.90
CA TYR D 149 -32.06 49.49 16.20
C TYR D 149 -32.12 49.09 14.74
N GLU D 150 -32.34 47.79 14.49
CA GLU D 150 -32.40 47.23 13.14
C GLU D 150 -33.54 47.89 12.35
N LEU D 151 -34.58 48.27 13.09
CA LEU D 151 -35.73 48.85 12.46
C LEU D 151 -35.72 50.38 12.39
N SER D 152 -34.81 51.04 13.08
CA SER D 152 -34.78 52.48 13.01
C SER D 152 -34.87 52.86 11.56
N PRO D 153 -35.91 53.65 11.24
CA PRO D 153 -36.26 54.18 9.91
C PRO D 153 -35.08 54.97 9.35
N LYS D 154 -34.39 55.64 10.27
CA LYS D 154 -33.18 56.36 9.95
C LYS D 154 -32.27 55.18 10.25
N LYS D 155 -31.74 54.54 9.23
CA LYS D 155 -30.93 53.36 9.49
C LYS D 155 -29.51 53.67 9.93
N GLY D 156 -29.08 53.04 11.03
CA GLY D 156 -27.74 53.23 11.56
C GLY D 156 -26.75 52.62 10.59
N GLN D 157 -25.54 53.17 10.53
CA GLN D 157 -24.51 52.68 9.62
C GLN D 157 -23.23 52.16 10.29
N THR D 158 -23.15 52.26 11.61
CA THR D 158 -22.01 51.82 12.41
C THR D 158 -22.47 51.99 13.84
N VAL D 159 -22.24 51.00 14.70
CA VAL D 159 -22.67 51.14 16.06
C VAL D 159 -21.50 51.51 16.86
N LEU D 160 -21.65 52.49 17.72
CA LEU D 160 -20.54 52.81 18.58
C LEU D 160 -20.93 52.06 19.89
N PHE D 161 -20.18 51.03 20.23
CA PHE D 161 -20.48 50.26 21.43
C PHE D 161 -19.73 50.78 22.62
N VAL D 162 -20.48 51.04 23.66
CA VAL D 162 -19.92 51.66 24.83
C VAL D 162 -19.46 50.76 26.00
N GLY D 163 -19.28 49.46 25.75
CA GLY D 163 -18.83 48.63 26.85
C GLY D 163 -19.83 47.66 27.43
N ASP D 164 -19.30 46.65 28.12
CA ASP D 164 -20.08 45.55 28.73
C ASP D 164 -20.82 44.83 27.61
N LEU D 165 -20.12 43.88 26.99
CA LEU D 165 -20.64 43.13 25.87
C LEU D 165 -21.58 42.02 26.21
N SER D 166 -21.11 40.99 26.90
CA SER D 166 -21.99 39.87 27.11
C SER D 166 -22.33 39.44 28.50
N TYR D 167 -21.65 39.96 29.50
CA TYR D 167 -22.01 39.54 30.85
C TYR D 167 -21.80 38.08 31.16
N ALA D 168 -20.90 37.44 30.42
CA ALA D 168 -20.61 36.06 30.68
C ALA D 168 -20.01 35.95 32.07
N ASP D 169 -19.33 36.97 32.54
CA ASP D 169 -18.72 36.87 33.86
C ASP D 169 -19.71 36.77 35.00
N ARG D 170 -21.00 36.84 34.70
CA ARG D 170 -22.02 36.73 35.75
C ARG D 170 -22.23 35.25 35.99
N TYR D 171 -21.94 34.46 34.96
CA TYR D 171 -22.07 33.04 35.05
C TYR D 171 -20.92 32.47 35.84
N PRO D 172 -21.11 31.29 36.42
CA PRO D 172 -20.03 30.70 37.20
C PRO D 172 -18.80 30.39 36.35
N ASN D 173 -17.62 30.66 36.90
CA ASN D 173 -16.37 30.44 36.17
C ASN D 173 -16.42 31.19 34.85
N HIS D 174 -17.20 32.27 34.84
CA HIS D 174 -17.39 33.13 33.67
C HIS D 174 -17.77 32.36 32.44
N ASP D 175 -18.41 31.20 32.63
CA ASP D 175 -18.80 30.30 31.55
C ASP D 175 -18.67 30.93 30.18
N ASN D 176 -17.47 30.82 29.58
CA ASN D 176 -17.27 31.45 28.29
C ASN D 176 -18.22 31.04 27.20
N VAL D 177 -19.12 30.11 27.48
CA VAL D 177 -20.07 29.72 26.42
C VAL D 177 -20.93 30.90 26.12
N ARG D 178 -21.19 31.64 27.19
CA ARG D 178 -21.99 32.84 27.10
C ARG D 178 -21.35 33.89 26.21
N TRP D 179 -20.07 33.73 25.92
CA TRP D 179 -19.42 34.65 25.01
C TRP D 179 -19.75 34.13 23.63
N ASP D 180 -19.81 32.81 23.50
CA ASP D 180 -20.12 32.22 22.23
C ASP D 180 -21.57 32.55 21.81
N THR D 181 -22.53 32.42 22.73
CA THR D 181 -23.89 32.70 22.40
C THR D 181 -24.04 34.16 22.03
N TRP D 182 -23.44 35.05 22.80
CA TRP D 182 -23.55 36.46 22.53
C TRP D 182 -23.08 36.75 21.14
N GLY D 183 -21.98 36.12 20.78
CA GLY D 183 -21.40 36.37 19.49
C GLY D 183 -22.29 35.94 18.36
N ARG D 184 -23.09 34.92 18.62
CA ARG D 184 -23.99 34.35 17.61
C ARG D 184 -25.22 35.24 17.59
N PHE D 185 -25.57 35.74 18.75
CA PHE D 185 -26.73 36.59 18.89
C PHE D 185 -26.61 37.86 18.07
N THR D 186 -25.53 38.58 18.27
CA THR D 186 -25.26 39.84 17.61
C THR D 186 -24.87 39.77 16.11
N GLU D 187 -24.44 38.60 15.64
CA GLU D 187 -23.99 38.43 14.26
C GLU D 187 -24.85 39.08 13.23
N ARG D 188 -26.15 39.07 13.48
CA ARG D 188 -27.09 39.62 12.50
C ARG D 188 -26.84 41.09 12.24
N SER D 189 -26.20 41.76 13.18
CA SER D 189 -25.91 43.16 12.98
C SER D 189 -24.47 43.31 12.55
N VAL D 190 -23.57 42.91 13.46
CA VAL D 190 -22.13 43.03 13.21
C VAL D 190 -21.53 42.33 12.02
N ALA D 191 -22.19 41.35 11.47
CA ALA D 191 -21.59 40.73 10.33
C ALA D 191 -21.73 41.66 9.13
N TYR D 192 -22.60 42.67 9.24
CA TYR D 192 -22.85 43.57 8.12
C TYR D 192 -22.47 45.02 8.28
N GLN D 193 -22.39 45.50 9.52
CA GLN D 193 -21.95 46.88 9.75
C GLN D 193 -21.05 46.87 10.94
N PRO D 194 -19.94 47.58 10.86
CA PRO D 194 -18.97 47.61 11.95
C PRO D 194 -19.49 48.08 13.23
N TRP D 195 -18.97 47.54 14.31
CA TRP D 195 -19.34 48.03 15.63
C TRP D 195 -17.99 48.51 16.20
N ILE D 196 -17.96 49.71 16.78
CA ILE D 196 -16.71 50.18 17.35
C ILE D 196 -16.69 49.76 18.80
N TRP D 197 -15.67 49.00 19.21
CA TRP D 197 -15.59 48.46 20.58
C TRP D 197 -14.95 49.30 21.66
N THR D 198 -15.57 49.24 22.83
CA THR D 198 -15.07 49.94 23.98
C THR D 198 -15.11 48.92 25.09
N ALA D 199 -14.07 48.88 25.91
CA ALA D 199 -13.97 47.91 26.97
C ALA D 199 -14.61 48.40 28.20
N GLY D 200 -15.43 47.53 28.77
CA GLY D 200 -16.13 47.84 30.01
C GLY D 200 -15.71 46.95 31.16
N ASN D 201 -16.28 47.13 32.34
CA ASN D 201 -15.84 46.34 33.46
C ASN D 201 -16.20 44.91 33.32
N HIS D 202 -17.28 44.62 32.64
CA HIS D 202 -17.61 43.22 32.51
C HIS D 202 -16.64 42.47 31.62
N GLU D 203 -15.74 43.20 30.97
CA GLU D 203 -14.71 42.64 30.13
C GLU D 203 -13.38 42.39 30.83
N ILE D 204 -13.16 43.05 31.94
CA ILE D 204 -11.93 42.84 32.65
C ILE D 204 -11.72 41.39 33.01
N GLU D 205 -12.72 40.78 33.61
CA GLU D 205 -12.64 39.37 34.00
C GLU D 205 -11.43 38.94 34.79
N PHE D 206 -11.17 39.65 35.87
CA PHE D 206 -10.06 39.35 36.73
C PHE D 206 -10.56 38.31 37.73
N ALA D 207 -10.25 37.05 37.51
CA ALA D 207 -10.71 35.98 38.39
C ALA D 207 -9.61 35.20 39.04
N PRO D 208 -8.99 35.76 40.04
CA PRO D 208 -7.91 35.09 40.76
C PRO D 208 -8.32 33.70 41.25
N GLU D 209 -9.51 33.60 41.82
CA GLU D 209 -10.02 32.34 42.31
C GLU D 209 -9.92 31.15 41.34
N ILE D 210 -10.10 31.40 40.05
CA ILE D 210 -10.01 30.33 39.10
C ILE D 210 -8.74 30.50 38.33
N ASN D 211 -7.84 31.24 38.91
CA ASN D 211 -6.56 31.43 38.33
C ASN D 211 -6.49 32.10 37.00
N GLU D 212 -7.51 32.87 36.66
CA GLU D 212 -7.50 33.63 35.42
C GLU D 212 -7.24 35.05 35.88
N THR D 213 -6.03 35.57 35.64
CA THR D 213 -5.69 36.89 36.13
C THR D 213 -5.15 37.87 35.13
N GLU D 214 -5.39 37.60 33.86
CA GLU D 214 -4.91 38.52 32.83
C GLU D 214 -6.18 39.25 32.39
N PRO D 215 -6.27 40.53 32.75
CA PRO D 215 -7.43 41.38 32.43
C PRO D 215 -7.76 41.39 30.96
N PHE D 216 -9.05 41.41 30.66
CA PHE D 216 -9.52 41.50 29.28
C PHE D 216 -9.18 40.32 28.39
N LYS D 217 -8.80 39.20 28.98
CA LYS D 217 -8.46 38.07 28.14
C LYS D 217 -9.46 37.56 27.08
N PRO D 218 -10.63 37.04 27.50
CA PRO D 218 -11.53 36.58 26.45
C PRO D 218 -11.93 37.68 25.49
N PHE D 219 -12.16 38.88 26.02
CA PHE D 219 -12.56 40.00 25.16
C PHE D 219 -11.54 40.21 24.09
N SER D 220 -10.30 40.30 24.55
CA SER D 220 -9.26 40.59 23.63
C SER D 220 -9.03 39.55 22.61
N TYR D 221 -9.33 38.29 22.90
CA TYR D 221 -9.09 37.27 21.88
C TYR D 221 -10.12 37.35 20.82
N ARG D 222 -11.33 37.62 21.23
CA ARG D 222 -12.44 37.66 20.34
C ARG D 222 -12.66 38.93 19.57
N TYR D 223 -12.43 40.06 20.22
CA TYR D 223 -12.68 41.35 19.58
C TYR D 223 -11.40 42.08 19.35
N HIS D 224 -11.08 42.34 18.09
CA HIS D 224 -9.85 43.04 17.78
C HIS D 224 -10.19 44.42 17.25
N VAL D 225 -9.25 45.36 17.37
CA VAL D 225 -9.44 46.74 16.91
C VAL D 225 -8.14 47.22 16.29
N PRO D 226 -8.20 48.20 15.38
CA PRO D 226 -7.06 48.80 14.67
C PRO D 226 -6.28 49.78 15.52
N TYR D 227 -5.93 49.35 16.73
CA TYR D 227 -5.27 50.28 17.60
C TYR D 227 -3.94 50.76 17.11
N GLU D 228 -3.27 49.99 16.28
CA GLU D 228 -1.97 50.49 15.85
C GLU D 228 -2.14 51.54 14.75
N ALA D 229 -3.32 51.69 14.17
CA ALA D 229 -3.55 52.69 13.12
C ALA D 229 -3.38 54.09 13.73
N SER D 230 -3.94 54.31 14.93
CA SER D 230 -3.72 55.55 15.72
C SER D 230 -2.35 55.06 16.19
N GLN D 231 -1.53 55.80 16.91
CA GLN D 231 -0.28 55.11 17.23
C GLN D 231 -0.31 54.51 18.64
N SER D 232 -1.45 53.89 18.96
CA SER D 232 -1.67 53.27 20.27
C SER D 232 -0.88 52.01 20.42
N THR D 233 -0.58 51.69 21.66
CA THR D 233 0.18 50.50 21.95
C THR D 233 -0.67 49.52 22.69
N SER D 234 -1.99 49.75 22.65
CA SER D 234 -2.92 48.86 23.31
C SER D 234 -4.26 48.93 22.65
N PRO D 235 -4.93 47.80 22.55
CA PRO D 235 -6.25 47.80 21.92
C PRO D 235 -7.32 48.41 22.77
N PHE D 236 -6.96 48.86 23.97
CA PHE D 236 -7.97 49.41 24.86
C PHE D 236 -8.26 50.84 24.73
N TRP D 237 -7.49 51.53 23.91
CA TRP D 237 -7.67 52.94 23.62
C TRP D 237 -7.09 53.14 22.26
N TYR D 238 -7.84 53.85 21.44
CA TYR D 238 -7.43 54.08 20.09
C TYR D 238 -8.42 55.04 19.49
N SER D 239 -8.27 55.34 18.21
CA SER D 239 -9.22 56.20 17.53
C SER D 239 -9.35 55.82 16.08
N ILE D 240 -10.43 56.26 15.46
CA ILE D 240 -10.67 55.99 14.04
C ILE D 240 -11.38 57.21 13.49
N LYS D 241 -11.26 57.46 12.21
CA LYS D 241 -11.92 58.59 11.65
C LYS D 241 -12.89 57.91 10.74
N ARG D 242 -14.11 58.41 10.66
CA ARG D 242 -15.08 57.80 9.76
C ARG D 242 -16.08 58.85 9.31
N ALA D 243 -16.21 59.02 7.99
CA ALA D 243 -17.11 60.03 7.44
C ALA D 243 -16.63 61.37 7.94
N SER D 244 -17.48 62.11 8.66
CA SER D 244 -17.08 63.41 9.19
C SER D 244 -16.70 63.40 10.66
N ALA D 245 -16.59 62.23 11.26
CA ALA D 245 -16.29 62.18 12.69
C ALA D 245 -14.96 61.65 13.02
N HIS D 246 -14.41 62.11 14.14
CA HIS D 246 -13.13 61.65 14.62
C HIS D 246 -13.52 61.08 15.97
N ILE D 247 -13.41 59.76 16.12
CA ILE D 247 -13.82 59.04 17.32
C ILE D 247 -12.63 58.60 18.12
N ILE D 248 -12.67 58.87 19.40
CA ILE D 248 -11.57 58.53 20.27
C ILE D 248 -12.17 57.60 21.30
N VAL D 249 -11.61 56.39 21.46
CA VAL D 249 -12.10 55.42 22.45
C VAL D 249 -11.11 55.33 23.63
N LEU D 250 -11.63 55.35 24.86
CA LEU D 250 -10.76 55.28 26.03
C LEU D 250 -11.11 54.05 26.90
N SER D 251 -10.28 53.81 27.91
CA SER D 251 -10.48 52.63 28.74
C SER D 251 -10.56 53.03 30.19
N SER D 252 -11.76 52.99 30.73
CA SER D 252 -11.95 53.41 32.11
C SER D 252 -11.23 52.57 33.10
N TYR D 253 -10.97 51.34 32.68
CA TYR D 253 -10.36 50.33 33.56
C TYR D 253 -8.90 50.00 33.29
N SER D 254 -8.35 50.74 32.34
CA SER D 254 -6.94 50.70 32.04
C SER D 254 -6.40 51.87 32.92
N ALA D 255 -5.13 52.24 32.81
CA ALA D 255 -4.58 53.33 33.60
C ALA D 255 -4.48 54.71 32.87
N TYR D 256 -4.70 55.79 33.62
CA TYR D 256 -4.64 57.11 33.00
C TYR D 256 -3.78 58.07 33.77
N GLY D 257 -3.01 57.56 34.73
CA GLY D 257 -2.14 58.44 35.49
C GLY D 257 -1.29 59.27 34.56
N ARG D 258 -0.60 60.25 35.10
CA ARG D 258 0.20 61.09 34.26
C ARG D 258 1.46 60.34 33.90
N GLY D 259 1.71 60.23 32.60
CA GLY D 259 2.91 59.54 32.15
C GLY D 259 2.65 58.13 31.63
N THR D 260 1.53 57.57 32.04
CA THR D 260 1.16 56.24 31.60
C THR D 260 0.88 56.25 30.09
N PRO D 261 0.92 55.06 29.48
CA PRO D 261 0.66 55.04 28.05
C PRO D 261 -0.67 55.63 27.62
N GLN D 262 -1.75 55.38 28.35
CA GLN D 262 -3.03 55.91 27.86
C GLN D 262 -3.07 57.43 27.94
N TYR D 263 -2.53 57.94 29.04
CA TYR D 263 -2.51 59.36 29.25
C TYR D 263 -1.68 60.01 28.12
N THR D 264 -0.48 59.52 27.93
CA THR D 264 0.39 60.00 26.89
C THR D 264 -0.23 59.92 25.49
N TRP D 265 -0.88 58.83 25.20
CA TRP D 265 -1.49 58.70 23.89
C TRP D 265 -2.54 59.75 23.64
N LEU D 266 -3.51 59.82 24.55
CA LEU D 266 -4.62 60.77 24.42
C LEU D 266 -4.16 62.19 24.24
N LYS D 267 -3.11 62.57 24.96
CA LYS D 267 -2.59 63.90 24.86
C LYS D 267 -2.17 64.17 23.45
N LYS D 268 -1.31 63.35 22.89
CA LYS D 268 -0.92 63.59 21.49
C LYS D 268 -2.08 63.45 20.54
N GLU D 269 -2.97 62.50 20.79
CA GLU D 269 -4.06 62.31 19.87
C GLU D 269 -4.94 63.53 19.74
N LEU D 270 -5.23 64.17 20.86
CA LEU D 270 -6.10 65.35 20.81
C LEU D 270 -5.45 66.40 19.91
N ARG D 271 -4.14 66.45 19.93
CA ARG D 271 -3.47 67.38 19.04
C ARG D 271 -3.56 66.96 17.56
N LYS D 272 -3.72 65.68 17.27
CA LYS D 272 -3.76 65.30 15.87
C LYS D 272 -5.11 65.50 15.22
N VAL D 273 -6.09 65.94 16.00
CA VAL D 273 -7.44 66.12 15.46
C VAL D 273 -7.52 67.36 14.58
N LYS D 274 -8.05 67.24 13.37
CA LYS D 274 -8.16 68.40 12.50
C LYS D 274 -9.61 68.60 12.23
N ARG D 275 -10.21 69.66 12.74
CA ARG D 275 -11.65 69.86 12.53
C ARG D 275 -12.07 70.38 11.16
N SER D 276 -11.08 70.83 10.41
CA SER D 276 -11.31 71.29 9.06
C SER D 276 -11.51 70.03 8.24
N GLU D 277 -11.08 68.89 8.80
CA GLU D 277 -11.17 67.58 8.16
C GLU D 277 -12.35 66.77 8.68
N THR D 278 -12.40 66.57 9.99
CA THR D 278 -13.49 65.82 10.60
C THR D 278 -14.03 66.78 11.61
N PRO D 279 -15.09 67.48 11.26
CA PRO D 279 -15.71 68.46 12.14
C PRO D 279 -16.17 67.90 13.47
N TRP D 280 -16.74 66.71 13.43
CA TRP D 280 -17.28 66.11 14.64
C TRP D 280 -16.33 65.31 15.48
N LEU D 281 -16.15 65.72 16.72
CA LEU D 281 -15.24 65.04 17.61
C LEU D 281 -16.06 64.35 18.69
N ILE D 282 -16.00 63.01 18.70
CA ILE D 282 -16.72 62.13 19.62
C ILE D 282 -15.80 61.31 20.49
N VAL D 283 -16.14 61.14 21.75
CA VAL D 283 -15.34 60.34 22.67
C VAL D 283 -16.19 59.25 23.28
N LEU D 284 -15.62 58.05 23.42
CA LEU D 284 -16.32 56.93 24.01
C LEU D 284 -15.57 56.47 25.25
N MET D 285 -16.29 56.06 26.29
CA MET D 285 -15.72 55.50 27.51
C MET D 285 -16.82 54.74 28.19
N HIS D 286 -16.50 53.87 29.13
CA HIS D 286 -17.59 53.10 29.70
C HIS D 286 -18.20 53.84 30.85
N SER D 287 -17.36 54.17 31.84
CA SER D 287 -17.81 54.86 33.05
C SER D 287 -17.97 56.31 32.74
N PRO D 288 -19.19 56.83 32.92
CA PRO D 288 -19.65 58.20 32.69
C PRO D 288 -19.05 59.24 33.71
N LEU D 289 -18.59 60.39 33.19
CA LEU D 289 -17.97 61.45 34.02
C LEU D 289 -18.99 62.27 34.81
N TYR D 290 -20.14 62.43 34.15
CA TYR D 290 -21.33 63.14 34.62
C TYR D 290 -22.48 62.12 34.66
N ASN D 291 -22.95 61.83 35.88
CA ASN D 291 -24.04 60.89 36.08
C ASN D 291 -24.79 61.19 37.39
N SER D 292 -26.10 61.40 37.29
CA SER D 292 -26.90 61.66 38.48
C SER D 292 -27.73 60.49 38.99
N TYR D 293 -27.37 59.25 38.66
CA TYR D 293 -28.10 58.10 39.19
C TYR D 293 -27.34 57.65 40.36
N ASN D 294 -27.99 56.87 41.23
CA ASN D 294 -27.31 56.44 42.45
C ASN D 294 -26.32 55.35 42.18
N HIS D 295 -26.69 54.49 41.25
CA HIS D 295 -25.83 53.37 40.88
C HIS D 295 -24.62 53.89 40.16
N HIS D 296 -23.43 53.63 40.72
CA HIS D 296 -22.15 54.09 40.12
C HIS D 296 -22.03 55.58 40.17
N PHE D 297 -22.60 56.15 41.22
CA PHE D 297 -22.57 57.57 41.36
C PHE D 297 -21.15 57.94 41.72
N MET D 298 -20.56 58.85 40.93
CA MET D 298 -19.19 59.38 41.14
C MET D 298 -17.95 58.49 40.87
N GLU D 299 -18.14 57.47 40.04
CA GLU D 299 -17.04 56.58 39.71
C GLU D 299 -16.20 57.29 38.68
N GLY D 300 -16.86 58.07 37.82
CA GLY D 300 -16.16 58.80 36.79
C GLY D 300 -15.31 59.94 37.33
N GLU D 301 -15.25 60.12 38.64
CA GLU D 301 -14.52 61.23 39.18
C GLU D 301 -13.10 61.20 38.82
N ALA D 302 -12.42 60.10 39.15
CA ALA D 302 -10.99 59.98 38.84
C ALA D 302 -10.65 60.34 37.41
N MET D 303 -11.28 59.69 36.45
CA MET D 303 -10.98 60.03 35.06
C MET D 303 -11.38 61.44 34.73
N ARG D 304 -12.42 61.94 35.37
CA ARG D 304 -12.87 63.31 35.12
C ARG D 304 -11.79 64.28 35.50
N THR D 305 -11.22 64.09 36.70
CA THR D 305 -10.16 64.97 37.18
C THR D 305 -8.96 64.95 36.27
N LYS D 306 -8.94 64.01 35.35
CA LYS D 306 -7.80 63.92 34.49
C LYS D 306 -8.04 64.32 33.07
N PHE D 307 -9.22 64.07 32.53
CA PHE D 307 -9.42 64.43 31.15
C PHE D 307 -10.42 65.54 30.86
N GLU D 308 -11.16 66.00 31.86
CA GLU D 308 -12.16 66.98 31.53
C GLU D 308 -11.66 68.23 30.87
N ALA D 309 -10.69 68.87 31.49
CA ALA D 309 -10.20 70.07 30.87
C ALA D 309 -9.82 69.90 29.40
N TRP D 310 -9.19 68.75 29.05
CA TRP D 310 -8.74 68.50 27.70
C TRP D 310 -9.92 68.51 26.80
N PHE D 311 -10.99 67.89 27.25
CA PHE D 311 -12.17 67.82 26.43
C PHE D 311 -12.73 69.19 26.17
N VAL D 312 -12.74 70.00 27.21
CA VAL D 312 -13.26 71.36 27.10
C VAL D 312 -12.31 72.11 26.20
N LYS D 313 -11.05 72.07 26.56
CA LYS D 313 -10.04 72.74 25.78
C LYS D 313 -10.12 72.44 24.26
N TYR D 314 -10.49 71.22 23.85
CA TYR D 314 -10.57 70.88 22.42
C TYR D 314 -11.97 70.90 21.89
N LYS D 315 -12.86 71.34 22.74
CA LYS D 315 -14.23 71.45 22.33
C LYS D 315 -14.78 70.16 21.81
N VAL D 316 -14.63 69.05 22.54
CA VAL D 316 -15.17 67.81 21.99
C VAL D 316 -16.71 68.00 22.00
N ASP D 317 -17.40 67.49 20.98
CA ASP D 317 -18.86 67.61 20.89
C ASP D 317 -19.69 66.80 21.87
N VAL D 318 -19.49 65.48 21.91
CA VAL D 318 -20.23 64.57 22.79
C VAL D 318 -19.29 63.58 23.45
N VAL D 319 -19.72 62.99 24.56
CA VAL D 319 -18.94 61.95 25.20
C VAL D 319 -19.98 60.93 25.59
N PHE D 320 -20.01 59.82 24.87
CA PHE D 320 -20.98 58.76 25.16
C PHE D 320 -20.42 57.77 26.16
N ALA D 321 -21.22 57.31 27.12
CA ALA D 321 -20.78 56.32 28.12
C ALA D 321 -21.90 55.33 28.39
N GLY D 322 -21.63 54.26 29.11
CA GLY D 322 -22.67 53.29 29.41
C GLY D 322 -22.54 53.12 30.90
N HIS D 323 -22.48 51.89 31.40
CA HIS D 323 -22.29 51.61 32.81
C HIS D 323 -23.50 51.82 33.71
N VAL D 324 -24.24 52.88 33.51
CA VAL D 324 -25.45 53.05 34.32
C VAL D 324 -26.56 52.56 33.39
N HIS D 325 -27.28 51.54 33.82
CA HIS D 325 -28.33 50.97 32.99
C HIS D 325 -29.56 51.87 33.00
N ALA D 326 -29.44 52.98 32.29
CA ALA D 326 -30.46 54.01 32.16
C ALA D 326 -29.99 55.02 31.14
N TYR D 327 -30.77 56.06 30.91
CA TYR D 327 -30.42 57.08 29.94
C TYR D 327 -30.33 58.37 30.68
N GLU D 328 -29.51 59.28 30.20
CA GLU D 328 -29.34 60.60 30.82
C GLU D 328 -28.61 61.46 29.80
N ARG D 329 -28.94 62.74 29.74
CA ARG D 329 -28.31 63.69 28.82
C ARG D 329 -27.94 64.92 29.63
N SER D 330 -26.85 65.59 29.29
CA SER D 330 -26.47 66.74 30.07
C SER D 330 -26.47 68.03 29.35
N GLU D 331 -26.10 69.04 30.12
CA GLU D 331 -25.99 70.40 29.64
C GLU D 331 -24.51 70.55 29.32
N ARG D 332 -24.17 71.40 28.35
CA ARG D 332 -22.77 71.62 28.09
C ARG D 332 -22.35 72.24 29.38
N VAL D 333 -21.53 71.50 30.11
CA VAL D 333 -21.12 71.86 31.43
C VAL D 333 -19.66 71.50 31.68
N SER D 334 -19.01 72.27 32.53
CA SER D 334 -17.64 72.03 32.88
C SER D 334 -17.59 72.15 34.39
N ASN D 335 -16.52 71.68 34.99
CA ASN D 335 -16.34 71.80 36.43
C ASN D 335 -14.84 71.75 36.58
N ILE D 336 -14.15 72.65 35.90
CA ILE D 336 -12.71 72.62 35.90
C ILE D 336 -11.99 73.75 36.62
N ALA D 337 -12.55 74.28 37.72
CA ALA D 337 -11.90 75.41 38.39
C ALA D 337 -11.42 75.15 39.78
N TYR D 338 -11.76 73.98 40.26
CA TYR D 338 -11.39 73.63 41.60
C TYR D 338 -9.89 73.67 41.83
N LYS D 339 -9.52 74.12 43.02
CA LYS D 339 -8.14 74.20 43.40
C LYS D 339 -8.05 73.79 44.86
N ILE D 340 -8.91 72.87 45.27
CA ILE D 340 -8.93 72.35 46.64
C ILE D 340 -9.56 73.28 47.65
N THR D 341 -8.86 74.37 47.91
CA THR D 341 -9.31 75.35 48.87
C THR D 341 -10.18 76.48 48.32
N ASP D 342 -10.16 76.74 47.03
CA ASP D 342 -10.94 77.84 46.54
C ASP D 342 -12.45 77.63 46.47
N GLY D 343 -12.93 76.49 46.93
CA GLY D 343 -14.37 76.27 46.87
C GLY D 343 -15.08 76.31 45.52
N LEU D 344 -14.37 76.39 44.41
CA LEU D 344 -15.02 76.40 43.10
C LEU D 344 -15.28 74.96 42.57
N CYS D 345 -16.18 74.25 43.25
CA CYS D 345 -16.45 72.90 42.85
C CYS D 345 -17.87 72.64 42.44
N THR D 346 -18.40 73.45 41.55
CA THR D 346 -19.75 73.22 41.09
C THR D 346 -19.86 73.40 39.60
N PRO D 347 -20.43 72.40 38.95
CA PRO D 347 -20.61 72.39 37.51
C PRO D 347 -21.33 73.65 37.07
N VAL D 348 -20.71 74.38 36.16
CA VAL D 348 -21.29 75.60 35.62
C VAL D 348 -21.51 75.44 34.14
N LYS D 349 -22.52 76.07 33.56
CA LYS D 349 -22.71 75.90 32.11
C LYS D 349 -21.45 76.36 31.39
N ASP D 350 -21.04 75.63 30.36
CA ASP D 350 -19.85 75.96 29.60
C ASP D 350 -20.16 75.57 28.17
N GLN D 351 -20.10 76.52 27.25
CA GLN D 351 -20.42 76.18 25.88
C GLN D 351 -19.27 75.61 25.11
N SER D 352 -18.18 75.33 25.79
CA SER D 352 -17.06 74.72 25.11
C SER D 352 -17.02 73.27 25.52
N ALA D 353 -17.73 72.98 26.61
CA ALA D 353 -17.77 71.65 27.13
C ALA D 353 -18.68 70.88 26.27
N PRO D 354 -18.43 69.60 26.19
CA PRO D 354 -19.26 68.71 25.38
C PRO D 354 -20.55 68.40 26.16
N VAL D 355 -21.44 67.66 25.50
CA VAL D 355 -22.68 67.17 26.11
C VAL D 355 -22.34 65.72 26.54
N TYR D 356 -22.47 65.39 27.84
CA TYR D 356 -22.19 64.04 28.33
C TYR D 356 -23.49 63.22 28.32
N ILE D 357 -23.58 62.23 27.42
CA ILE D 357 -24.78 61.38 27.31
C ILE D 357 -24.40 59.99 27.85
N THR D 358 -25.37 59.26 28.43
CA THR D 358 -25.11 57.93 28.92
C THR D 358 -26.17 56.96 28.44
N ILE D 359 -25.79 55.98 27.60
CA ILE D 359 -26.74 54.99 27.05
C ILE D 359 -26.42 53.54 27.40
N GLY D 360 -26.24 53.26 28.68
CA GLY D 360 -25.99 51.89 29.08
C GLY D 360 -27.30 51.17 29.38
N ASP D 361 -28.33 51.57 28.67
CA ASP D 361 -29.64 50.99 28.91
C ASP D 361 -30.08 50.06 27.79
N ALA D 362 -29.16 49.39 27.11
CA ALA D 362 -29.61 48.53 26.03
C ALA D 362 -30.13 47.19 26.50
N GLY D 363 -29.95 46.84 27.78
CA GLY D 363 -30.50 45.56 28.19
C GLY D 363 -29.86 44.78 29.30
N ASN D 364 -28.55 44.67 29.22
CA ASN D 364 -27.81 43.88 30.18
C ASN D 364 -28.55 42.59 30.47
N TYR D 365 -28.56 42.19 31.73
CA TYR D 365 -29.23 40.96 32.06
C TYR D 365 -30.62 41.24 32.50
N GLY D 366 -31.24 42.22 31.82
CA GLY D 366 -32.60 42.59 32.12
C GLY D 366 -32.87 43.46 33.35
N VAL D 367 -31.94 44.32 33.73
CA VAL D 367 -32.15 45.16 34.89
C VAL D 367 -31.90 46.66 34.62
N ILE D 368 -32.78 47.49 35.13
CA ILE D 368 -32.68 48.93 34.98
C ILE D 368 -32.31 49.65 36.29
N ASP D 369 -31.53 50.73 36.20
CA ASP D 369 -31.15 51.54 37.36
C ASP D 369 -32.15 52.68 37.40
N SER D 370 -33.05 52.61 38.37
CA SER D 370 -34.11 53.58 38.50
C SER D 370 -33.86 54.62 39.56
N ASN D 371 -32.98 54.32 40.51
CA ASN D 371 -32.69 55.29 41.54
C ASN D 371 -31.79 56.42 41.05
N MET D 372 -32.34 57.62 41.14
CA MET D 372 -31.68 58.84 40.72
C MET D 372 -31.56 59.70 41.95
N ILE D 373 -30.52 60.51 41.95
CA ILE D 373 -30.31 61.41 43.04
C ILE D 373 -31.46 62.39 42.91
N GLN D 374 -32.21 62.58 43.99
CA GLN D 374 -33.29 63.56 43.92
C GLN D 374 -32.80 64.79 44.66
N PRO D 375 -33.01 66.01 44.11
CA PRO D 375 -33.63 66.33 42.81
C PRO D 375 -32.62 66.43 41.67
N GLN D 376 -33.16 66.31 40.46
CA GLN D 376 -32.37 66.35 39.25
C GLN D 376 -31.49 67.58 39.32
N PRO D 377 -30.17 67.37 39.38
CA PRO D 377 -29.24 68.49 39.45
C PRO D 377 -29.25 69.27 38.15
N GLU D 378 -28.83 70.52 38.27
CA GLU D 378 -28.78 71.48 37.20
C GLU D 378 -28.13 70.95 35.96
N TYR D 379 -26.94 70.34 36.10
CA TYR D 379 -26.21 69.82 34.94
C TYR D 379 -26.92 68.77 34.10
N SER D 380 -27.84 68.07 34.74
CA SER D 380 -28.56 67.04 34.07
C SER D 380 -29.69 67.63 33.25
N ALA D 381 -29.66 67.46 31.96
CA ALA D 381 -30.72 68.01 31.15
C ALA D 381 -31.92 67.11 31.02
N PHE D 382 -31.72 65.81 31.10
CA PHE D 382 -32.84 64.89 30.92
C PHE D 382 -32.41 63.53 31.36
N ARG D 383 -33.27 62.83 32.09
CA ARG D 383 -32.90 61.49 32.48
C ARG D 383 -34.06 60.59 32.59
N GLU D 384 -33.89 59.35 32.16
CA GLU D 384 -34.97 58.39 32.26
C GLU D 384 -34.43 56.98 32.37
N ALA D 385 -35.13 56.18 33.17
CA ALA D 385 -34.78 54.81 33.40
C ALA D 385 -35.57 53.85 32.50
N SER D 386 -35.19 53.75 31.23
CA SER D 386 -35.90 52.84 30.33
C SER D 386 -34.88 52.18 29.46
N PHE D 387 -35.24 51.05 28.86
CA PHE D 387 -34.30 50.37 28.00
C PHE D 387 -34.43 50.99 26.64
N GLY D 388 -33.32 51.05 25.90
CA GLY D 388 -33.35 51.60 24.56
C GLY D 388 -31.95 51.78 24.01
N HIS D 389 -31.87 52.35 22.81
CA HIS D 389 -30.59 52.62 22.15
C HIS D 389 -30.65 54.07 21.65
N GLY D 390 -29.58 54.59 21.04
CA GLY D 390 -29.60 55.95 20.53
C GLY D 390 -29.11 56.03 19.08
N MET D 391 -29.24 57.18 18.45
CA MET D 391 -28.77 57.35 17.09
C MET D 391 -28.19 58.77 17.07
N PHE D 392 -27.07 58.97 16.41
CA PHE D 392 -26.42 60.27 16.32
C PHE D 392 -26.24 60.46 14.85
N ASP D 393 -27.09 61.34 14.32
CA ASP D 393 -27.16 61.59 12.90
C ASP D 393 -26.45 62.82 12.42
N ILE D 394 -25.30 62.63 11.85
CA ILE D 394 -24.52 63.76 11.38
C ILE D 394 -25.10 64.20 10.07
N LYS D 395 -25.44 65.47 9.99
CA LYS D 395 -26.04 66.04 8.80
C LYS D 395 -25.10 66.96 8.03
N ASN D 396 -24.51 67.88 8.78
CA ASN D 396 -23.70 68.94 8.24
C ASN D 396 -22.41 69.00 8.96
N ARG D 397 -21.63 70.04 8.70
CA ARG D 397 -20.41 70.26 9.46
C ARG D 397 -20.86 71.05 10.70
N THR D 398 -22.12 71.52 10.68
CA THR D 398 -22.71 72.31 11.79
C THR D 398 -23.81 71.57 12.55
N HIS D 399 -24.50 70.66 11.86
CA HIS D 399 -25.61 69.95 12.46
C HIS D 399 -25.52 68.46 12.55
N ALA D 400 -25.97 67.96 13.68
CA ALA D 400 -26.02 66.55 13.94
C ALA D 400 -27.22 66.41 14.83
N HIS D 401 -27.98 65.35 14.65
CA HIS D 401 -29.17 65.18 15.46
C HIS D 401 -29.17 63.87 16.23
N PHE D 402 -29.23 63.98 17.55
CA PHE D 402 -29.26 62.81 18.44
C PHE D 402 -30.70 62.41 18.79
N SER D 403 -30.97 61.12 18.89
CA SER D 403 -32.32 60.66 19.22
C SER D 403 -32.17 59.54 20.23
N TRP D 404 -33.18 59.30 21.06
CA TRP D 404 -33.19 58.22 22.03
C TRP D 404 -34.52 57.51 21.86
N ASN D 405 -34.51 56.29 21.36
CA ASN D 405 -35.73 55.49 21.17
C ASN D 405 -35.97 54.47 22.30
N ARG D 406 -37.04 54.65 23.06
CA ARG D 406 -37.30 53.72 24.14
C ARG D 406 -37.79 52.43 23.59
N ASN D 407 -37.55 51.37 24.34
CA ASN D 407 -37.98 50.07 23.90
C ASN D 407 -39.50 49.98 23.89
N GLN D 408 -40.14 50.67 24.85
CA GLN D 408 -41.61 50.67 24.98
C GLN D 408 -42.30 51.39 23.83
N ASP D 409 -41.63 52.36 23.26
CA ASP D 409 -42.21 53.09 22.16
C ASP D 409 -42.08 52.23 20.92
N GLY D 410 -42.71 52.66 19.85
CA GLY D 410 -42.64 51.91 18.63
C GLY D 410 -41.34 52.33 18.07
N VAL D 411 -40.91 51.58 17.08
CA VAL D 411 -39.65 51.79 16.42
C VAL D 411 -39.29 53.20 16.00
N ALA D 412 -40.29 54.01 15.66
CA ALA D 412 -40.04 55.36 15.16
C ALA D 412 -40.24 56.50 16.16
N VAL D 413 -40.56 56.15 17.38
CA VAL D 413 -40.79 57.14 18.42
C VAL D 413 -39.56 57.60 19.21
N GLU D 414 -39.10 58.79 18.87
CA GLU D 414 -37.96 59.35 19.54
C GLU D 414 -38.38 59.93 20.90
N ALA D 415 -38.20 59.19 21.98
CA ALA D 415 -38.58 59.68 23.32
C ALA D 415 -37.73 60.85 23.79
N ASP D 416 -36.72 61.19 23.01
CA ASP D 416 -35.83 62.31 23.31
C ASP D 416 -35.18 62.66 22.00
N SER D 417 -34.94 63.92 21.76
CA SER D 417 -34.37 64.33 20.52
C SER D 417 -33.70 65.68 20.79
N VAL D 418 -32.56 65.93 20.16
CA VAL D 418 -31.78 67.14 20.38
C VAL D 418 -30.92 67.46 19.16
N TRP D 419 -30.73 68.73 18.83
CA TRP D 419 -29.87 69.05 17.72
C TRP D 419 -28.55 69.48 18.31
N PHE D 420 -27.46 69.04 17.71
CA PHE D 420 -26.15 69.36 18.22
C PHE D 420 -25.59 70.37 17.28
N PHE D 421 -25.10 71.46 17.85
CA PHE D 421 -24.50 72.53 17.07
C PHE D 421 -23.03 72.34 17.31
N ASN D 422 -22.32 72.19 16.20
CA ASN D 422 -20.90 71.91 16.24
C ASN D 422 -20.07 72.86 17.06
N ARG D 423 -19.42 72.37 18.12
CA ARG D 423 -18.57 73.21 18.98
C ARG D 423 -17.45 74.00 18.25
N HIS D 424 -17.19 73.71 16.98
CA HIS D 424 -16.13 74.41 16.27
C HIS D 424 -16.57 75.32 15.11
N TRP D 425 -17.55 74.87 14.37
CA TRP D 425 -18.05 75.57 13.22
C TRP D 425 -19.31 76.32 13.47
N TYR D 426 -19.91 76.09 14.64
CA TYR D 426 -21.17 76.71 14.94
C TYR D 426 -21.59 76.64 16.40
N PRO D 427 -20.86 77.37 17.25
CA PRO D 427 -21.04 77.46 18.68
C PRO D 427 -22.22 78.27 19.14
N VAL D 428 -23.39 77.86 18.70
CA VAL D 428 -24.58 78.53 19.13
C VAL D 428 -25.19 77.60 20.18
N ASP D 429 -25.65 78.17 21.31
CA ASP D 429 -26.26 77.41 22.41
C ASP D 429 -27.33 76.41 21.94
N ASP D 430 -27.04 75.13 22.08
CA ASP D 430 -28.01 74.12 21.71
C ASP D 430 -28.66 73.68 23.03
N SER D 431 -28.03 74.08 24.14
CA SER D 431 -28.43 73.74 25.51
C SER D 431 -29.85 74.09 25.94
N THR D 432 -30.59 73.01 26.24
CA THR D 432 -32.00 72.99 26.68
C THR D 432 -32.36 71.58 27.24
#